data_7KUM
# 
_entry.id   7KUM 
# 
_audit_conform.dict_name       mmcif_pdbx.dic 
_audit_conform.dict_version    5.380 
_audit_conform.dict_location   http://mmcif.pdb.org/dictionaries/ascii/mmcif_pdbx.dic 
# 
loop_
_database_2.database_id 
_database_2.database_code 
_database_2.pdbx_database_accession 
_database_2.pdbx_DOI 
PDB   7KUM         pdb_00007kum 10.2210/pdb7kum/pdb 
WWPDB D_1000253078 ?            ?                   
# 
_pdbx_database_status.status_code                     REL 
_pdbx_database_status.status_code_sf                  REL 
_pdbx_database_status.status_code_mr                  ? 
_pdbx_database_status.entry_id                        7KUM 
_pdbx_database_status.recvd_initial_deposition_date   2020-11-25 
_pdbx_database_status.SG_entry                        N 
_pdbx_database_status.deposit_site                    RCSB 
_pdbx_database_status.process_site                    RCSB 
_pdbx_database_status.status_code_cs                  ? 
_pdbx_database_status.status_code_nmr_data            ? 
_pdbx_database_status.methods_development_category    ? 
_pdbx_database_status.pdb_format_compatible           Y 
# 
loop_
_audit_author.name 
_audit_author.pdbx_ordinal 
_audit_author.identifier_ORCID 
'Fang, Z.'      1 0000-0001-8679-6633 
'Giurgiu, C.'   2 0000-0003-0145-0110 
'Szostak, J.W.' 3 0000-0003-4131-1203 
# 
_citation.abstract                  ? 
_citation.abstract_id_CAS           ? 
_citation.book_id_ISBN              ? 
_citation.book_publisher            ? 
_citation.book_publisher_city       ? 
_citation.book_title                ? 
_citation.coordinate_linkage        ? 
_citation.country                   GE 
_citation.database_id_Medline       ? 
_citation.details                   ? 
_citation.id                        primary 
_citation.journal_abbrev            Angew.Chem.Int.Ed.Engl. 
_citation.journal_id_ASTM           ACIEAY 
_citation.journal_id_CSD            0179 
_citation.journal_id_ISSN           1521-3773 
_citation.journal_full              ? 
_citation.journal_issue             ? 
_citation.journal_volume            60 
_citation.language                  ? 
_citation.page_first                22925 
_citation.page_last                 22932 
_citation.title                     'Structure-Activity Relationships in Nonenzymatic Template-Directed RNA Synthesis.' 
_citation.year                      2021 
_citation.database_id_CSD           ? 
_citation.pdbx_database_id_DOI      10.1002/anie.202109714 
_citation.pdbx_database_id_PubMed   34428345 
_citation.unpublished_flag          ? 
# 
loop_
_citation_author.citation_id 
_citation_author.name 
_citation_author.ordinal 
_citation_author.identifier_ORCID 
primary 'Giurgiu, C.'    1 0000-0003-0145-0110 
primary 'Fang, Z.'       2 ?                   
primary 'Aitken, H.R.M.' 3 ?                   
primary 'Kim, S.C.'      4 ?                   
primary 'Pazienza, L.'   5 ?                   
primary 'Mittal, S.'     6 ?                   
primary 'Szostak, J.W.'  7 0000-0003-4131-1203 
# 
_cell.angle_alpha                  90.000 
_cell.angle_alpha_esd              ? 
_cell.angle_beta                   90.000 
_cell.angle_beta_esd               ? 
_cell.angle_gamma                  120.000 
_cell.angle_gamma_esd              ? 
_cell.entry_id                     7KUM 
_cell.details                      ? 
_cell.formula_units_Z              ? 
_cell.length_a                     47.769 
_cell.length_a_esd                 ? 
_cell.length_b                     47.769 
_cell.length_b_esd                 ? 
_cell.length_c                     84.122 
_cell.length_c_esd                 ? 
_cell.volume                       ? 
_cell.volume_esd                   ? 
_cell.Z_PDB                        12 
_cell.reciprocal_angle_alpha       ? 
_cell.reciprocal_angle_beta        ? 
_cell.reciprocal_angle_gamma       ? 
_cell.reciprocal_angle_alpha_esd   ? 
_cell.reciprocal_angle_beta_esd    ? 
_cell.reciprocal_angle_gamma_esd   ? 
_cell.reciprocal_length_a          ? 
_cell.reciprocal_length_b          ? 
_cell.reciprocal_length_c          ? 
_cell.reciprocal_length_a_esd      ? 
_cell.reciprocal_length_b_esd      ? 
_cell.reciprocal_length_c_esd      ? 
_cell.pdbx_unique_axis             ? 
# 
_symmetry.entry_id                         7KUM 
_symmetry.cell_setting                     ? 
_symmetry.Int_Tables_number                150 
_symmetry.space_group_name_Hall            ? 
_symmetry.space_group_name_H-M             'P 3 2 1' 
_symmetry.pdbx_full_space_group_name_H-M   ? 
# 
loop_
_entity.id 
_entity.type 
_entity.src_method 
_entity.pdbx_description 
_entity.formula_weight 
_entity.pdbx_number_of_molecules 
_entity.pdbx_ec 
_entity.pdbx_mutation 
_entity.pdbx_fragment 
_entity.details 
1 polymer     syn "5'-R((LCC)P*(LCC)P*(LCC)P*(LCG)P*AP*CP*UP*UP*AP*AP*GP*UP*CP*(LCG)-3'" 4444.834 2   ? ? ? ? 
2 non-polymer syn "DIGUANOSINE-5'-TRIPHOSPHATE"                                          788.406  2   ? ? ? ? 
3 non-polymer syn 'MAGNESIUM ION'                                                        24.305   4   ? ? ? ? 
4 water       nat water                                                                  18.015   115 ? ? ? ? 
# 
_entity_poly.entity_id                      1 
_entity_poly.type                           polyribonucleotide 
_entity_poly.nstd_linkage                   no 
_entity_poly.nstd_monomer                   yes 
_entity_poly.pdbx_seq_one_letter_code       '(LKC)(LCC)(LCC)(LCG)ACUUAAGUC(LCG)' 
_entity_poly.pdbx_seq_one_letter_code_can   NNNGACUUAAGUCG 
_entity_poly.pdbx_strand_id                 A,B 
_entity_poly.pdbx_target_identifier         ? 
# 
loop_
_entity_poly_seq.entity_id 
_entity_poly_seq.num 
_entity_poly_seq.mon_id 
_entity_poly_seq.hetero 
1 1  LKC n 
1 2  LCC n 
1 3  LCC n 
1 4  LCG n 
1 5  A   n 
1 6  C   n 
1 7  U   n 
1 8  U   n 
1 9  A   n 
1 10 A   n 
1 11 G   n 
1 12 U   n 
1 13 C   n 
1 14 LCG n 
# 
_pdbx_entity_src_syn.entity_id              1 
_pdbx_entity_src_syn.pdbx_src_id            1 
_pdbx_entity_src_syn.pdbx_alt_source_flag   sample 
_pdbx_entity_src_syn.pdbx_beg_seq_num       1 
_pdbx_entity_src_syn.pdbx_end_seq_num       14 
_pdbx_entity_src_syn.organism_scientific    'synthetic construct' 
_pdbx_entity_src_syn.organism_common_name   ? 
_pdbx_entity_src_syn.ncbi_taxonomy_id       32630 
_pdbx_entity_src_syn.details                ? 
# 
_struct_ref.id                         1 
_struct_ref.db_name                    PDB 
_struct_ref.db_code                    7KUM 
_struct_ref.pdbx_db_accession          7KUM 
_struct_ref.pdbx_db_isoform            ? 
_struct_ref.entity_id                  1 
_struct_ref.pdbx_seq_one_letter_code   ? 
_struct_ref.pdbx_align_begin           1 
# 
loop_
_struct_ref_seq.align_id 
_struct_ref_seq.ref_id 
_struct_ref_seq.pdbx_PDB_id_code 
_struct_ref_seq.pdbx_strand_id 
_struct_ref_seq.seq_align_beg 
_struct_ref_seq.pdbx_seq_align_beg_ins_code 
_struct_ref_seq.seq_align_end 
_struct_ref_seq.pdbx_seq_align_end_ins_code 
_struct_ref_seq.pdbx_db_accession 
_struct_ref_seq.db_align_beg 
_struct_ref_seq.pdbx_db_align_beg_ins_code 
_struct_ref_seq.db_align_end 
_struct_ref_seq.pdbx_db_align_end_ins_code 
_struct_ref_seq.pdbx_auth_seq_align_beg 
_struct_ref_seq.pdbx_auth_seq_align_end 
1 1 7KUM A 1 ? 14 ? 7KUM 1 ? 19 ? 1 19 
2 1 7KUM B 1 ? 14 ? 7KUM 1 ? 19 ? 1 19 
# 
loop_
_chem_comp.id 
_chem_comp.type 
_chem_comp.mon_nstd_flag 
_chem_comp.name 
_chem_comp.pdbx_synonyms 
_chem_comp.formula 
_chem_comp.formula_weight 
A   'RNA linking' y "ADENOSINE-5'-MONOPHOSPHATE" ? 'C10 H14 N5 O7 P'    347.221 
C   'RNA linking' y "CYTIDINE-5'-MONOPHOSPHATE" ? 'C9 H14 N3 O8 P'     323.197 
G   'RNA linking' y "GUANOSINE-5'-MONOPHOSPHATE" ? 'C10 H14 N5 O8 P'    363.221 
GP3 non-polymer   . "DIGUANOSINE-5'-TRIPHOSPHATE" ? 'C20 H27 N10 O18 P3' 788.406 
HOH non-polymer   . WATER ? 'H2 O'               18.015  
LCC 'RNA linking' . 
'[(1R,3R,4R,7S)-7-HYDROXY-3-(5-METHYLCYTOSIN-1-YL)-2,5-DIOXABICYCLO[2.2.1]HEPT-1-YL]METHYL DIHYDROGEN PHOSPHATE'     ? 
'C11 H16 N3 O8 P'    349.234 
LCG 'RNA linking' n '[(1R,3R,4R,7S)-7-HYDROXY-3-(GUANIN-9-YL)-2,5-DIOXABICYCLO[2.2.1]HEPT-1-YL]METHYL DIHYDROGEN PHOSPHATE' ? 
'C11 H14 N5 O8 P'    375.231 
LKC 'RNA linking' . 
'4-AMINO-1-[(1S,3R,4R,7S)-7-HYDROXY-1-(HYDROXYMETHYL)-2,5-DIOXABICYCLO[2.2.1]HEPT-3-YL]-5-METHYLPYRIMIDIN-2(1H)-ONE' ? 
'C11 H15 N3 O5'      269.254 
MG  non-polymer   . 'MAGNESIUM ION' ? 'Mg 2'               24.305  
U   'RNA linking' y "URIDINE-5'-MONOPHOSPHATE" ? 'C9 H13 N2 O9 P'     324.181 
# 
_exptl.absorpt_coefficient_mu     ? 
_exptl.absorpt_correction_T_max   ? 
_exptl.absorpt_correction_T_min   ? 
_exptl.absorpt_correction_type    ? 
_exptl.absorpt_process_details    ? 
_exptl.entry_id                   7KUM 
_exptl.crystals_number            1 
_exptl.details                    ? 
_exptl.method                     'X-RAY DIFFRACTION' 
_exptl.method_details             ? 
# 
_exptl_crystal.colour                      ? 
_exptl_crystal.density_diffrn              ? 
_exptl_crystal.density_Matthews            2.77 
_exptl_crystal.density_method              ? 
_exptl_crystal.density_percent_sol         55.63 
_exptl_crystal.description                 ? 
_exptl_crystal.F_000                       ? 
_exptl_crystal.id                          1 
_exptl_crystal.preparation                 ? 
_exptl_crystal.size_max                    ? 
_exptl_crystal.size_mid                    ? 
_exptl_crystal.size_min                    ? 
_exptl_crystal.size_rad                    ? 
_exptl_crystal.colour_lustre               ? 
_exptl_crystal.colour_modifier             ? 
_exptl_crystal.colour_primary              ? 
_exptl_crystal.density_meas                ? 
_exptl_crystal.density_meas_esd            ? 
_exptl_crystal.density_meas_gt             ? 
_exptl_crystal.density_meas_lt             ? 
_exptl_crystal.density_meas_temp           ? 
_exptl_crystal.density_meas_temp_esd       ? 
_exptl_crystal.density_meas_temp_gt        ? 
_exptl_crystal.density_meas_temp_lt        ? 
_exptl_crystal.pdbx_crystal_image_url      ? 
_exptl_crystal.pdbx_crystal_image_format   ? 
_exptl_crystal.pdbx_mosaicity              ? 
_exptl_crystal.pdbx_mosaicity_esd          ? 
# 
_exptl_crystal_grow.apparatus       ? 
_exptl_crystal_grow.atmosphere      ? 
_exptl_crystal_grow.crystal_id      1 
_exptl_crystal_grow.details         ? 
_exptl_crystal_grow.method          'VAPOR DIFFUSION, HANGING DROP' 
_exptl_crystal_grow.method_ref      ? 
_exptl_crystal_grow.pH              4.6 
_exptl_crystal_grow.pressure        ? 
_exptl_crystal_grow.pressure_esd    ? 
_exptl_crystal_grow.seeding         ? 
_exptl_crystal_grow.seeding_ref     ? 
_exptl_crystal_grow.temp            293 
_exptl_crystal_grow.temp_details    ? 
_exptl_crystal_grow.temp_esd        ? 
_exptl_crystal_grow.time            ? 
_exptl_crystal_grow.pdbx_details    '0.1 M Sodium acetate trihydrate pH 4.6, 2.0 M Sodium formate, 50 mM Magnesium chloride' 
_exptl_crystal_grow.pdbx_pH_range   ? 
# 
_diffrn.ambient_environment              ? 
_diffrn.ambient_temp                     99 
_diffrn.ambient_temp_details             ? 
_diffrn.ambient_temp_esd                 ? 
_diffrn.crystal_id                       1 
_diffrn.crystal_support                  ? 
_diffrn.crystal_treatment                ? 
_diffrn.details                          ? 
_diffrn.id                               1 
_diffrn.ambient_pressure                 ? 
_diffrn.ambient_pressure_esd             ? 
_diffrn.ambient_pressure_gt              ? 
_diffrn.ambient_pressure_lt              ? 
_diffrn.ambient_temp_gt                  ? 
_diffrn.ambient_temp_lt                  ? 
_diffrn.pdbx_serial_crystal_experiment   N 
# 
_diffrn_detector.details                      ? 
_diffrn_detector.detector                     PIXEL 
_diffrn_detector.diffrn_id                    1 
_diffrn_detector.type                         'DECTRIS PILATUS3 6M' 
_diffrn_detector.area_resol_mean              ? 
_diffrn_detector.dtime                        ? 
_diffrn_detector.pdbx_frames_total            ? 
_diffrn_detector.pdbx_collection_time_total   ? 
_diffrn_detector.pdbx_collection_date         2020-06-26 
_diffrn_detector.pdbx_frequency               ? 
# 
_diffrn_radiation.collimation                      ? 
_diffrn_radiation.diffrn_id                        1 
_diffrn_radiation.filter_edge                      ? 
_diffrn_radiation.inhomogeneity                    ? 
_diffrn_radiation.monochromator                    ? 
_diffrn_radiation.polarisn_norm                    ? 
_diffrn_radiation.polarisn_ratio                   ? 
_diffrn_radiation.probe                            ? 
_diffrn_radiation.type                             ? 
_diffrn_radiation.xray_symbol                      ? 
_diffrn_radiation.wavelength_id                    1 
_diffrn_radiation.pdbx_monochromatic_or_laue_m_l   M 
_diffrn_radiation.pdbx_wavelength_list             ? 
_diffrn_radiation.pdbx_wavelength                  ? 
_diffrn_radiation.pdbx_diffrn_protocol             'SINGLE WAVELENGTH' 
_diffrn_radiation.pdbx_analyzer                    ? 
_diffrn_radiation.pdbx_scattering_type             x-ray 
# 
_diffrn_radiation_wavelength.id           1 
_diffrn_radiation_wavelength.wavelength   0.977408 
_diffrn_radiation_wavelength.wt           1.0 
# 
_diffrn_source.current                     ? 
_diffrn_source.details                     ? 
_diffrn_source.diffrn_id                   1 
_diffrn_source.power                       ? 
_diffrn_source.size                        ? 
_diffrn_source.source                      SYNCHROTRON 
_diffrn_source.target                      ? 
_diffrn_source.type                        'ALS BEAMLINE 5.0.1' 
_diffrn_source.voltage                     ? 
_diffrn_source.take-off_angle              ? 
_diffrn_source.pdbx_wavelength_list        0.977408 
_diffrn_source.pdbx_wavelength             ? 
_diffrn_source.pdbx_synchrotron_beamline   5.0.1 
_diffrn_source.pdbx_synchrotron_site       ALS 
# 
_reflns.B_iso_Wilson_estimate            ? 
_reflns.entry_id                         7KUM 
_reflns.data_reduction_details           ? 
_reflns.data_reduction_method            ? 
_reflns.d_resolution_high                1.71 
_reflns.d_resolution_low                 50 
_reflns.details                          ? 
_reflns.limit_h_max                      ? 
_reflns.limit_h_min                      ? 
_reflns.limit_k_max                      ? 
_reflns.limit_k_min                      ? 
_reflns.limit_l_max                      ? 
_reflns.limit_l_min                      ? 
_reflns.number_all                       ? 
_reflns.number_obs                       12474 
_reflns.observed_criterion               ? 
_reflns.observed_criterion_F_max         ? 
_reflns.observed_criterion_F_min         ? 
_reflns.observed_criterion_I_max         ? 
_reflns.observed_criterion_I_min         ? 
_reflns.observed_criterion_sigma_F       ? 
_reflns.observed_criterion_sigma_I       ? 
_reflns.percent_possible_obs             100 
_reflns.R_free_details                   ? 
_reflns.Rmerge_F_all                     ? 
_reflns.Rmerge_F_obs                     ? 
_reflns.Friedel_coverage                 ? 
_reflns.number_gt                        ? 
_reflns.threshold_expression             ? 
_reflns.pdbx_redundancy                  18.8 
_reflns.pdbx_Rmerge_I_obs                0.052 
_reflns.pdbx_Rmerge_I_all                ? 
_reflns.pdbx_Rsym_value                  ? 
_reflns.pdbx_netI_over_av_sigmaI         ? 
_reflns.pdbx_netI_over_sigmaI            52.3 
_reflns.pdbx_res_netI_over_av_sigmaI_2   ? 
_reflns.pdbx_res_netI_over_sigmaI_2      ? 
_reflns.pdbx_chi_squared                 0.998 
_reflns.pdbx_scaling_rejects             ? 
_reflns.pdbx_d_res_high_opt              ? 
_reflns.pdbx_d_res_low_opt               ? 
_reflns.pdbx_d_res_opt_method            ? 
_reflns.phase_calculation_details        ? 
_reflns.pdbx_Rrim_I_all                  0.054 
_reflns.pdbx_Rpim_I_all                  0.013 
_reflns.pdbx_d_opt                       ? 
_reflns.pdbx_number_measured_all         ? 
_reflns.pdbx_diffrn_id                   1 
_reflns.pdbx_ordinal                     1 
_reflns.pdbx_CC_half                     0.994 
_reflns.pdbx_CC_star                     0.998 
_reflns.pdbx_R_split                     ? 
# 
_reflns_shell.d_res_high                  1.71 
_reflns_shell.d_res_low                   1.74 
_reflns_shell.meanI_over_sigI_all         ? 
_reflns_shell.meanI_over_sigI_obs         6.9 
_reflns_shell.number_measured_all         ? 
_reflns_shell.number_measured_obs         ? 
_reflns_shell.number_possible             ? 
_reflns_shell.number_unique_all           ? 
_reflns_shell.number_unique_obs           607 
_reflns_shell.percent_possible_all        ? 
_reflns_shell.percent_possible_obs        ? 
_reflns_shell.Rmerge_F_all                ? 
_reflns_shell.Rmerge_F_obs                ? 
_reflns_shell.Rmerge_I_all                ? 
_reflns_shell.Rmerge_I_obs                0.475 
_reflns_shell.meanI_over_sigI_gt          ? 
_reflns_shell.meanI_over_uI_all           ? 
_reflns_shell.meanI_over_uI_gt            ? 
_reflns_shell.number_measured_gt          ? 
_reflns_shell.number_unique_gt            ? 
_reflns_shell.percent_possible_gt         ? 
_reflns_shell.Rmerge_F_gt                 ? 
_reflns_shell.Rmerge_I_gt                 ? 
_reflns_shell.pdbx_redundancy             17.5 
_reflns_shell.pdbx_Rsym_value             ? 
_reflns_shell.pdbx_chi_squared            0.863 
_reflns_shell.pdbx_netI_over_sigmaI_all   ? 
_reflns_shell.pdbx_netI_over_sigmaI_obs   ? 
_reflns_shell.pdbx_Rrim_I_all             0.489 
_reflns_shell.pdbx_Rpim_I_all             0.115 
_reflns_shell.pdbx_rejects                ? 
_reflns_shell.pdbx_ordinal                1 
_reflns_shell.pdbx_diffrn_id              1 
_reflns_shell.pdbx_CC_half                0.994 
_reflns_shell.pdbx_CC_star                0.999 
_reflns_shell.pdbx_R_split                ? 
# 
_refine.aniso_B[1][1]                            -0.005 
_refine.aniso_B[1][2]                            -0.003 
_refine.aniso_B[1][3]                            -0.000 
_refine.aniso_B[2][2]                            -0.005 
_refine.aniso_B[2][3]                            0.000 
_refine.aniso_B[3][3]                            0.018 
_refine.B_iso_max                                ? 
_refine.B_iso_mean                               15.717 
_refine.B_iso_min                                ? 
_refine.correlation_coeff_Fo_to_Fc               0.948 
_refine.correlation_coeff_Fo_to_Fc_free          0.943 
_refine.details                                  'Hydrogens have been added in their riding positions' 
_refine.diff_density_max                         ? 
_refine.diff_density_max_esd                     ? 
_refine.diff_density_min                         ? 
_refine.diff_density_min_esd                     ? 
_refine.diff_density_rms                         ? 
_refine.diff_density_rms_esd                     ? 
_refine.entry_id                                 7KUM 
_refine.pdbx_refine_id                           'X-RAY DIFFRACTION' 
_refine.ls_abs_structure_details                 ? 
_refine.ls_abs_structure_Flack                   ? 
_refine.ls_abs_structure_Flack_esd               ? 
_refine.ls_abs_structure_Rogers                  ? 
_refine.ls_abs_structure_Rogers_esd              ? 
_refine.ls_d_res_high                            1.714 
_refine.ls_d_res_low                             50 
_refine.ls_extinction_coef                       ? 
_refine.ls_extinction_coef_esd                   ? 
_refine.ls_extinction_expression                 ? 
_refine.ls_extinction_method                     ? 
_refine.ls_goodness_of_fit_all                   ? 
_refine.ls_goodness_of_fit_all_esd               ? 
_refine.ls_goodness_of_fit_obs                   ? 
_refine.ls_goodness_of_fit_obs_esd               ? 
_refine.ls_hydrogen_treatment                    ? 
_refine.ls_matrix_type                           ? 
_refine.ls_number_constraints                    ? 
_refine.ls_number_parameters                     ? 
_refine.ls_number_reflns_all                     ? 
_refine.ls_number_reflns_obs                     11701 
_refine.ls_number_reflns_R_free                  611 
_refine.ls_number_reflns_R_work                  11090 
_refine.ls_number_restraints                     ? 
_refine.ls_percent_reflns_obs                    93.833 
_refine.ls_percent_reflns_R_free                 5.222 
_refine.ls_R_factor_all                          0.206 
_refine.ls_R_factor_obs                          ? 
_refine.ls_R_factor_R_free                       0.2202 
_refine.ls_R_factor_R_free_error                 ? 
_refine.ls_R_factor_R_free_error_details         ? 
_refine.ls_R_factor_R_work                       0.2052 
_refine.ls_R_Fsqd_factor_obs                     ? 
_refine.ls_R_I_factor_obs                        ? 
_refine.ls_redundancy_reflns_all                 ? 
_refine.ls_redundancy_reflns_obs                 ? 
_refine.ls_restrained_S_all                      ? 
_refine.ls_restrained_S_obs                      ? 
_refine.ls_shift_over_esd_max                    ? 
_refine.ls_shift_over_esd_mean                   ? 
_refine.ls_structure_factor_coef                 ? 
_refine.ls_weighting_details                     ? 
_refine.ls_weighting_scheme                      ? 
_refine.ls_wR_factor_all                         ? 
_refine.ls_wR_factor_obs                         ? 
_refine.ls_wR_factor_R_free                      ? 
_refine.ls_wR_factor_R_work                      ? 
_refine.occupancy_max                            ? 
_refine.occupancy_min                            ? 
_refine.solvent_model_details                    'MASK BULK SOLVENT' 
_refine.solvent_model_param_bsol                 ? 
_refine.solvent_model_param_ksol                 ? 
_refine.pdbx_R_complete                          ? 
_refine.ls_R_factor_gt                           ? 
_refine.ls_goodness_of_fit_gt                    ? 
_refine.ls_goodness_of_fit_ref                   ? 
_refine.ls_shift_over_su_max                     ? 
_refine.ls_shift_over_su_max_lt                  ? 
_refine.ls_shift_over_su_mean                    ? 
_refine.ls_shift_over_su_mean_lt                 ? 
_refine.pdbx_ls_sigma_I                          ? 
_refine.pdbx_ls_sigma_F                          ? 
_refine.pdbx_ls_sigma_Fsqd                       ? 
_refine.pdbx_data_cutoff_high_absF               ? 
_refine.pdbx_data_cutoff_high_rms_absF           ? 
_refine.pdbx_data_cutoff_low_absF                ? 
_refine.pdbx_isotropic_thermal_model             ? 
_refine.pdbx_ls_cross_valid_method               THROUGHOUT 
_refine.pdbx_method_to_determine_struct          'MOLECULAR REPLACEMENT' 
_refine.pdbx_starting_model                      5UEE 
_refine.pdbx_stereochemistry_target_values       ? 
_refine.pdbx_R_Free_selection_details            ? 
_refine.pdbx_stereochem_target_val_spec_case     ? 
_refine.pdbx_overall_ESU_R                       0.119 
_refine.pdbx_overall_ESU_R_Free                  0.107 
_refine.pdbx_solvent_vdw_probe_radii             1.200 
_refine.pdbx_solvent_ion_probe_radii             0.800 
_refine.pdbx_solvent_shrinkage_radii             0.800 
_refine.pdbx_real_space_R                        ? 
_refine.pdbx_density_correlation                 ? 
_refine.pdbx_pd_number_of_powder_patterns        ? 
_refine.pdbx_pd_number_of_points                 ? 
_refine.pdbx_pd_meas_number_of_points            ? 
_refine.pdbx_pd_proc_ls_prof_R_factor            ? 
_refine.pdbx_pd_proc_ls_prof_wR_factor           ? 
_refine.pdbx_pd_Marquardt_correlation_coeff      ? 
_refine.pdbx_pd_Fsqrd_R_factor                   ? 
_refine.pdbx_pd_ls_matrix_band_width             ? 
_refine.pdbx_overall_phase_error                 ? 
_refine.pdbx_overall_SU_R_free_Cruickshank_DPI   ? 
_refine.pdbx_overall_SU_R_free_Blow_DPI          ? 
_refine.pdbx_overall_SU_R_Blow_DPI               ? 
_refine.pdbx_TLS_residual_ADP_flag               ? 
_refine.pdbx_diffrn_id                           1 
_refine.overall_SU_B                             1.984 
_refine.overall_SU_ML                            0.065 
_refine.overall_SU_R_Cruickshank_DPI             ? 
_refine.overall_SU_R_free                        ? 
_refine.overall_FOM_free_R_set                   ? 
_refine.overall_FOM_work_R_set                   ? 
_refine.pdbx_average_fsc_overall                 ? 
_refine.pdbx_average_fsc_work                    ? 
_refine.pdbx_average_fsc_free                    ? 
# 
_refine_hist.pdbx_refine_id                   'X-RAY DIFFRACTION' 
_refine_hist.cycle_id                         LAST 
_refine_hist.pdbx_number_atoms_protein        0 
_refine_hist.pdbx_number_atoms_nucleic_acid   378 
_refine_hist.pdbx_number_atoms_ligand         328 
_refine_hist.number_atoms_solvent             115 
_refine_hist.number_atoms_total               821 
_refine_hist.d_res_high                       1.714 
_refine_hist.d_res_low                        50 
# 
loop_
_refine_ls_restr.pdbx_refine_id 
_refine_ls_restr.criterion 
_refine_ls_restr.dev_ideal 
_refine_ls_restr.dev_ideal_target 
_refine_ls_restr.number 
_refine_ls_restr.rejects 
_refine_ls_restr.type 
_refine_ls_restr.weight 
_refine_ls_restr.pdbx_restraint_function 
'X-RAY DIFFRACTION' ? 0.027 0.018  795  ? r_bond_refined_d               ? ? 
'X-RAY DIFFRACTION' ? 0.032 0.025  352  ? r_bond_other_d                 ? ? 
'X-RAY DIFFRACTION' ? 3.048 2.144  1206 ? r_angle_refined_deg            ? ? 
'X-RAY DIFFRACTION' ? 3.900 3.214  826  ? r_angle_other_deg              ? ? 
'X-RAY DIFFRACTION' ? 0.135 0.200  142  ? r_chiral_restr                 ? ? 
'X-RAY DIFFRACTION' ? 1.779 0.200  24   ? r_chiral_restr_other           ? ? 
'X-RAY DIFFRACTION' ? 0.019 0.021  400  ? r_gen_planes_refined           ? ? 
'X-RAY DIFFRACTION' ? 0.001 0.023  148  ? r_gen_planes_other             ? ? 
'X-RAY DIFFRACTION' ? 0.168 0.200  82   ? r_nbd_refined                  ? ? 
'X-RAY DIFFRACTION' ? 0.220 0.200  515  ? r_symmetry_nbd_other           ? ? 
'X-RAY DIFFRACTION' ? 0.245 0.200  317  ? r_nbtor_refined                ? ? 
'X-RAY DIFFRACTION' ? 0.292 0.200  166  ? r_symmetry_nbtor_other         ? ? 
'X-RAY DIFFRACTION' ? 0.305 0.200  101  ? r_xyhbond_nbd_refined          ? ? 
'X-RAY DIFFRACTION' ? 0.041 0.200  2    ? r_symmetry_xyhbond_nbd_other   ? ? 
'X-RAY DIFFRACTION' ? 0.080 0.200  16   ? r_symmetry_nbd_refined         ? ? 
'X-RAY DIFFRACTION' ? 0.172 0.200  57   ? r_nbd_other                    ? ? 
'X-RAY DIFFRACTION' ? 0.181 0.200  12   ? r_symmetry_xyhbond_nbd_refined ? ? 
'X-RAY DIFFRACTION' ? 2.187 1.570  793  ? r_scbond_it                    ? ? 
'X-RAY DIFFRACTION' ? 2.185 1.570  794  ? r_scbond_other                 ? ? 
'X-RAY DIFFRACTION' ? 2.842 2.389  1206 ? r_scangle_it                   ? ? 
'X-RAY DIFFRACTION' ? 2.841 2.388  1207 ? r_scangle_other                ? ? 
'X-RAY DIFFRACTION' ? 5.342 14.333 1135 ? r_lrange_it                    ? ? 
'X-RAY DIFFRACTION' ? 5.103 13.723 1100 ? r_lrange_other                 ? ? 
# 
loop_
_refine_ls_shell.pdbx_refine_id 
_refine_ls_shell.d_res_high 
_refine_ls_shell.d_res_low 
_refine_ls_shell.number_reflns_all 
_refine_ls_shell.number_reflns_obs 
_refine_ls_shell.number_reflns_R_free 
_refine_ls_shell.number_reflns_R_work 
_refine_ls_shell.percent_reflns_obs 
_refine_ls_shell.percent_reflns_R_free 
_refine_ls_shell.R_factor_all 
_refine_ls_shell.R_factor_obs 
_refine_ls_shell.R_factor_R_free 
_refine_ls_shell.R_factor_R_free_error 
_refine_ls_shell.R_factor_R_work 
_refine_ls_shell.redundancy_reflns_all 
_refine_ls_shell.redundancy_reflns_obs 
_refine_ls_shell.wR_factor_all 
_refine_ls_shell.wR_factor_obs 
_refine_ls_shell.wR_factor_R_free 
_refine_ls_shell.wR_factor_R_work 
_refine_ls_shell.pdbx_R_complete 
_refine_ls_shell.pdbx_total_number_of_bins_used 
_refine_ls_shell.pdbx_phase_error 
_refine_ls_shell.pdbx_fsc_work 
_refine_ls_shell.pdbx_fsc_free 
'X-RAY DIFFRACTION' 1.714 1.759 . . 36 452 53.7445  . . . 0.196 . 0.180 . . . . . . . . . . . 
'X-RAY DIFFRACTION' 1.759 1.807 . . 29 587 71.2139  . . . 0.202 . .     . . . . . . . . . . . 
'X-RAY DIFFRACTION' 1.807 1.859 . . 34 745 91.0047  . . . 0.357 . 0.235 . . . . . . . . . . . 
'X-RAY DIFFRACTION' 1.859 1.916 . . 37 782 97.8495  . . . 0.224 . .     . . . . . . . . . . . 
'X-RAY DIFFRACTION' 1.916 1.979 . . 44 752 99.8745  . . . 0.193 . 0.211 . . . . . . . . . . . 
'X-RAY DIFFRACTION' 1.979 2.049 . . 21 754 100.0000 . . . 0.177 . .     . . . . . . . . . . . 
'X-RAY DIFFRACTION' 2.049 2.126 . . 38 729 100.0000 . . . 0.218 . 0.202 . . . . . . . . . . . 
'X-RAY DIFFRACTION' 2.126 2.213 . . 38 689 100.0000 . . . 0.154 . .     . . . . . . . . . . . 
'X-RAY DIFFRACTION' 2.213 2.311 . . 53 654 100.0000 . . . 0.264 . 0.226 . . . . . . . . . . . 
'X-RAY DIFFRACTION' 2.311 2.424 . . 33 642 100.0000 . . . 0.285 . 0.204 . . . . . . . . . . . 
'X-RAY DIFFRACTION' 2.424 2.555 . . 31 613 100.0000 . . . 0.244 . 0.207 . . . . . . . . . . . 
'X-RAY DIFFRACTION' 2.555 2.710 . . 29 574 100.0000 . . . 0.248 . 0.226 . . . . . . . . . . . 
'X-RAY DIFFRACTION' 2.710 2.896 . . 29 544 100.0000 . . . 0.305 . 0.248 . . . . . . . . . . . 
'X-RAY DIFFRACTION' 2.896 3.128 . . 32 520 100.0000 . . . 0.211 . .     . . . . . . . . . . . 
'X-RAY DIFFRACTION' 3.128 3.426 . . 25 473 100.0000 . . . 0.240 . 0.195 . . . . . . . . . . . 
'X-RAY DIFFRACTION' 3.426 3.830 . . 22 435 99.7817  . . . 0.156 . .     . . . . . . . . . . . 
'X-RAY DIFFRACTION' 3.830 4.421 . . 22 385 100.0000 . . . 0.125 . .     . . . . . . . . . . . 
'X-RAY DIFFRACTION' 4.421 5.411 . . 22 332 100.0000 . . . 0.139 . 0.139 . . . . . . . . . . . 
'X-RAY DIFFRACTION' 5.411 7.636 . . 23 259 100.0000 . . . 0.210 . 0.205 . . . . . . . . . . . 
'X-RAY DIFFRACTION' 7.636 50    . . 13 169 98.3784  . . . 0.445 . 0.275 . . . . . . . . . . . 
# 
_struct.entry_id                     7KUM 
_struct.title                        
;LNA modification at 3' end of RNA primer complex with guanosine dinucleotide ligand G(5')ppp(5')G
;
_struct.pdbx_model_details           ? 
_struct.pdbx_formula_weight          ? 
_struct.pdbx_formula_weight_method   ? 
_struct.pdbx_model_type_details      ? 
_struct.pdbx_CASP_flag               N 
# 
_struct_keywords.entry_id        7KUM 
_struct_keywords.text            'RNA, nonenzymatic RNA extension' 
_struct_keywords.pdbx_keywords   RNA 
# 
loop_
_struct_asym.id 
_struct_asym.pdbx_blank_PDB_chainid_flag 
_struct_asym.pdbx_modified 
_struct_asym.entity_id 
_struct_asym.details 
A N N 1 ? 
B N N 1 ? 
C N N 2 ? 
D N N 3 ? 
E N N 3 ? 
F N N 2 ? 
G N N 3 ? 
H N N 3 ? 
I N N 4 ? 
J N N 4 ? 
# 
loop_
_struct_conn.id 
_struct_conn.conn_type_id 
_struct_conn.pdbx_leaving_atom_flag 
_struct_conn.pdbx_PDB_id 
_struct_conn.ptnr1_label_asym_id 
_struct_conn.ptnr1_label_comp_id 
_struct_conn.ptnr1_label_seq_id 
_struct_conn.ptnr1_label_atom_id 
_struct_conn.pdbx_ptnr1_label_alt_id 
_struct_conn.pdbx_ptnr1_PDB_ins_code 
_struct_conn.pdbx_ptnr1_standard_comp_id 
_struct_conn.ptnr1_symmetry 
_struct_conn.ptnr2_label_asym_id 
_struct_conn.ptnr2_label_comp_id 
_struct_conn.ptnr2_label_seq_id 
_struct_conn.ptnr2_label_atom_id 
_struct_conn.pdbx_ptnr2_label_alt_id 
_struct_conn.pdbx_ptnr2_PDB_ins_code 
_struct_conn.ptnr1_auth_asym_id 
_struct_conn.ptnr1_auth_comp_id 
_struct_conn.ptnr1_auth_seq_id 
_struct_conn.ptnr2_auth_asym_id 
_struct_conn.ptnr2_auth_comp_id 
_struct_conn.ptnr2_auth_seq_id 
_struct_conn.ptnr2_symmetry 
_struct_conn.pdbx_ptnr3_label_atom_id 
_struct_conn.pdbx_ptnr3_label_seq_id 
_struct_conn.pdbx_ptnr3_label_comp_id 
_struct_conn.pdbx_ptnr3_label_asym_id 
_struct_conn.pdbx_ptnr3_label_alt_id 
_struct_conn.pdbx_ptnr3_PDB_ins_code 
_struct_conn.details 
_struct_conn.pdbx_dist_value 
_struct_conn.pdbx_value_order 
_struct_conn.pdbx_role 
covale1  covale both ? A LKC 1  "O3'" ? ? ? 1_555 A LCC 2  P   ? ? A LKC 1   A LCC 2   1_555 ? ? ? ? ? ? ?            1.577 ? ? 
covale2  covale both ? A LCC 2  "O3'" ? ? ? 1_555 A LCC 3  P   ? ? A LCC 2   A LCC 3   1_555 ? ? ? ? ? ? ?            1.531 ? ? 
covale3  covale both ? A LCC 3  "O3'" ? ? ? 1_555 A LCG 4  P   ? ? A LCC 3   A LCG 4   1_555 ? ? ? ? ? ? ?            1.578 ? ? 
covale4  covale both ? A LCG 4  "O3'" ? ? ? 1_555 A A   5  P   ? ? A LCG 4   A A   9   1_555 ? ? ? ? ? ? ?            1.561 ? ? 
covale5  covale both ? A C   13 "O3'" ? ? ? 1_555 A LCG 14 P   ? ? A C   17  A LCG 19  1_555 ? ? ? ? ? ? ?            1.580 ? ? 
covale6  covale both ? B LKC 1  "O3'" ? ? ? 1_555 B LCC 2  P   ? ? B LKC 1   B LCC 2   1_555 ? ? ? ? ? ? ?            1.577 ? ? 
covale7  covale both ? B LCC 2  "O3'" ? ? ? 1_555 B LCC 3  P   ? ? B LCC 2   B LCC 3   1_555 ? ? ? ? ? ? ?            1.533 ? ? 
covale8  covale both ? B LCC 3  "O3'" ? ? ? 1_555 B LCG 4  P   ? ? B LCC 3   B LCG 4   1_555 ? ? ? ? ? ? ?            1.570 ? ? 
covale9  covale both ? B LCG 4  "O3'" ? ? ? 1_555 B A   5  P   ? ? B LCG 4   B A   9   1_555 ? ? ? ? ? ? ?            1.564 ? ? 
covale10 covale both ? B C   13 "O3'" ? ? ? 1_555 B LCG 14 P   ? ? B C   17  B LCG 19  1_555 ? ? ? ? ? ? ?            1.568 ? ? 
metalc1  metalc ?    ? C GP3 .  O3D   ? ? ? 1_555 G MG  .  MG  ? ? A GP3 101 B MG  102 1_555 ? ? ? ? ? ? ?            2.107 ? ? 
metalc2  metalc ?    ? C GP3 .  O2D   ? ? ? 1_555 G MG  .  MG  ? ? A GP3 101 B MG  102 1_555 ? ? ? ? ? ? ?            2.078 ? ? 
metalc3  metalc ?    ? C GP3 .  O3D   ? ? ? 1_555 G MG  .  MG  ? ? A GP3 101 B MG  102 2_775 ? ? ? ? ? ? ?            2.456 ? ? 
metalc4  metalc ?    ? C GP3 .  O2D   ? ? ? 1_555 G MG  .  MG  ? ? A GP3 101 B MG  102 3_575 ? ? ? ? ? ? ?            2.387 ? ? 
metalc5  metalc ?    ? C GP3 .  O2A   ? ? ? 1_555 H MG  .  MG  ? ? A GP3 101 B MG  103 1_555 ? ? ? ? ? ? ?            1.948 ? ? 
metalc6  metalc ?    ? C GP3 .  O3B   ? ? ? 1_555 H MG  .  MG  ? ? A GP3 101 B MG  103 1_555 ? ? ? ? ? ? ?            2.016 ? ? 
metalc7  metalc ?    ? C GP3 .  O2G   ? ? ? 1_555 H MG  .  MG  ? ? A GP3 101 B MG  103 1_555 ? ? ? ? ? ? ?            2.749 ? ? 
metalc8  metalc ?    ? D MG  .  MG    ? ? ? 1_555 F GP3 .  O3D ? ? A MG  102 B GP3 101 1_555 ? ? ? ? ? ? ?            2.105 ? ? 
metalc9  metalc ?    ? D MG  .  MG    ? ? ? 1_555 F GP3 .  O2D ? ? A MG  102 B GP3 101 1_555 ? ? ? ? ? ? ?            2.093 ? ? 
metalc10 metalc ?    ? D MG  .  MG    ? ? ? 1_555 F GP3 .  O3D ? ? A MG  102 B GP3 101 2_775 ? ? ? ? ? ? ?            2.450 ? ? 
metalc11 metalc ?    ? D MG  .  MG    ? ? ? 1_555 F GP3 .  O2D ? ? A MG  102 B GP3 101 3_575 ? ? ? ? ? ? ?            2.417 ? ? 
metalc12 metalc ?    ? E MG  .  MG    ? ? ? 1_555 F GP3 .  O3B ? ? A MG  103 B GP3 101 1_555 ? ? ? ? ? ? ?            2.725 ? ? 
metalc13 metalc ?    ? E MG  .  MG    ? ? ? 1_555 F GP3 .  O2A ? ? A MG  103 B GP3 101 1_555 ? ? ? ? ? ? ?            1.941 ? ? 
metalc14 metalc ?    ? E MG  .  MG    ? ? ? 1_555 J HOH .  O   ? ? A MG  103 B HOH 201 1_555 ? ? ? ? ? ? ?            2.419 ? ? 
metalc15 metalc ?    ? E MG  .  MG    ? ? ? 1_555 J HOH .  O   ? ? A MG  103 B HOH 204 1_555 ? ? ? ? ? ? ?            2.097 ? ? 
hydrog1  hydrog ?    ? A LCG 4  N1    ? ? ? 1_555 B C   13 N3  ? ? A LCG 4   B C   17  1_555 ? ? ? ? ? ? WATSON-CRICK ?     ? ? 
hydrog2  hydrog ?    ? A LCG 4  N2    ? ? ? 1_555 B C   13 O2  ? ? A LCG 4   B C   17  1_555 ? ? ? ? ? ? WATSON-CRICK ?     ? ? 
hydrog3  hydrog ?    ? A LCG 4  O6    ? ? ? 1_555 B C   13 N4  ? ? A LCG 4   B C   17  1_555 ? ? ? ? ? ? WATSON-CRICK ?     ? ? 
hydrog4  hydrog ?    ? A A   5  N1    ? ? ? 1_555 B U   12 N3  ? ? A A   9   B U   16  1_555 ? ? ? ? ? ? WATSON-CRICK ?     ? ? 
hydrog5  hydrog ?    ? A A   5  N6    ? ? ? 1_555 B U   12 O4  ? ? A A   9   B U   16  1_555 ? ? ? ? ? ? WATSON-CRICK ?     ? ? 
hydrog6  hydrog ?    ? A C   6  N3    ? ? ? 1_555 B G   11 N1  ? ? A C   10  B G   15  1_555 ? ? ? ? ? ? WATSON-CRICK ?     ? ? 
hydrog7  hydrog ?    ? A C   6  N4    ? ? ? 1_555 B G   11 O6  ? ? A C   10  B G   15  1_555 ? ? ? ? ? ? WATSON-CRICK ?     ? ? 
hydrog8  hydrog ?    ? A C   6  O2    ? ? ? 1_555 B G   11 N2  ? ? A C   10  B G   15  1_555 ? ? ? ? ? ? WATSON-CRICK ?     ? ? 
hydrog9  hydrog ?    ? A U   7  N3    ? ? ? 1_555 B A   10 N1  ? ? A U   11  B A   14  1_555 ? ? ? ? ? ? WATSON-CRICK ?     ? ? 
hydrog10 hydrog ?    ? A U   7  O4    ? ? ? 1_555 B A   10 N6  ? ? A U   11  B A   14  1_555 ? ? ? ? ? ? WATSON-CRICK ?     ? ? 
hydrog11 hydrog ?    ? A U   8  N3    ? ? ? 1_555 B A   9  N1  ? ? A U   12  B A   13  1_555 ? ? ? ? ? ? WATSON-CRICK ?     ? ? 
hydrog12 hydrog ?    ? A U   8  O4    ? ? ? 1_555 B A   9  N6  ? ? A U   12  B A   13  1_555 ? ? ? ? ? ? WATSON-CRICK ?     ? ? 
hydrog13 hydrog ?    ? A A   9  N1    ? ? ? 1_555 B U   8  N3  ? ? A A   13  B U   12  1_555 ? ? ? ? ? ? WATSON-CRICK ?     ? ? 
hydrog14 hydrog ?    ? A A   9  N6    ? ? ? 1_555 B U   8  O4  ? ? A A   13  B U   12  1_555 ? ? ? ? ? ? WATSON-CRICK ?     ? ? 
hydrog15 hydrog ?    ? A A   10 N1    ? ? ? 1_555 B U   7  N3  ? ? A A   14  B U   11  1_555 ? ? ? ? ? ? WATSON-CRICK ?     ? ? 
hydrog16 hydrog ?    ? A A   10 N6    ? ? ? 1_555 B U   7  O4  ? ? A A   14  B U   11  1_555 ? ? ? ? ? ? WATSON-CRICK ?     ? ? 
hydrog17 hydrog ?    ? A G   11 N1    ? ? ? 1_555 B C   6  N3  ? ? A G   15  B C   10  1_555 ? ? ? ? ? ? WATSON-CRICK ?     ? ? 
hydrog18 hydrog ?    ? A G   11 N2    ? ? ? 1_555 B C   6  O2  ? ? A G   15  B C   10  1_555 ? ? ? ? ? ? WATSON-CRICK ?     ? ? 
hydrog19 hydrog ?    ? A G   11 O6    ? ? ? 1_555 B C   6  N4  ? ? A G   15  B C   10  1_555 ? ? ? ? ? ? WATSON-CRICK ?     ? ? 
hydrog20 hydrog ?    ? A U   12 N3    ? ? ? 1_555 B A   5  N1  ? ? A U   16  B A   9   1_555 ? ? ? ? ? ? WATSON-CRICK ?     ? ? 
hydrog21 hydrog ?    ? A U   12 O4    ? ? ? 1_555 B A   5  N6  ? ? A U   16  B A   9   1_555 ? ? ? ? ? ? WATSON-CRICK ?     ? ? 
hydrog22 hydrog ?    ? A C   13 N3    ? ? ? 1_555 B LCG 4  N1  ? ? A C   17  B LCG 4   1_555 ? ? ? ? ? ? WATSON-CRICK ?     ? ? 
hydrog23 hydrog ?    ? A C   13 N4    ? ? ? 1_555 B LCG 4  O6  ? ? A C   17  B LCG 4   1_555 ? ? ? ? ? ? WATSON-CRICK ?     ? ? 
hydrog24 hydrog ?    ? A C   13 O2    ? ? ? 1_555 B LCG 4  N2  ? ? A C   17  B LCG 4   1_555 ? ? ? ? ? ? WATSON-CRICK ?     ? ? 
# 
loop_
_struct_conn_type.id 
_struct_conn_type.criteria 
_struct_conn_type.reference 
covale ? ? 
metalc ? ? 
hydrog ? ? 
# 
_atom_sites.entry_id                    7KUM 
_atom_sites.Cartn_transf_matrix[1][1]   ? 
_atom_sites.Cartn_transf_matrix[1][2]   ? 
_atom_sites.Cartn_transf_matrix[1][3]   ? 
_atom_sites.Cartn_transf_matrix[2][1]   ? 
_atom_sites.Cartn_transf_matrix[2][2]   ? 
_atom_sites.Cartn_transf_matrix[2][3]   ? 
_atom_sites.Cartn_transf_matrix[3][1]   ? 
_atom_sites.Cartn_transf_matrix[3][2]   ? 
_atom_sites.Cartn_transf_matrix[3][3]   ? 
_atom_sites.Cartn_transf_vector[1]      ? 
_atom_sites.Cartn_transf_vector[2]      ? 
_atom_sites.Cartn_transf_vector[3]      ? 
_atom_sites.fract_transf_matrix[1][1]   0.00636261 
_atom_sites.fract_transf_matrix[1][2]   0.01069056 
_atom_sites.fract_transf_matrix[1][3]   -0.02072518 
_atom_sites.fract_transf_matrix[2][1]   -0.01664133 
_atom_sites.fract_transf_matrix[2][2]   0.01138696 
_atom_sites.fract_transf_matrix[2][3]   -0.01333181 
_atom_sites.fract_transf_matrix[3][1]   0.00219569 
_atom_sites.fract_transf_matrix[3][2]   0.01009426 
_atom_sites.fract_transf_matrix[3][3]   0.00588095 
_atom_sites.fract_transf_vector[1]      0.406130 
_atom_sites.fract_transf_vector[2]      1.203080 
_atom_sites.fract_transf_vector[3]      2.247747 
_atom_sites.solution_primary            ? 
_atom_sites.solution_secondary          ? 
_atom_sites.solution_hydrogens          ? 
_atom_sites.special_details             ? 
# 
loop_
_atom_type.symbol 
_atom_type.pdbx_scat_Z 
_atom_type.pdbx_N_electrons 
_atom_type.scat_Cromer_Mann_a1 
_atom_type.scat_Cromer_Mann_b1 
_atom_type.scat_Cromer_Mann_a2 
_atom_type.scat_Cromer_Mann_b2 
_atom_type.scat_Cromer_Mann_a3 
_atom_type.scat_Cromer_Mann_b3 
_atom_type.scat_Cromer_Mann_a4 
_atom_type.scat_Cromer_Mann_b4 
_atom_type.scat_Cromer_Mann_c 
C  6  6  2.310  20.844 1.020 10.208 1.589 0.569  0.865 51.651 0.216   
H  1  1  0.493  10.511 0.323 26.126 0.140 3.142  0.041 57.800 0.003   
MG 12 12 5.427  2.828  2.176 79.261 1.228 0.381  2.310 7.194  0.859   
N  7  7  12.222 0.006  3.135 9.893  2.014 28.997 1.167 0.583  -11.538 
O  8  8  3.049  13.277 2.287 5.701  1.546 0.324  0.867 32.909 0.251   
P  15 15 6.435  1.907  4.179 27.157 1.780 0.526  1.491 68.164 1.115   
# 
loop_
_atom_site.group_PDB 
_atom_site.id 
_atom_site.type_symbol 
_atom_site.label_atom_id 
_atom_site.label_alt_id 
_atom_site.label_comp_id 
_atom_site.label_asym_id 
_atom_site.label_entity_id 
_atom_site.label_seq_id 
_atom_site.pdbx_PDB_ins_code 
_atom_site.Cartn_x 
_atom_site.Cartn_y 
_atom_site.Cartn_z 
_atom_site.occupancy 
_atom_site.B_iso_or_equiv 
_atom_site.pdbx_formal_charge 
_atom_site.auth_seq_id 
_atom_site.auth_comp_id 
_atom_site.auth_asym_id 
_atom_site.auth_atom_id 
_atom_site.pdbx_PDB_model_num 
_atom_site.calc_flag 
HETATM 1   N  N1    . LKC A 1 1  ? -6.524  18.645  9.524   1.000 7.694  0 1   LKC A N1    1 ? 
HETATM 2   C  C2    . LKC A 1 1  ? -5.313  18.965  8.962   1.000 6.884  0 1   LKC A C2    1 ? 
HETATM 3   N  N3    . LKC A 1 1  ? -4.185  18.525  9.506   1.000 6.794  0 1   LKC A N3    1 ? 
HETATM 4   C  C4    . LKC A 1 1  ? -4.226  17.816  10.622  1.000 7.796  0 1   LKC A C4    1 ? 
HETATM 5   C  C5    . LKC A 1 1  ? -5.453  17.458  11.279  1.000 7.966  0 1   LKC A C5    1 ? 
HETATM 6   C  C6    . LKC A 1 1  ? -6.587  17.845  10.673  1.000 7.871  0 1   LKC A C6    1 ? 
HETATM 7   O  O2    . LKC A 1 1  ? -5.298  19.604  7.896   1.000 6.589  0 1   LKC A O2    1 ? 
HETATM 8   N  N4    . LKC A 1 1  ? -3.119  17.469  11.175  1.000 8.066  0 1   LKC A N4    1 ? 
HETATM 9   C  "C1'" . LKC A 1 1  ? -7.745  19.120  8.912   1.000 8.781  0 1   LKC A "C1'" 1 ? 
HETATM 10  C  "C2'" . LKC A 1 1  ? -8.241  18.379  7.709   1.000 8.627  0 1   LKC A "C2'" 1 ? 
HETATM 11  C  "C3'" . LKC A 1 1  ? -9.025  17.228  8.368   1.000 8.897  0 1   LKC A "C3'" 1 ? 
HETATM 12  C  "C4'" . LKC A 1 1  ? -9.833  18.279  9.147   1.000 9.298  0 1   LKC A "C4'" 1 ? 
HETATM 13  O  "O4'" . LKC A 1 1  ? -8.835  18.985  9.905   1.000 8.900  0 1   LKC A "O4'" 1 ? 
HETATM 14  O  "O3'" . LKC A 1 1  ? -9.760  16.548  7.369   1.000 10.268 0 1   LKC A "O3'" 1 ? 
HETATM 15  C  "C5'" . LKC A 1 1  ? -10.931 17.778  10.042  1.000 9.729  0 1   LKC A "C5'" 1 ? 
HETATM 16  O  "O5'" . LKC A 1 1  ? -10.333 16.840  10.880  1.000 11.265 0 1   LKC A "O5'" 1 ? 
HETATM 17  C  C5A   . LKC A 1 1  ? -5.581  16.684  12.451  1.000 9.003  0 1   LKC A C5A   1 ? 
HETATM 18  O  "O2'" . LKC A 1 1  ? -9.180  19.235  7.075   1.000 9.308  0 1   LKC A "O2'" 1 ? 
HETATM 19  C  "C6'" . LKC A 1 1  ? -10.380 19.085  8.070   1.000 9.158  0 1   LKC A "C6'" 1 ? 
HETATM 20  O  "O5'" . LCC A 1 2  ? -8.174  15.967  5.532   1.000 7.159  0 2   LCC A "O5'" 1 ? 
HETATM 21  C  "C5'" . LCC A 1 2  ? -8.574  16.786  4.517   1.000 7.406  0 2   LCC A "C5'" 1 ? 
HETATM 22  C  "C4'" . LCC A 1 2  ? -7.265  17.185  3.868   1.000 7.055  0 2   LCC A "C4'" 1 ? 
HETATM 23  O  "O4'" . LCC A 1 2  ? -6.433  17.859  4.787   1.000 7.033  0 2   LCC A "O4'" 1 ? 
HETATM 24  C  "C1'" . LCC A 1 2  ? -5.080  17.826  4.181   1.000 6.184  0 2   LCC A "C1'" 1 ? 
HETATM 25  N  N1    . LCC A 1 2  ? -4.175  17.225  5.160   1.000 5.526  0 2   LCC A N1    1 ? 
HETATM 26  C  C6    . LCC A 1 2  ? -4.638  16.493  6.292   1.000 5.088  0 2   LCC A C6    1 ? 
HETATM 27  C  C5    . LCC A 1 2  ? -3.740  15.998  7.177   1.000 5.067  0 2   LCC A C5    1 ? 
HETATM 28  C  C5M   . LCC A 1 2  ? -4.169  15.228  8.319   1.000 5.202  0 2   LCC A C5M   1 ? 
HETATM 29  C  C4    . LCC A 1 2  ? -2.366  16.232  6.911   1.000 4.939  0 2   LCC A C4    1 ? 
HETATM 30  N  N4    . LCC A 1 2  ? -1.524  15.743  7.776   1.000 5.019  0 2   LCC A N4    1 ? 
HETATM 31  N  N3    . LCC A 1 2  ? -1.958  16.905  5.799   1.000 4.847  0 2   LCC A N3    1 ? 
HETATM 32  C  C2    . LCC A 1 2  ? -2.854  17.390  4.964   1.000 4.939  0 2   LCC A C2    1 ? 
HETATM 33  O  O2    . LCC A 1 2  ? -2.532  17.977  3.927   1.000 5.160  0 2   LCC A O2    1 ? 
HETATM 34  C  "C3'" . LCC A 1 2  ? -6.352  16.048  3.410   1.000 6.828  0 2   LCC A "C3'" 1 ? 
HETATM 35  C  "C2'" . LCC A 1 2  ? -5.320  17.097  2.903   1.000 6.355  0 2   LCC A "C2'" 1 ? 
HETATM 36  O  "O2'" . LCC A 1 2  ? -6.042  17.967  2.065   1.000 6.809  0 2   LCC A "O2'" 1 ? 
HETATM 37  O  "O3'" . LCC A 1 2  ? -6.898  15.238  2.350   1.000 8.064  0 2   LCC A "O3'" 1 ? 
HETATM 38  C  "C6'" . LCC A 1 2  ? -7.458  18.048  2.688   1.000 7.193  0 2   LCC A "C6'" 1 ? 
HETATM 39  P  P     . LCC A 1 2  ? -9.255  15.291  6.561   1.000 8.819  0 2   LCC A P     1 ? 
HETATM 40  O  O1P   . LCC A 1 2  ? -8.405  14.505  7.417   1.000 8.058  0 2   LCC A O1P   1 ? 
HETATM 41  O  O2P   . LCC A 1 2  ? -10.415 14.798  5.772   1.000 7.817  0 2   LCC A O2P   1 ? 
HETATM 42  O  "O5'" . LCC A 1 3  ? -4.988  14.122  1.303   1.000 6.718  0 3   LCC A "O5'" 1 ? 
HETATM 43  C  "C5'" . LCC A 1 3  ? -4.902  14.872  0.143   1.000 5.574  0 3   LCC A "C5'" 1 ? 
HETATM 44  C  "C4'" . LCC A 1 3  ? -3.430  15.105  -0.116  1.000 5.104  0 3   LCC A "C4'" 1 ? 
HETATM 45  O  "O4'" . LCC A 1 3  ? -2.803  15.764  0.934   1.000 4.804  0 3   LCC A "O4'" 1 ? 
HETATM 46  C  "C1'" . LCC A 1 3  ? -1.381  15.463  0.856   1.000 4.489  0 3   LCC A "C1'" 1 ? 
HETATM 47  N  N1    . LCC A 1 3  ? -0.967  14.824  2.113   1.000 3.989  0 3   LCC A N1    1 ? 
HETATM 48  C  C6    . LCC A 1 3  ? -1.905  14.330  3.048   1.000 3.861  0 3   LCC A C6    1 ? 
HETATM 49  C  C5    . LCC A 1 3  ? -1.501  13.769  4.225   1.000 3.960  0 3   LCC A C5    1 ? 
HETATM 50  C  C5M   . LCC A 1 3  ? -2.534  13.258  5.115   1.000 4.189  0 3   LCC A C5M   1 ? 
HETATM 51  C  C4    . LCC A 1 3  ? -0.117  13.803  4.531   1.000 4.006  0 3   LCC A C4    1 ? 
HETATM 52  N  N4    . LCC A 1 3  ? 0.261   13.317  5.702   1.000 4.139  0 3   LCC A N4    1 ? 
HETATM 53  N  N3    . LCC A 1 3  ? 0.761   14.275  3.597   1.000 3.786  0 3   LCC A N3    1 ? 
HETATM 54  C  C2    . LCC A 1 3  ? 0.358   14.759  2.421   1.000 3.803  0 3   LCC A C2    1 ? 
HETATM 55  O  O2    . LCC A 1 3  ? 1.187   15.185  1.568   1.000 3.734  0 3   LCC A O2    1 ? 
HETATM 56  C  "C3'" . LCC A 1 3  ? -2.568  13.813  -0.237  1.000 4.984  0 3   LCC A "C3'" 1 ? 
HETATM 57  C  "C2'" . LCC A 1 3  ? -1.339  14.645  -0.381  1.000 4.709  0 3   LCC A "C2'" 1 ? 
HETATM 58  O  "O2'" . LCC A 1 3  ? -1.579  15.510  -1.466  1.000 5.195  0 3   LCC A "O2'" 1 ? 
HETATM 59  O  "O3'" . LCC A 1 3  ? -2.905  13.049  -1.448  1.000 5.647  0 3   LCC A "O3'" 1 ? 
HETATM 60  C  "C6'" . LCC A 1 3  ? -3.160  15.776  -1.471  1.000 5.361  0 3   LCC A "C6'" 1 ? 
HETATM 61  P  P     . LCC A 1 3  ? -6.392  13.830  2.023   1.000 7.536  0 3   LCC A P     1 ? 
HETATM 62  O  O1P   . LCC A 1 3  ? -6.181  13.005  3.186   1.000 7.174  0 3   LCC A O1P   1 ? 
HETATM 63  O  O2P   . LCC A 1 3  ? -7.304  13.404  0.940   1.000 7.819  0 3   LCC A O2P   1 ? 
HETATM 64  P  P     . LCG A 1 4  ? -2.594  11.506  -1.564  1.000 6.746  0 4   LCG A P     1 ? 
HETATM 65  O  OP1   . LCG A 1 4  ? -3.288  11.171  -2.875  1.000 6.191  0 4   LCG A OP1   1 ? 
HETATM 66  O  "O5'" . LCG A 1 4  ? -0.990  11.497  -1.650  1.000 5.908  0 4   LCG A "O5'" 1 ? 
HETATM 67  C  "C5'" . LCG A 1 4  ? -0.365  12.073  -2.786  1.000 5.972  0 4   LCG A "C5'" 1 ? 
HETATM 68  C  "C3'" . LCG A 1 4  ? 1.609   10.569  -2.179  1.000 5.684  0 4   LCG A "C3'" 1 ? 
HETATM 69  C  "C6'" . LCG A 1 4  ? 2.032   12.491  -3.685  1.000 5.823  0 4   LCG A "C6'" 1 ? 
HETATM 70  N  N9    . LCG A 1 4  ? 2.466   11.734  0.510   1.000 4.701  0 4   LCG A N9    1 ? 
HETATM 71  C  C8    . LCG A 1 4  ? 1.268   11.585  1.137   1.000 4.723  0 4   LCG A C8    1 ? 
HETATM 72  C  C4    . LCG A 1 4  ? 3.453   11.447  1.362   1.000 4.601  0 4   LCG A C4    1 ? 
HETATM 73  N  N7    . LCG A 1 4  ? 1.494   11.231  2.387   1.000 4.961  0 4   LCG A N7    1 ? 
HETATM 74  C  C5    . LCG A 1 4  ? 2.856   11.108  2.530   1.000 4.692  0 4   LCG A C5    1 ? 
HETATM 75  C  C6    . LCG A 1 4  ? 3.589   10.807  3.608   1.000 5.002  0 4   LCG A C6    1 ? 
HETATM 76  C  "C2'" . LCG A 1 4  ? 3.013   11.064  -1.897  1.000 5.536  0 4   LCG A "C2'" 1 ? 
HETATM 77  O  O6    . LCG A 1 4  ? 3.061   10.554  4.712   1.000 4.980  0 4   LCG A O6    1 ? 
HETATM 78  C  "C4'" . LCG A 1 4  ? 1.142   11.964  -2.518  1.000 5.682  0 4   LCG A "C4'" 1 ? 
HETATM 79  C  "C1'" . LCG A 1 4  ? 2.741   12.120  -0.841  1.000 5.236  0 4   LCG A "C1'" 1 ? 
HETATM 80  C  C2    . LCG A 1 4  ? 5.568   11.081  2.234   1.000 4.728  0 4   LCG A C2    1 ? 
HETATM 81  N  N1    . LCG A 1 4  ? 4.982   10.787  3.452   1.000 4.590  0 4   LCG A N1    1 ? 
HETATM 82  O  "O4'" . LCG A 1 4  ? 1.480   12.703  -1.312  1.000 5.366  0 4   LCG A "O4'" 1 ? 
HETATM 83  O  OP2   . LCG A 1 4  ? -2.831  10.765  -0.331  1.000 6.116  0 4   LCG A OP2   1 ? 
HETATM 84  N  N2    . LCG A 1 4  ? 6.889   10.956  2.208   1.000 4.694  0 4   LCG A N2    1 ? 
HETATM 85  N  N3    . LCG A 1 4  ? 4.790   11.402  1.162   1.000 4.453  0 4   LCG A N3    1 ? 
HETATM 86  O  "O2'" . LCG A 1 4  ? 3.353   11.797  -3.168  1.000 5.890  0 4   LCG A "O2'" 1 ? 
HETATM 87  O  "O3'" . LCG A 1 4  ? 1.510   9.672   -3.300  1.000 6.197  0 4   LCG A "O3'" 1 ? 
ATOM   88  P  P     . A   A 1 5  ? 1.356   8.143   -3.023  1.000 8.547  0 9   A   A P     1 ? 
ATOM   89  O  OP1   . A   A 1 5  ? 0.995   7.668   -4.381  1.000 9.732  0 9   A   A OP1   1 ? 
ATOM   90  O  OP2   . A   A 1 5  ? 0.608   7.654   -1.822  1.000 8.287  0 9   A   A OP2   1 ? 
ATOM   91  O  "O5'" . A   A 1 5  ? 2.855   7.666   -2.739  1.000 6.650  0 9   A   A "O5'" 1 ? 
ATOM   92  C  "C5'" . A   A 1 5  ? 3.922   7.849   -3.667  1.000 6.788  0 9   A   A "C5'" 1 ? 
ATOM   93  C  "C4'" . A   A 1 5  ? 5.238   7.526   -2.992  1.000 6.903  0 9   A   A "C4'" 1 ? 
ATOM   94  O  "O4'" . A   A 1 5  ? 5.453   8.493   -1.939  1.000 6.821  0 9   A   A "O4'" 1 ? 
ATOM   95  C  "C3'" . A   A 1 5  ? 5.323   6.180   -2.280  1.000 7.350  0 9   A   A "C3'" 1 ? 
ATOM   96  O  "O3'" . A   A 1 5  ? 5.613   5.138   -3.184  1.000 8.461  0 9   A   A "O3'" 1 ? 
ATOM   97  C  "C2'" . A   A 1 5  ? 6.475   6.456   -1.326  1.000 7.473  0 9   A   A "C2'" 1 ? 
ATOM   98  O  "O2'" . A   A 1 5  ? 7.627   6.472   -2.133  1.000 7.459  0 9   A   A "O2'" 1 ? 
ATOM   99  C  "C1'" . A   A 1 5  ? 6.074   7.850   -0.822  1.000 7.635  0 9   A   A "C1'" 1 ? 
ATOM   100 N  N9    . A   A 1 5  ? 5.131   7.807   0.277   1.000 7.506  0 9   A   A N9    1 ? 
ATOM   101 C  C8    . A   A 1 5  ? 3.769   7.998   0.280   1.000 7.726  0 9   A   A C8    1 ? 
ATOM   102 N  N7    . A   A 1 5  ? 3.225   7.871   1.465   1.000 8.078  0 9   A   A N7    1 ? 
ATOM   103 C  C5    . A   A 1 5  ? 4.297   7.607   2.298   1.000 8.457  0 9   A   A C5    1 ? 
ATOM   104 C  C6    . A   A 1 5  ? 4.379   7.375   3.680   1.000 9.909  0 9   A   A C6    1 ? 
ATOM   105 N  N6    . A   A 1 5  ? 3.330   7.411   4.493   1.000 10.295 0 9   A   A N6    1 ? 
ATOM   106 N  N1    . A   A 1 5  ? 5.597   7.132   4.206   1.000 10.109 0 9   A   A N1    1 ? 
ATOM   107 C  C2    . A   A 1 5  ? 6.656   7.108   3.383   1.000 10.464 0 9   A   A C2    1 ? 
ATOM   108 N  N3    . A   A 1 5  ? 6.707   7.319   2.071   1.000 9.221  0 9   A   A N3    1 ? 
ATOM   109 C  C4    . A   A 1 5  ? 5.475   7.566   1.586   1.000 8.374  0 9   A   A C4    1 ? 
ATOM   110 P  P     . C   A 1 6  ? 5.087   3.652   -2.925  1.000 9.022  0 10  C   A P     1 ? 
ATOM   111 O  OP1   . C   A 1 6  ? 5.399   2.865   -4.168  1.000 9.866  0 10  C   A OP1   1 ? 
ATOM   112 O  OP2   . C   A 1 6  ? 3.705   3.700   -2.385  1.000 9.013  0 10  C   A OP2   1 ? 
ATOM   113 O  "O5'" . C   A 1 6  ? 5.996   3.196   -1.713  1.000 9.035  0 10  C   A "O5'" 1 ? 
ATOM   114 C  "C5'" . C   A 1 6  ? 7.399   3.052   -1.912  1.000 10.521 0 10  C   A "C5'" 1 ? 
ATOM   115 C  "C4'" . C   A 1 6  ? 8.079   2.880   -0.584  1.000 11.254 0 10  C   A "C4'" 1 ? 
ATOM   116 O  "O4'" . C   A 1 6  ? 7.724   3.990   0.277   1.000 12.488 0 10  C   A "O4'" 1 ? 
ATOM   117 C  "C3'" . C   A 1 6  ? 7.602   1.660   0.202   1.000 12.397 0 10  C   A "C3'" 1 ? 
ATOM   118 O  "O3'" . C   A 1 6  ? 8.291   0.502   -0.237  1.000 15.318 0 10  C   A "O3'" 1 ? 
ATOM   119 C  "C2'" . C   A 1 6  ? 7.991   2.059   1.609   1.000 12.656 0 10  C   A "C2'" 1 ? 
ATOM   120 O  "O2'" . C   A 1 6  ? 9.371   2.010   1.806   1.000 13.151 0 10  C   A "O2'" 1 ? 
ATOM   121 C  "C1'" . C   A 1 6  ? 7.571   3.528   1.618   1.000 11.836 0 10  C   A "C1'" 1 ? 
ATOM   122 N  N1    . C   A 1 6  ? 6.174   3.729   2.064   1.000 11.828 0 10  C   A N1    1 ? 
ATOM   123 C  C2    . C   A 1 6  ? 5.920   3.691   3.437   1.000 11.754 0 10  C   A C2    1 ? 
ATOM   124 O  O2    . C   A 1 6  ? 6.858   3.487   4.205   1.000 13.649 0 10  C   A O2    1 ? 
ATOM   125 N  N3    . C   A 1 6  ? 4.657   3.856   3.884   1.000 12.767 0 10  C   A N3    1 ? 
ATOM   126 C  C4    . C   A 1 6  ? 3.674   4.106   3.019   1.000 11.013 0 10  C   A C4    1 ? 
ATOM   127 N  N4    . C   A 1 6  ? 2.448   4.258   3.502   1.000 11.235 0 10  C   A N4    1 ? 
ATOM   128 C  C5    . C   A 1 6  ? 3.893   4.103   1.609   1.000 11.048 0 10  C   A C5    1 ? 
ATOM   129 C  C6    . C   A 1 6  ? 5.147   3.914   1.180   1.000 11.092 0 10  C   A C6    1 ? 
ATOM   130 P  P     . U   A 1 7  ? 7.656   -0.980  -0.010  1.000 17.568 0 11  U   A P     1 ? 
ATOM   131 O  OP1   . U   A 1 7  ? 8.583   -1.916  -0.698  1.000 17.644 0 11  U   A OP1   1 ? 
ATOM   132 O  OP2   . U   A 1 7  ? 6.238   -0.976  -0.365  1.000 16.714 0 11  U   A OP2   1 ? 
ATOM   133 O  "O5'" . U   A 1 7  ? 7.678   -1.160  1.567   1.000 16.838 0 11  U   A "O5'" 1 ? 
ATOM   134 C  "C5'" . U   A 1 7  ? 8.930   -1.384  2.230   1.000 19.736 0 11  U   A "C5'" 1 ? 
ATOM   135 C  "C4'" . U   A 1 7  ? 8.686   -1.670  3.679   1.000 21.034 0 11  U   A "C4'" 1 ? 
ATOM   136 O  "O4'" . U   A 1 7  ? 8.111   -0.514  4.311   1.000 20.859 0 11  U   A "O4'" 1 ? 
ATOM   137 C  "C3'" . U   A 1 7  ? 7.697   -2.785  3.987   1.000 24.462 0 11  U   A "C3'" 1 ? 
ATOM   138 O  "O3'" . U   A 1 7  ? 8.343   -4.037  3.811   1.000 27.067 0 11  U   A "O3'" 1 ? 
ATOM   139 C  "C2'" . U   A 1 7  ? 7.304   -2.453  5.414   1.000 24.515 0 11  U   A "C2'" 1 ? 
ATOM   140 O  "O2'" . U   A 1 7  ? 8.331   -2.799  6.329   1.000 27.926 0 11  U   A "O2'" 1 ? 
ATOM   141 C  "C1'" . U   A 1 7  ? 7.210   -0.929  5.331   1.000 22.224 0 11  U   A "C1'" 1 ? 
ATOM   142 N  N1    . U   A 1 7  ? 5.882   -0.412  5.010   1.000 18.494 0 11  U   A N1    1 ? 
ATOM   143 C  C2    . U   A 1 7  ? 4.954   -0.374  6.025   1.000 17.990 0 11  U   A C2    1 ? 
ATOM   144 O  O2    . U   A 1 7  ? 5.192   -0.759  7.154   1.000 23.223 0 11  U   A O2    1 ? 
ATOM   145 N  N3    . U   A 1 7  ? 3.752   0.174   5.685   1.000 17.509 0 11  U   A N3    1 ? 
ATOM   146 C  C4    . U   A 1 7  ? 3.375   0.653   4.456   1.000 16.699 0 11  U   A C4    1 ? 
ATOM   147 O  O4    . U   A 1 7  ? 2.244   1.093   4.307   1.000 15.482 0 11  U   A O4    1 ? 
ATOM   148 C  C5    . U   A 1 7  ? 4.377   0.546   3.444   1.000 16.242 0 11  U   A C5    1 ? 
ATOM   149 C  C6    . U   A 1 7  ? 5.563   0.019   3.744   1.000 18.074 0 11  U   A C6    1 ? 
ATOM   150 P  P     . U   A 1 8  ? 7.481   -5.330  3.398   1.000 29.300 0 12  U   A P     1 ? 
ATOM   151 O  OP1   . U   A 1 8  ? 8.462   -6.416  3.148   1.000 29.530 0 12  U   A OP1   1 ? 
ATOM   152 O  OP2   . U   A 1 8  ? 6.504   -4.945  2.349   1.000 25.796 0 12  U   A OP2   1 ? 
ATOM   153 O  "O5'" . U   A 1 8  ? 6.579   -5.593  4.680   1.000 26.259 0 12  U   A "O5'" 1 ? 
ATOM   154 C  "C5'" . U   A 1 8  ? 7.214   -5.950  5.912   1.000 30.355 0 12  U   A "C5'" 1 ? 
ATOM   155 C  "C4'" . U   A 1 8  ? 6.199   -5.991  7.005   1.000 31.630 0 12  U   A "C4'" 1 ? 
ATOM   156 O  "O4'" . U   A 1 8  ? 5.740   -4.649  7.297   1.000 31.219 0 12  U   A "O4'" 1 ? 
ATOM   157 C  "C3'" . U   A 1 8  ? 4.918   -6.763  6.728   1.000 35.634 0 12  U   A "C3'" 1 ? 
ATOM   158 O  "O3'" . U   A 1 8  ? 5.103   -8.180  6.764   1.000 39.755 0 12  U   A "O3'" 1 ? 
ATOM   159 C  "C2'" . U   A 1 8  ? 4.004   -6.183  7.802   1.000 35.702 0 12  U   A "C2'" 1 ? 
ATOM   160 O  "O2'" . U   A 1 8  ? 4.154   -6.694  9.123   1.000 35.139 0 12  U   A "O2'" 1 ? 
ATOM   161 C  "C1'" . U   A 1 8  ? 4.387   -4.701  7.719   1.000 30.691 0 12  U   A "C1'" 1 ? 
ATOM   162 N  N1    . U   A 1 8  ? 3.574   -3.966  6.745   1.000 29.094 0 12  U   A N1    1 ? 
ATOM   163 C  C2    . U   A 1 8  ? 2.343   -3.501  7.164   1.000 29.131 0 12  U   A C2    1 ? 
ATOM   164 O  O2    . U   A 1 8  ? 1.917   -3.673  8.295   1.000 32.981 0 12  U   A O2    1 ? 
ATOM   165 N  N3    . U   A 1 8  ? 1.631   -2.819  6.211   1.000 25.950 0 12  U   A N3    1 ? 
ATOM   166 C  C4    . U   A 1 8  ? 2.001   -2.583  4.903   1.000 25.829 0 12  U   A C4    1 ? 
ATOM   167 O  O4    . U   A 1 8  ? 1.244   -1.958  4.168   1.000 22.699 0 12  U   A O4    1 ? 
ATOM   168 C  C5    . U   A 1 8  ? 3.277   -3.114  4.540   1.000 24.164 0 12  U   A C5    1 ? 
ATOM   169 C  C6    . U   A 1 8  ? 4.006   -3.765  5.450   1.000 26.727 0 12  U   A C6    1 ? 
ATOM   170 P  P     . A   A 1 9  ? 4.166   -9.159  5.884   1.000 38.813 0 13  A   A P     1 ? 
ATOM   171 O  OP1   . A   A 1 9  ? 4.649   -10.534 6.146   1.000 48.717 0 13  A   A OP1   1 ? 
ATOM   172 O  OP2   . A   A 1 9  ? 4.119   -8.662  4.487   1.000 43.373 0 13  A   A OP2   1 ? 
ATOM   173 O  "O5'" . A   A 1 9  ? 2.739   -8.994  6.554   1.000 36.268 0 13  A   A "O5'" 1 ? 
ATOM   174 C  "C5'" . A   A 1 9  ? 2.589   -9.412  7.910   1.000 34.595 0 13  A   A "C5'" 1 ? 
ATOM   175 C  "C4'" . A   A 1 9  ? 1.190   -9.148  8.375   1.000 36.341 0 13  A   A "C4'" 1 ? 
ATOM   176 O  "O4'" . A   A 1 9  ? 0.981   -7.723  8.511   1.000 34.337 0 13  A   A "O4'" 1 ? 
ATOM   177 C  "C3'" . A   A 1 9  ? 0.063   -9.618  7.466   1.000 38.519 0 13  A   A "C3'" 1 ? 
ATOM   178 O  "O3'" . A   A 1 9  ? -0.171  -11.011 7.630   1.000 41.630 0 13  A   A "O3'" 1 ? 
ATOM   179 C  "C2'" . A   A 1 9  ? -1.090  -8.728  7.920   1.000 38.352 0 13  A   A "C2'" 1 ? 
ATOM   180 O  "O2'" . A   A 1 9  ? -1.847  -9.124  9.050   1.000 41.491 0 13  A   A "O2'" 1 ? 
ATOM   181 C  "C1'" . A   A 1 9  ? -0.359  -7.412  8.183   1.000 35.511 0 13  A   A "C1'" 1 ? 
ATOM   182 N  N9    . A   A 1 9  ? -0.342  -6.581  6.986   1.000 32.113 0 13  A   A N9    1 ? 
ATOM   183 C  C8    . A   A 1 9  ? 0.609   -6.519  5.997   1.000 29.062 0 13  A   A C8    1 ? 
ATOM   184 N  N7    . A   A 1 9  ? 0.316   -5.679  5.036   1.000 29.188 0 13  A   A N7    1 ? 
ATOM   185 C  C5    . A   A 1 9  ? -0.932  -5.189  5.394   1.000 27.530 0 13  A   A C5    1 ? 
ATOM   186 C  C6    . A   A 1 9  ? -1.787  -4.262  4.789   1.000 26.097 0 13  A   A C6    1 ? 
ATOM   187 N  N6    . A   A 1 9  ? -1.507  -3.642  3.643   1.000 26.667 0 13  A   A N6    1 ? 
ATOM   188 N  N1    . A   A 1 9  ? -2.957  -3.988  5.407   1.000 28.713 0 13  A   A N1    1 ? 
ATOM   189 C  C2    . A   A 1 9  ? -3.231  -4.605  6.562   1.000 26.479 0 13  A   A C2    1 ? 
ATOM   190 N  N3    . A   A 1 9  ? -2.505  -5.495  7.230   1.000 28.719 0 13  A   A N3    1 ? 
ATOM   191 C  C4    . A   A 1 9  ? -1.348  -5.736  6.592   1.000 28.582 0 13  A   A C4    1 ? 
ATOM   192 P  P     . A   A 1 10 ? -0.689  -11.900 6.407   1.000 44.541 0 14  A   A P     1 ? 
ATOM   193 O  OP1   . A   A 1 10 ? -0.835  -13.289 6.907   1.000 48.960 0 14  A   A OP1   1 ? 
ATOM   194 O  OP2   . A   A 1 10 ? 0.200   -11.674 5.237   1.000 44.072 0 14  A   A OP2   1 ? 
ATOM   195 O  "O5'" . A   A 1 10 ? -2.180  -11.386 6.230   1.000 38.649 0 14  A   A "O5'" 1 ? 
ATOM   196 C  "C5'" . A   A 1 10 ? -3.155  -11.909 7.124   1.000 39.894 0 14  A   A "C5'" 1 ? 
ATOM   197 C  "C4'" . A   A 1 10 ? -4.416  -11.116 7.029   1.000 41.194 0 14  A   A "C4'" 1 ? 
ATOM   198 O  "O4'" . A   A 1 10 ? -4.112  -9.706  7.159   1.000 38.953 0 14  A   A "O4'" 1 ? 
ATOM   199 C  "C3'" . A   A 1 10 ? -5.160  -11.216 5.705   1.000 42.267 0 14  A   A "C3'" 1 ? 
ATOM   200 O  "O3'" . A   A 1 10 ? -5.896  -12.431 5.573   1.000 45.954 0 14  A   A "O3'" 1 ? 
ATOM   201 C  "C2'" . A   A 1 10 ? -6.004  -9.950  5.746   1.000 41.250 0 14  A   A "C2'" 1 ? 
ATOM   202 O  "O2'" . A   A 1 10 ? -7.224  -9.926  6.473   1.000 40.485 0 14  A   A "O2'" 1 ? 
ATOM   203 C  "C1'" . A   A 1 10 ? -4.992  -8.963  6.328   1.000 38.439 0 14  A   A "C1'" 1 ? 
ATOM   204 N  N9    . A   A 1 10 ? -4.212  -8.339  5.264   1.000 33.719 0 14  A   A N9    1 ? 
ATOM   205 C  C8    . A   A 1 10 ? -2.967  -8.655  4.778   1.000 31.672 0 14  A   A C8    1 ? 
ATOM   206 N  N7    . A   A 1 10 ? -2.578  -7.890  3.786   1.000 31.021 0 14  A   A N7    1 ? 
ATOM   207 C  C5    . A   A 1 10 ? -3.644  -7.022  3.600   1.000 28.868 0 14  A   A C5    1 ? 
ATOM   208 C  C6    . A   A 1 10 ? -3.855  -5.968  2.701   1.000 28.184 0 14  A   A C6    1 ? 
ATOM   209 N  N6    . A   A 1 10 ? -2.962  -5.591  1.790   1.000 28.137 0 14  A   A N6    1 ? 
ATOM   210 N  N1    . A   A 1 10 ? -5.020  -5.291  2.787   1.000 26.211 0 14  A   A N1    1 ? 
ATOM   211 C  C2    . A   A 1 10 ? -5.921  -5.678  3.699   1.000 28.043 0 14  A   A C2    1 ? 
ATOM   212 N  N3    . A   A 1 10 ? -5.836  -6.653  4.599   1.000 26.871 0 14  A   A N3    1 ? 
ATOM   213 C  C4    . A   A 1 10 ? -4.659  -7.293  4.496   1.000 30.346 0 14  A   A C4    1 ? 
ATOM   214 P  P     . G   A 1 11 ? -5.935  -13.171 4.168   1.000 47.711 0 15  G   A P     1 ? 
ATOM   215 O  OP1   . G   A 1 11 ? -6.596  -14.532 4.329   1.000 51.290 0 15  G   A OP1   1 ? 
ATOM   216 O  OP2   . G   A 1 11 ? -4.536  -13.211 3.596   1.000 51.521 0 15  G   A OP2   1 ? 
ATOM   217 O  "O5'" . G   A 1 11 ? -6.871  -12.230 3.259   1.000 38.946 0 15  G   A "O5'" 1 ? 
ATOM   218 C  "C5'" . G   A 1 11 ? -8.254  -12.097 3.619   1.000 34.705 0 15  G   A "C5'" 1 ? 
ATOM   219 C  "C4'" . G   A 1 11 ? -8.817  -10.870 2.958   1.000 32.728 0 15  G   A "C4'" 1 ? 
ATOM   220 O  "O4'" . G   A 1 11 ? -7.901  -9.775  3.168   1.000 33.193 0 15  G   A "O4'" 1 ? 
ATOM   221 C  "C3'" . G   A 1 11 ? -8.952  -10.869 1.435   1.000 31.188 0 15  G   A "C3'" 1 ? 
ATOM   222 O  "O3'" . G   A 1 11 ? -10.060 -11.601 0.921   1.000 30.655 0 15  G   A "O3'" 1 ? 
ATOM   223 C  "C2'" . G   A 1 11 ? -9.149  -9.371  1.203   1.000 30.417 0 15  G   A "C2'" 1 ? 
ATOM   224 O  "O2'" . G   A 1 11 ? -10.439 -8.906  1.537   1.000 30.865 0 15  G   A "O2'" 1 ? 
ATOM   225 C  "C1'" . G   A 1 11 ? -8.079  -8.821  2.138   1.000 30.324 0 15  G   A "C1'" 1 ? 
ATOM   226 N  N9    . G   A 1 11 ? -6.795  -8.589  1.479   1.000 25.962 0 15  G   A N9    1 ? 
ATOM   227 C  C8    . G   A 1 11 ? -5.606  -9.256  1.633   1.000 26.002 0 15  G   A C8    1 ? 
ATOM   228 N  N7    . G   A 1 11 ? -4.637  -8.785  0.886   1.000 26.046 0 15  G   A N7    1 ? 
ATOM   229 C  C5    . G   A 1 11 ? -5.238  -7.738  0.191   1.000 23.198 0 15  G   A C5    1 ? 
ATOM   230 C  C6    . G   A 1 11 ? -4.698  -6.847  -0.774  1.000 18.086 0 15  G   A C6    1 ? 
ATOM   231 O  O6    . G   A 1 11 ? -3.540  -6.786  -1.179  1.000 16.992 0 15  G   A O6    1 ? 
ATOM   232 N  N1    . G   A 1 11 ? -5.640  -5.922  -1.185  1.000 15.788 0 15  G   A N1    1 ? 
ATOM   233 C  C2    . G   A 1 11 ? -6.953  -5.911  -0.807  1.000 19.719 0 15  G   A C2    1 ? 
ATOM   234 N  N2    . G   A 1 11 ? -7.729  -4.970  -1.344  1.000 19.005 0 15  G   A N2    1 ? 
ATOM   235 N  N3    . G   A 1 11 ? -7.472  -6.740  0.103   1.000 20.123 0 15  G   A N3    1 ? 
ATOM   236 C  C4    . G   A 1 11 ? -6.554  -7.608  0.555   1.000 21.424 0 15  G   A C4    1 ? 
ATOM   237 P  P     . U   A 1 12 ? -9.962  -12.341 -0.505  1.000 29.194 0 16  U   A P     1 ? 
ATOM   238 O  OP1   . U   A 1 12 ? -11.084 -13.325 -0.549  1.000 28.662 0 16  U   A OP1   1 ? 
ATOM   239 O  OP2   . U   A 1 12 ? -8.583  -12.797 -0.733  1.000 25.110 0 16  U   A OP2   1 ? 
ATOM   240 O  "O5'" . U   A 1 12 ? -10.388 -11.211 -1.523  1.000 24.542 0 16  U   A "O5'" 1 ? 
ATOM   241 C  "C5'" . U   A 1 12 ? -11.570 -10.458 -1.310  1.000 23.410 0 16  U   A "C5'" 1 ? 
ATOM   242 C  "C4'" . U   A 1 12 ? -11.598 -9.319  -2.282  1.000 23.005 0 16  U   A "C4'" 1 ? 
ATOM   243 O  "O4'" . U   A 1 12 ? -10.624 -8.308  -1.905  1.000 23.444 0 16  U   A "O4'" 1 ? 
ATOM   244 C  "C3'" . U   A 1 12 ? -11.218 -9.661  -3.712  1.000 20.138 0 16  U   A "C3'" 1 ? 
ATOM   245 O  "O3'" . U   A 1 12 ? -12.229 -10.350 -4.451  1.000 18.512 0 16  U   A "O3'" 1 ? 
ATOM   246 C  "C2'" . U   A 1 12 ? -10.910 -8.276  -4.251  1.000 19.419 0 16  U   A "C2'" 1 ? 
ATOM   247 O  "O2'" . U   A 1 12 ? -12.056 -7.513  -4.590  1.000 17.948 0 16  U   A "O2'" 1 ? 
ATOM   248 C  "C1'" . U   A 1 12 ? -10.100 -7.696  -3.091  1.000 19.334 0 16  U   A "C1'" 1 ? 
ATOM   249 N  N1    . U   A 1 12 ? -8.662  -8.001  -3.179  1.000 17.605 0 16  U   A N1    1 ? 
ATOM   250 C  C2    . U   A 1 12 ? -7.902  -7.195  -4.010  1.000 16.174 0 16  U   A C2    1 ? 
ATOM   251 O  O2    . U   A 1 12 ? -8.387  -6.301  -4.673  1.000 15.726 0 16  U   A O2    1 ? 
ATOM   252 N  N3    . U   A 1 12 ? -6.564  -7.496  -4.042  1.000 15.201 0 16  U   A N3    1 ? 
ATOM   253 C  C4    . U   A 1 12 ? -5.921  -8.492  -3.352  1.000 16.159 0 16  U   A C4    1 ? 
ATOM   254 O  O4    . U   A 1 12 ? -4.715  -8.649  -3.497  1.000 15.931 0 16  U   A O4    1 ? 
ATOM   255 C  C5    . U   A 1 12 ? -6.774  -9.284  -2.516  1.000 17.023 0 16  U   A C5    1 ? 
ATOM   256 C  C6    . U   A 1 12 ? -8.087  -9.035  -2.487  1.000 15.993 0 16  U   A C6    1 ? 
ATOM   257 P  P     . C   A 1 13 ? -11.852 -11.402 -5.589  1.000 17.855 0 17  C   A P     1 ? 
ATOM   258 O  OP1   . C   A 1 13 ? -13.135 -12.004 -6.114  1.000 20.851 0 17  C   A OP1   1 ? 
ATOM   259 O  OP2   . C   A 1 13 ? -10.703 -12.227 -5.192  1.000 16.678 0 17  C   A OP2   1 ? 
ATOM   260 O  "O5'" . C   A 1 13 ? -11.359 -10.462 -6.778  1.000 15.757 0 17  C   A "O5'" 1 ? 
ATOM   261 C  "C5'" . C   A 1 13 ? -12.211 -9.461  -7.283  1.000 12.336 0 17  C   A "C5'" 1 ? 
ATOM   262 C  "C4'" . C   A 1 13 ? -11.394 -8.569  -8.193  1.000 11.531 0 17  C   A "C4'" 1 ? 
ATOM   263 O  "O4'" . C   A 1 13 ? -10.384 -7.862  -7.431  1.000 11.114 0 17  C   A "O4'" 1 ? 
ATOM   264 C  "C3'" . C   A 1 13 ? -10.590 -9.265  -9.288  1.000 10.385 0 17  C   A "C3'" 1 ? 
ATOM   265 O  "O3'" . C   A 1 13 ? -11.399 -9.670  -10.373 1.000 10.590 0 17  C   A "O3'" 1 ? 
ATOM   266 C  "C2'" . C   A 1 13 ? -9.596  -8.168  -9.666  1.000 9.451  0 17  C   A "C2'" 1 ? 
ATOM   267 O  "O2'" . C   A 1 13 ? -10.251 -7.185  -10.425 1.000 8.559  0 17  C   A "O2'" 1 ? 
ATOM   268 C  "C1'" . C   A 1 13 ? -9.233  -7.638  -8.276  1.000 9.734  0 17  C   A "C1'" 1 ? 
ATOM   269 N  N1    . C   A 1 13 ? -8.086  -8.370  -7.721  1.000 10.084 0 17  C   A N1    1 ? 
ATOM   270 C  C2    . C   A 1 13 ? -6.805  -8.006  -8.158  1.000 9.951  0 17  C   A C2    1 ? 
ATOM   271 O  O2    . C   A 1 13 ? -6.699  -7.091  -8.987  1.000 8.016  0 17  C   A O2    1 ? 
ATOM   272 N  N3    . C   A 1 13 ? -5.728  -8.659  -7.662  1.000 9.523  0 17  C   A N3    1 ? 
ATOM   273 C  C4    . C   A 1 13 ? -5.899  -9.639  -6.769  1.000 10.860 0 17  C   A C4    1 ? 
ATOM   274 N  N4    . C   A 1 13 ? -4.819  -10.274 -6.326  1.000 11.820 0 17  C   A N4    1 ? 
ATOM   275 C  C5    . C   A 1 13 ? -7.199  -10.072 -6.364  1.000 10.916 0 17  C   A C5    1 ? 
ATOM   276 C  C6    . C   A 1 13 ? -8.251  -9.413  -6.859  1.000 10.272 0 17  C   A C6    1 ? 
HETATM 277 P  P     . LCG A 1 14 ? -11.087 -11.077 -11.020 1.000 10.935 0 19  LCG A P     1 ? 
HETATM 278 O  OP1   . LCG A 1 14 ? -12.020 -11.145 -12.096 1.000 9.386  0 19  LCG A OP1   1 ? 
HETATM 279 O  "O5'" . LCG A 1 14 ? -9.581  -10.927 -11.768 1.000 7.994  0 19  LCG A "O5'" 1 ? 
HETATM 280 C  "C5'" . LCG A 1 14 ? -9.579  -9.983  -12.844 1.000 6.730  0 19  LCG A "C5'" 1 ? 
HETATM 281 C  "C3'" . LCG A 1 14 ? -7.133  -10.820 -13.498 1.000 5.700  0 19  LCG A "C3'" 1 ? 
HETATM 282 C  "C6'" . LCG A 1 14 ? -7.893  -8.795  -14.362 1.000 6.006  0 19  LCG A "C6'" 1 ? 
HETATM 283 N  N9    . LCG A 1 14 ? -5.392  -10.069 -11.140 1.000 5.187  0 19  LCG A N9    1 ? 
HETATM 284 C  C8    . LCG A 1 14 ? -6.000  -10.855 -10.178 1.000 5.507  0 19  LCG A C8    1 ? 
HETATM 285 C  C4    . LCG A 1 14 ? -4.090  -10.139 -10.956 1.000 4.953  0 19  LCG A C4    1 ? 
HETATM 286 N  N7    . LCG A 1 14 ? -5.044  -11.433 -9.410  1.000 5.521  0 19  LCG A N7    1 ? 
HETATM 287 C  C5    . LCG A 1 14 ? -3.836  -10.951 -9.912  1.000 4.942  0 19  LCG A C5    1 ? 
HETATM 288 C  C6    . LCG A 1 14 ? -2.582  -11.174 -9.523  1.000 4.773  0 19  LCG A C6    1 ? 
HETATM 289 C  "C2'" . LCG A 1 14 ? -5.939  -9.913  -13.648 1.000 5.507  0 19  LCG A "C2'" 1 ? 
HETATM 290 O  O6    . LCG A 1 14 ? -2.318  -11.930 -8.561  1.000 4.532  0 19  LCG A O6    1 ? 
HETATM 291 C  "C4'" . LCG A 1 14 ? -8.081  -9.698  -13.160 1.000 5.957  0 19  LCG A "C4'" 1 ? 
HETATM 292 C  "C1'" . LCG A 1 14 ? -5.960  -9.234  -12.263 1.000 5.344  0 19  LCG A "C1'" 1 ? 
HETATM 293 C  C2    . LCG A 1 14 ? -1.852  -9.770  -11.272 1.000 4.519  0 19  LCG A C2    1 ? 
HETATM 294 N  N1    . LCG A 1 14 ? -1.571  -10.571 -10.193 1.000 4.322  0 19  LCG A N1    1 ? 
HETATM 295 O  "O4'" . LCG A 1 14 ? -7.412  -9.109  -11.963 1.000 5.681  0 19  LCG A "O4'" 1 ? 
HETATM 296 O  OP2   . LCG A 1 14 ? -10.899 -12.166 -10.029 1.000 8.956  0 19  LCG A OP2   1 ? 
HETATM 297 N  N2    . LCG A 1 14 ? -0.857  -9.219  -11.925 1.000 4.413  0 19  LCG A N2    1 ? 
HETATM 298 N  N3    . LCG A 1 14 ? -3.135  -9.534  -11.685 1.000 4.429  0 19  LCG A N3    1 ? 
HETATM 299 O  "O2'" . LCG A 1 14 ? -6.403  -8.954  -14.585 1.000 5.841  0 19  LCG A "O2'" 1 ? 
HETATM 300 O  "O3'" . LCG A 1 14 ? -7.477  -11.521 -14.687 1.000 5.426  0 19  LCG A "O3'" 1 ? 
HETATM 301 N  N1    . LKC B 1 1  ? 5.724   -19.778 -6.511  1.000 7.846  0 1   LKC B N1    1 ? 
HETATM 302 C  C2    . LKC B 1 1  ? 5.018   -19.257 -7.562  1.000 7.062  0 1   LKC B C2    1 ? 
HETATM 303 N  N3    . LKC B 1 1  ? 3.697   -19.142 -7.476  1.000 7.242  0 1   LKC B N3    1 ? 
HETATM 304 C  C4    . LKC B 1 1  ? 3.047   -19.576 -6.410  1.000 8.124  0 1   LKC B C4    1 ? 
HETATM 305 C  C5    . LKC B 1 1  ? 3.731   -20.120 -5.274  1.000 8.140  0 1   LKC B C5    1 ? 
HETATM 306 C  C6    . LKC B 1 1  ? 5.069   -20.180 -5.351  1.000 7.950  0 1   LKC B C6    1 ? 
HETATM 307 O  O2    . LKC B 1 1  ? 5.634   -18.839 -8.557  1.000 6.431  0 1   LKC B O2    1 ? 
HETATM 308 N  N4    . LKC B 1 1  ? 1.742   -19.508 -6.369  1.000 8.678  0 1   LKC B N4    1 ? 
HETATM 309 C  "C1'" . LKC B 1 1  ? 7.153   -19.891 -6.610  1.000 8.892  0 1   LKC B "C1'" 1 ? 
HETATM 310 C  "C2'" . LKC B 1 1  ? 7.957   -18.624 -6.386  1.000 8.932  0 1   LKC B "C2'" 1 ? 
HETATM 311 C  "C3'" . LKC B 1 1  ? 8.067   -18.631 -4.857  1.000 9.111  0 1   LKC B "C3'" 1 ? 
HETATM 312 C  "C4'" . LKC B 1 1  ? 8.685   -20.053 -4.945  1.000 9.370  0 1   LKC B "C4'" 1 ? 
HETATM 313 O  "O4'" . LKC B 1 1  ? 7.652   -20.805 -5.567  1.000 8.933  0 1   LKC B "O4'" 1 ? 
HETATM 314 O  "O3'" . LKC B 1 1  ? 8.988   -17.640 -4.449  1.000 10.254 0 1   LKC B "O3'" 1 ? 
HETATM 315 C  "C5'" . LKC B 1 1  ? 9.059   -20.711 -3.608  1.000 9.907  0 1   LKC B "C5'" 1 ? 
HETATM 316 O  "O5'" . LKC B 1 1  ? 7.936   -20.566 -2.730  1.000 11.575 0 1   LKC B "O5'" 1 ? 
HETATM 317 C  C5A   . LKC B 1 1  ? 3.127   -20.607 -4.102  1.000 9.285  0 1   LKC B C5A   1 ? 
HETATM 318 O  "O2'" . LKC B 1 1  ? 9.240   -18.914 -6.929  1.000 9.610  0 1   LKC B "O2'" 1 ? 
HETATM 319 C  "C6'" . LKC B 1 1  ? 9.821   -19.850 -5.843  1.000 9.454  0 1   LKC B "C6'" 1 ? 
HETATM 320 O  "O5'" . LCC B 1 2  ? 8.307   -15.507 -5.621  1.000 7.418  0 2   LCC B "O5'" 1 ? 
HETATM 321 C  "C5'" . LCC B 1 2  ? 9.313   -15.304 -6.555  1.000 7.492  0 2   LCC B "C5'" 1 ? 
HETATM 322 C  "C4'" . LCC B 1 2  ? 8.591   -14.756 -7.768  1.000 7.272  0 2   LCC B "C4'" 1 ? 
HETATM 323 O  "O4'" . LCC B 1 2  ? 7.628   -15.691 -8.205  1.000 7.077  0 2   LCC B "O4'" 1 ? 
HETATM 324 C  "C1'" . LCC B 1 2  ? 6.673   -14.919 -9.042  1.000 6.283  0 2   LCC B "C1'" 1 ? 
HETATM 325 N  N1    . LCC B 1 2  ? 5.307   -15.087 -8.520  1.000 5.544  0 2   LCC B N1    1 ? 
HETATM 326 C  C6    . LCC B 1 2  ? 5.001   -15.614 -7.237  1.000 5.129  0 2   LCC B C6    1 ? 
HETATM 327 C  C5    . LCC B 1 2  ? 3.715   -15.762 -6.844  1.000 5.100  0 2   LCC B C5    1 ? 
HETATM 328 C  C5M   . LCC B 1 2  ? 3.417   -16.261 -5.515  1.000 5.466  0 2   LCC B C5M   1 ? 
HETATM 329 C  C4    . LCC B 1 2  ? 2.706   -15.391 -7.783  1.000 4.872  0 2   LCC B C4    1 ? 
HETATM 330 N  N4    . LCC B 1 2  ? 1.440   -15.534 -7.403  1.000 5.082  0 2   LCC B N4    1 ? 
HETATM 331 N  N3    . LCC B 1 2  ? 3.045   -14.863 -8.995  1.000 4.731  0 2   LCC B N3    1 ? 
HETATM 332 C  C2    . LCC B 1 2  ? 4.298   -14.731 -9.344  1.000 4.789  0 2   LCC B C2    1 ? 
HETATM 333 O  O2    . LCC B 1 2  ? 4.650   -14.229 -10.415 1.000 5.126  0 2   LCC B O2    1 ? 
HETATM 334 C  "C3'" . LCC B 1 2  ? 7.764   -13.485 -7.526  1.000 7.046  0 2   LCC B "C3'" 1 ? 
HETATM 335 C  "C2'" . LCC B 1 2  ? 7.277   -13.540 -9.001  1.000 6.666  0 2   LCC B "C2'" 1 ? 
HETATM 336 O  "O2'" . LCC B 1 2  ? 8.487   -13.613 -9.767  1.000 7.219  0 2   LCC B "O2'" 1 ? 
HETATM 337 O  "O3'" . LCC B 1 2  ? 8.562   -12.265 -7.239  1.000 8.190  0 2   LCC B "O3'" 1 ? 
HETATM 338 C  "C6'" . LCC B 1 2  ? 9.488   -14.410 -8.942  1.000 7.704  0 2   LCC B "C6'" 1 ? 
HETATM 339 P  P     . LCC B 1 2  ? 8.624   -16.140 -4.129  1.000 8.826  0 2   LCC B P     1 ? 
HETATM 340 O  O1P   . LCC B 1 2  ? 9.855   -15.486 -3.639  1.000 7.873  0 2   LCC B O1P   1 ? 
HETATM 341 O  O2P   . LCC B 1 2  ? 7.315   -16.072 -3.519  1.000 8.249  0 2   LCC B O2P   1 ? 
HETATM 342 O  "O5'" . LCC B 1 3  ? 7.046   -10.451 -7.673  1.000 7.235  0 3   LCC B "O5'" 1 ? 
HETATM 343 C  "C5'" . LCC B 1 3  ? 7.704   -9.918  -8.817  1.000 5.992  0 3   LCC B "C5'" 1 ? 
HETATM 344 C  "C4'" . LCC B 1 3  ? 6.581   -9.596  -9.781  1.000 5.541  0 3   LCC B "C4'" 1 ? 
HETATM 345 O  "O4'" . LCC B 1 3  ? 5.739   -10.657 -10.080 1.000 5.070  0 3   LCC B "O4'" 1 ? 
HETATM 346 C  "C1'" . LCC B 1 3  ? 4.454   -10.074 -10.523 1.000 4.874  0 3   LCC B "C1'" 1 ? 
HETATM 347 N  N1    . LCC B 1 3  ? 3.379   -10.538 -9.626  1.000 4.410  0 3   LCC B N1    1 ? 
HETATM 348 C  C6    . LCC B 1 3  ? 3.653   -11.152 -8.397  1.000 4.324  0 3   LCC B C6    1 ? 
HETATM 349 C  C5    . LCC B 1 3  ? 2.641   -11.620 -7.611  1.000 4.470  0 3   LCC B C5    1 ? 
HETATM 350 C  C5M   . LCC B 1 3  ? 3.024   -12.241 -6.363  1.000 4.739  0 3   LCC B C5M   1 ? 
HETATM 351 C  C4    . LCC B 1 3  ? 1.315   -11.581 -8.160  1.000 4.482  0 3   LCC B C4    1 ? 
HETATM 352 N  N4    . LCC B 1 3  ? 0.372   -12.080 -7.397  1.000 4.831  0 3   LCC B N4    1 ? 
HETATM 353 N  N3    . LCC B 1 3  ? 1.075   -10.921 -9.341  1.000 4.270  0 3   LCC B N3    1 ? 
HETATM 354 C  C2    . LCC B 1 3  ? 2.086   -10.423 -10.056 1.000 4.192  0 3   LCC B C2    1 ? 
HETATM 355 O  O2    . LCC B 1 3  ? 1.912   -9.829  -11.163 1.000 4.042  0 3   LCC B O2    1 ? 
HETATM 356 C  "C3'" . LCC B 1 3  ? 5.599   -8.504  -9.259  1.000 5.459  0 3   LCC B "C3'" 1 ? 
HETATM 357 C  "C2'" . LCC B 1 3  ? 4.793   -8.612  -10.522 1.000 5.047  0 3   LCC B "C2'" 1 ? 
HETATM 358 O  "O2'" . LCC B 1 3  ? 5.725   -8.391  -11.592 1.000 5.603  0 3   LCC B "O2'" 1 ? 
HETATM 359 O  "O3'" . LCC B 1 3  ? 6.242   -7.218  -9.076  1.000 6.379  0 3   LCC B "O3'" 1 ? 
HETATM 360 C  "C6'" . LCC B 1 3  ? 7.134   -8.897  -11.045 1.000 5.649  0 3   LCC B "C6'" 1 ? 
HETATM 361 P  P     . LCC B 1 3  ? 7.856   -11.149 -6.461  1.000 8.003  0 3   LCC B P     1 ? 
HETATM 362 O  O1P   . LCC B 1 3  ? 9.049   -10.275 -6.199  1.000 8.463  0 3   LCC B O1P   1 ? 
HETATM 363 O  O2P   . LCC B 1 3  ? 6.940   -11.483 -5.407  1.000 7.629  0 3   LCC B O2P   1 ? 
HETATM 364 P  P     . LCG B 1 4  ? 5.682   -6.109  -8.117  1.000 7.109  0 4   LCG B P     1 ? 
HETATM 365 O  OP1   . LCG B 1 4  ? 6.812   -5.069  -8.147  1.000 7.457  0 4   LCG B OP1   1 ? 
HETATM 366 O  "O5'" . LCG B 1 4  ? 4.330   -5.674  -8.865  1.000 6.299  0 4   LCG B "O5'" 1 ? 
HETATM 367 C  "C5'" . LCG B 1 4  ? 4.465   -4.976  -10.124 1.000 6.275  0 4   LCG B "C5'" 1 ? 
HETATM 368 C  "C3'" . LCG B 1 4  ? 2.120   -4.097  -9.559  1.000 5.963  0 4   LCG B "C3'" 1 ? 
HETATM 369 C  "C6'" . LCG B 1 4  ? 2.871   -4.008  -11.967 1.000 6.285  0 4   LCG B "C6'" 1 ? 
HETATM 370 N  N9    . LCG B 1 4  ? 0.452   -6.625  -9.610  1.000 4.878  0 4   LCG B N9    1 ? 
HETATM 371 C  C8    . LCG B 1 4  ? 1.188   -7.281  -8.662  1.000 4.864  0 4   LCG B C8    1 ? 
HETATM 372 C  C4    . LCG B 1 4  ? -0.827  -6.882  -9.396  1.000 4.748  0 4   LCG B C4    1 ? 
HETATM 373 N  N7    . LCG B 1 4  ? 0.389   -7.974  -7.887  1.000 4.967  0 4   LCG B N7    1 ? 
HETATM 374 C  C5    . LCG B 1 4  ? -0.901  -7.721  -8.326  1.000 4.832  0 4   LCG B C5    1 ? 
HETATM 375 C  C6    . LCG B 1 4  ? -2.123  -8.170  -7.927  1.000 5.326  0 4   LCG B C6    1 ? 
HETATM 376 C  "C2'" . LCG B 1 4  ? 0.909   -4.268  -10.469 1.000 5.889  0 4   LCG B "C2'" 1 ? 
HETATM 377 O  O6    . LCG B 1 4  ? -2.302  -8.977  -6.991  1.000 5.408  0 4   LCG B O6    1 ? 
HETATM 378 C  "C4'" . LCG B 1 4  ? 3.006   -4.767  -10.610 1.000 6.020  0 4   LCG B "C4'" 1 ? 
HETATM 379 C  "C1'" . LCG B 1 4  ? 0.896   -5.747  -10.673 1.000 5.465  0 4   LCG B "C1'" 1 ? 
HETATM 380 C  C2    . LCG B 1 4  ? -3.134  -6.854  -9.645  1.000 4.810  0 4   LCG B C2    1 ? 
HETATM 381 N  N1    . LCG B 1 4  ? -3.265  -7.723  -8.584  1.000 4.788  0 4   LCG B N1    1 ? 
HETATM 382 O  "O4'" . LCG B 1 4  ? 2.339   -6.045  -10.789 1.000 5.656  0 4   LCG B "O4'" 1 ? 
HETATM 383 O  OP2   . LCG B 1 4  ? 5.197   -6.674  -6.885  1.000 6.695  0 4   LCG B OP2   1 ? 
HETATM 384 N  N2    . LCG B 1 4  ? -4.297  -6.450  -10.155 1.000 4.474  0 4   LCG B N2    1 ? 
HETATM 385 N  N3    . LCG B 1 4  ? -1.899  -6.418  -10.056 1.000 4.526  0 4   LCG B N3    1 ? 
HETATM 386 O  "O2'" . LCG B 1 4  ? 1.344   -3.675  -11.781 1.000 6.208  0 4   LCG B "O2'" 1 ? 
HETATM 387 O  "O3'" . LCG B 1 4  ? 2.493   -2.742  -9.396  1.000 6.647  0 4   LCG B "O3'" 1 ? 
ATOM   388 P  P     . A   B 1 5  ? 2.173   -2.006  -8.054  1.000 9.110  0 9   A   B P     1 ? 
ATOM   389 O  OP1   . A   B 1 5  ? 2.980   -0.771  -8.118  1.000 10.439 0 9   A   B OP1   1 ? 
ATOM   390 O  OP2   . A   B 1 5  ? 2.143   -2.829  -6.819  1.000 7.890  0 9   A   B OP2   1 ? 
ATOM   391 O  "O5'" . A   B 1 5  ? 0.634   -1.641  -8.214  1.000 7.161  0 9   A   B "O5'" 1 ? 
ATOM   392 C  "C5'" . A   B 1 5  ? 0.166   -0.801  -9.275  1.000 7.206  0 9   A   B "C5'" 1 ? 
ATOM   393 C  "C4'" . A   B 1 5  ? -1.342  -0.799  -9.302  1.000 7.410  0 9   A   B "C4'" 1 ? 
ATOM   394 O  "O4'" . A   B 1 5  ? -1.798  -2.129  -9.649  1.000 7.145  0 9   A   B "O4'" 1 ? 
ATOM   395 C  "C3'" . A   B 1 5  ? -2.051  -0.490  -7.990  1.000 7.723  0 9   A   B "C3'" 1 ? 
ATOM   396 O  "O3'" . A   B 1 5  ? -2.100  0.910   -7.773  1.000 8.862  0 9   A   B "O3'" 1 ? 
ATOM   397 C  "C2'" . A   B 1 5  ? -3.413  -1.117  -8.256  1.000 7.937  0 9   A   B "C2'" 1 ? 
ATOM   398 O  "O2'" . A   B 1 5  ? -4.041  -0.250  -9.172  1.000 7.606  0 9   A   B "O2'" 1 ? 
ATOM   399 C  "C1'" . A   B 1 5  ? -2.984  -2.437  -8.905  1.000 8.009  0 9   A   B "C1'" 1 ? 
ATOM   400 N  N9    . A   B 1 5  ? -2.666  -3.463  -7.934  1.000 7.600  0 9   A   B N9    1 ? 
ATOM   401 C  C8    . A   B 1 5  ? -1.443  -3.862  -7.447  1.000 7.940  0 9   A   B C8    1 ? 
ATOM   402 N  N7    . A   B 1 5  ? -1.520  -4.823  -6.563  1.000 7.975  0 9   A   B N7    1 ? 
ATOM   403 C  C5    . A   B 1 5  ? -2.876  -5.066  -6.450  1.000 8.500  0 9   A   B C5    1 ? 
ATOM   404 C  C6    . A   B 1 5  ? -3.603  -5.953  -5.646  1.000 9.712  0 9   A   B C6    1 ? 
ATOM   405 N  N6    . A   B 1 5  ? -3.036  -6.816  -4.811  1.000 10.575 0 9   A   B N6    1 ? 
ATOM   406 N  N1    . A   B 1 5  ? -4.945  -5.935  -5.748  1.000 10.378 0 9   A   B N1    1 ? 
ATOM   407 C  C2    . A   B 1 5  ? -5.512  -5.077  -6.611  1.000 10.085 0 9   A   B C2    1 ? 
ATOM   408 N  N3    . A   B 1 5  ? -4.934  -4.186  -7.414  1.000 9.477  0 9   A   B N3    1 ? 
ATOM   409 C  C4    . A   B 1 5  ? -3.597  -4.230  -7.275  1.000 8.356  0 9   A   B C4    1 ? 
ATOM   410 P  P     . C   B 1 6  ? -2.135  1.496   -6.265  1.000 8.969  0 10  C   B P     1 ? 
ATOM   411 O  OP1   . C   B 1 6  ? -2.007  2.977   -6.361  1.000 9.484  0 10  C   B OP1   1 ? 
ATOM   412 O  OP2   . C   B 1 6  ? -1.149  0.758   -5.441  1.000 9.166  0 10  C   B OP2   1 ? 
ATOM   413 O  "O5'" . C   B 1 6  ? -3.564  1.073   -5.746  1.000 9.885  0 10  C   B "O5'" 1 ? 
ATOM   414 C  "C5'" . C   B 1 6  ? -4.722  1.632   -6.375  1.000 11.266 0 10  C   B "C5'" 1 ? 
ATOM   415 C  "C4'" . C   B 1 6  ? -5.950  0.898   -5.903  1.000 11.997 0 10  C   B "C4'" 1 ? 
ATOM   416 O  "O4'" . C   B 1 6  ? -5.809  -0.512  -6.204  1.000 13.200 0 10  C   B "O4'" 1 ? 
ATOM   417 C  "C3'" . C   B 1 6  ? -6.174  0.914   -4.391  1.000 12.674 0 10  C   B "C3'" 1 ? 
ATOM   418 O  "O3'" . C   B 1 6  ? -6.813  2.138   -4.056  1.000 16.028 0 10  C   B "O3'" 1 ? 
ATOM   419 C  "C2'" . C   B 1 6  ? -7.075  -0.295  -4.227  1.000 12.796 0 10  C   B "C2'" 1 ? 
ATOM   420 O  "O2'" . C   B 1 6  ? -8.355  -0.085  -4.745  1.000 13.326 0 10  C   B "O2'" 1 ? 
ATOM   421 C  "C1'" . C   B 1 6  ? -6.387  -1.291  -5.160  1.000 12.351 0 10  C   B "C1'" 1 ? 
ATOM   422 N  N1    . C   B 1 6  ? -5.338  -2.081  -4.478  1.000 12.220 0 10  C   B N1    1 ? 
ATOM   423 C  C2    . C   B 1 6  ? -5.744  -3.162  -3.688  1.000 12.480 0 10  C   B C2    1 ? 
ATOM   424 O  O2    . C   B 1 6  ? -6.944  -3.415  -3.602  1.000 14.863 0 10  C   B O2    1 ? 
ATOM   425 N  N3    . C   B 1 6  ? -4.813  -3.893  -3.032  1.000 13.279 0 10  C   B N3    1 ? 
ATOM   426 C  C4    . C   B 1 6  ? -3.519  -3.620  -3.198  1.000 11.561 0 10  C   B C4    1 ? 
ATOM   427 N  N4    . C   B 1 6  ? -2.641  -4.359  -2.538  1.000 11.659 0 10  C   B N4    1 ? 
ATOM   428 C  C5    . C   B 1 6  ? -3.077  -2.496  -3.961  1.000 11.919 0 10  C   B C5    1 ? 
ATOM   429 C  C6    . C   B 1 6  ? -4.012  -1.760  -4.577  1.000 11.940 0 10  C   B C6    1 ? 
ATOM   430 P  P     . U   B 1 7  ? -6.730  2.719   -2.541  1.000 17.440 0 11  U   B P     1 ? 
ATOM   431 O  OP1   . U   B 1 7  ? -7.430  4.030   -2.562  1.000 18.001 0 11  U   B OP1   1 ? 
ATOM   432 O  OP2   . U   B 1 7  ? -5.342  2.653   -2.046  1.000 16.350 0 11  U   B OP2   1 ? 
ATOM   433 O  "O5'" . U   B 1 7  ? -7.506  1.624   -1.692  1.000 17.436 0 11  U   B "O5'" 1 ? 
ATOM   434 C  "C5'" . U   B 1 7  ? -8.947  1.572   -1.751  1.000 20.430 0 11  U   B "C5'" 1 ? 
ATOM   435 C  "C4'" . U   B 1 7  ? -9.473  0.561   -0.769  1.000 22.168 0 11  U   B "C4'" 1 ? 
ATOM   436 O  "O4'" . U   B 1 7  ? -8.995  -0.761  -1.098  1.000 21.824 0 11  U   B "O4'" 1 ? 
ATOM   437 C  "C3'" . U   B 1 7  ? -9.050  0.753   0.684   1.000 25.644 0 11  U   B "C3'" 1 ? 
ATOM   438 O  "O3'" . U   B 1 7  ? -9.831  1.782   1.276   1.000 27.786 0 11  U   B "O3'" 1 ? 
ATOM   439 C  "C2'" . U   B 1 7  ? -9.283  -0.636  1.252   1.000 25.495 0 11  U   B "C2'" 1 ? 
ATOM   440 O  "O2'" . U   B 1 7  ? -10.657 -0.909  1.476   1.000 28.594 0 11  U   B "O2'" 1 ? 
ATOM   441 C  "C1'" . U   B 1 7  ? -8.775  -1.496  0.096   1.000 22.452 0 11  U   B "C1'" 1 ? 
ATOM   442 N  N1    . U   B 1 7  ? -7.361  -1.856  0.169   1.000 19.589 0 11  U   B N1    1 ? 
ATOM   443 C  C2    . U   B 1 7  ? -7.021  -2.877  1.025   1.000 18.632 0 11  U   B C2    1 ? 
ATOM   444 O  O2    . U   B 1 7  ? -7.837  -3.457  1.714   1.000 22.953 0 11  U   B O2    1 ? 
ATOM   445 N  N3    . U   B 1 7  ? -5.705  -3.238  1.001   1.000 17.908 0 11  U   B N3    1 ? 
ATOM   446 C  C4    . U   B 1 7  ? -4.702  -2.672  0.256   1.000 17.254 0 11  U   B C4    1 ? 
ATOM   447 O  O4    . U   B 1 7  ? -3.558  -3.099  0.366   1.000 15.615 0 11  U   B O4    1 ? 
ATOM   448 C  C5    . U   B 1 7  ? -5.124  -1.592  -0.583  1.000 16.705 0 11  U   B C5    1 ? 
ATOM   449 C  C6    . U   B 1 7  ? -6.405  -1.223  -0.589  1.000 18.676 0 11  U   B C6    1 ? 
ATOM   450 P  P     . U   B 1 8  ? -9.201  2.724   2.408   1.000 30.231 0 12  U   B P     1 ? 
ATOM   451 O  OP1   . U   B 1 8  ? -10.168 3.829   2.606   1.000 31.226 0 12  U   B OP1   1 ? 
ATOM   452 O  OP2   . U   B 1 8  ? -7.781  3.016   2.083   1.000 26.897 0 12  U   B OP2   1 ? 
ATOM   453 O  "O5'" . U   B 1 8  ? -9.080  1.751   3.650   1.000 27.654 0 12  U   B "O5'" 1 ? 
ATOM   454 C  "C5'" . U   B 1 8  ? -10.265 1.192   4.217   1.000 31.922 0 12  U   B "C5'" 1 ? 
ATOM   455 C  "C4'" . U   B 1 8  ? -9.875  0.173   5.239   1.000 32.892 0 12  U   B "C4'" 1 ? 
ATOM   456 O  "O4'" . U   B 1 8  ? -9.303  -0.976  4.575   1.000 32.469 0 12  U   B "O4'" 1 ? 
ATOM   457 C  "C3'" . U   B 1 8  ? -8.806  0.583   6.244   1.000 35.767 0 12  U   B "C3'" 1 ? 
ATOM   458 O  "O3'" . U   B 1 8  ? -9.306  1.442   7.269   1.000 38.035 0 12  U   B "O3'" 1 ? 
ATOM   459 C  "C2'" . U   B 1 8  ? -8.329  -0.783  6.732   1.000 35.411 0 12  U   B "C2'" 1 ? 
ATOM   460 O  "O2'" . U   B 1 8  ? -9.100  -1.454  7.721   1.000 35.750 0 12  U   B "O2'" 1 ? 
ATOM   461 C  "C1'" . U   B 1 8  ? -8.328  -1.568  5.415   1.000 31.939 0 12  U   B "C1'" 1 ? 
ATOM   462 N  N1    . U   B 1 8  ? -7.030  -1.491  4.741   1.000 30.511 0 12  U   B N1    1 ? 
ATOM   463 C  C2    . U   B 1 8  ? -6.052  -2.377  5.147   1.000 29.482 0 12  U   B C2    1 ? 
ATOM   464 O  O2    . U   B 1 8  ? -6.230  -3.208  6.019   1.000 34.004 0 12  U   B O2    1 ? 
ATOM   465 N  N3    . U   B 1 8  ? -4.856  -2.255  4.488   1.000 26.323 0 12  U   B N3    1 ? 
ATOM   466 C  C4    . U   B 1 8  ? -4.534  -1.341  3.508   1.000 25.850 0 12  U   B C4    1 ? 
ATOM   467 O  O4    . U   B 1 8  ? -3.403  -1.347  3.029   1.000 21.984 0 12  U   B O4    1 ? 
ATOM   468 C  C5    . U   B 1 8  ? -5.586  -0.439  3.168   1.000 24.283 0 12  U   B C5    1 ? 
ATOM   469 C  C6    . U   B 1 8  ? -6.771  -0.543  3.776   1.000 27.510 0 12  U   B C6    1 ? 
ATOM   470 P  P     . A   B 1 9  ? -8.305  2.394   8.106   1.000 37.135 0 13  A   B P     1 ? 
ATOM   471 O  OP1   . A   B 1 9  ? -9.140  3.091   9.115   1.000 47.956 0 13  A   B OP1   1 ? 
ATOM   472 O  OP2   . A   B 1 9  ? -7.502  3.202   7.163   1.000 39.733 0 13  A   B OP2   1 ? 
ATOM   473 O  "O5'" . A   B 1 9  ? -7.374  1.373   8.884   1.000 36.502 0 13  A   B "O5'" 1 ? 
ATOM   474 C  "C5'" . A   B 1 9  ? -7.942  0.617   9.951   1.000 34.550 0 13  A   B "C5'" 1 ? 
ATOM   475 C  "C4'" . A   B 1 9  ? -6.886  -0.233  10.584  1.000 36.661 0 13  A   B "C4'" 1 ? 
ATOM   476 O  "O4'" . A   B 1 9  ? -6.428  -1.223  9.633   1.000 33.794 0 13  A   B "O4'" 1 ? 
ATOM   477 C  "C3'" . A   B 1 9  ? -5.615  0.484   11.019  1.000 38.268 0 13  A   B "C3'" 1 ? 
ATOM   478 O  "O3'" . A   B 1 9  ? -5.815  1.165   12.254  1.000 42.556 0 13  A   B "O3'" 1 ? 
ATOM   479 C  "C2'" . A   B 1 9  ? -4.611  -0.663  11.063  1.000 37.600 0 13  A   B "C2'" 1 ? 
ATOM   480 O  "O2'" . A   B 1 9  ? -4.538  -1.441  12.246  1.000 39.759 0 13  A   B "O2'" 1 ? 
ATOM   481 C  "C1'" . A   B 1 9  ? -5.053  -1.484  9.848   1.000 35.210 0 13  A   B "C1'" 1 ? 
ATOM   482 N  N9    . A   B 1 9  ? -4.330  -1.076  8.648   1.000 32.191 0 13  A   B N9    1 ? 
ATOM   483 C  C8    . A   B 1 9  ? -4.689  -0.139  7.712   1.000 28.728 0 13  A   B C8    1 ? 
ATOM   484 N  N7    . A   B 1 9  ? -3.809  0.014   6.755   1.000 28.701 0 13  A   B N7    1 ? 
ATOM   485 C  C5    . A   B 1 9  ? -2.786  -0.855  7.105   1.000 27.674 0 13  A   B C5    1 ? 
ATOM   486 C  C6    . A   B 1 9  ? -1.558  -1.153  6.504   1.000 26.987 0 13  A   B C6    1 ? 
ATOM   487 N  N6    . A   B 1 9  ? -1.137  -0.589  5.370   1.000 27.149 0 13  A   B N6    1 ? 
ATOM   488 N  N1    . A   B 1 9  ? -0.766  -2.064  7.110   1.000 27.598 0 13  A   B N1    1 ? 
ATOM   489 C  C2    . A   B 1 9  ? -1.195  -2.635  8.240   1.000 26.836 0 13  A   B C2    1 ? 
ATOM   490 N  N3    . A   B 1 9  ? -2.329  -2.435  8.902   1.000 28.992 0 13  A   B N3    1 ? 
ATOM   491 C  C4    . A   B 1 9  ? -3.089  -1.524  8.273   1.000 28.497 0 13  A   B C4    1 ? 
ATOM   492 P  P     . A   B 1 10 ? -5.038  2.526   12.554  1.000 44.672 0 14  A   B P     1 ? 
ATOM   493 O  OP1   . A   B 1 10 ? -5.424  2.958   13.921  1.000 49.361 0 14  A   B OP1   1 ? 
ATOM   494 O  OP2   . A   B 1 10 ? -5.286  3.467   11.427  1.000 45.149 0 14  A   B OP2   1 ? 
ATOM   495 O  "O5'" . A   B 1 10 ? -3.541  2.027   12.734  1.000 39.594 0 14  A   B "O5'" 1 ? 
ATOM   496 C  "C5'" . A   B 1 10 ? -3.198  1.455   13.996  1.000 41.940 0 14  A   B "C5'" 1 ? 
ATOM   497 C  "C4'" . A   B 1 10 ? -1.883  0.747   13.916  1.000 43.917 0 14  A   B "C4'" 1 ? 
ATOM   498 O  "O4'" . A   B 1 10 ? -1.878  -0.154  12.782  1.000 41.973 0 14  A   B "O4'" 1 ? 
ATOM   499 C  "C3'" . A   B 1 10 ? -0.669  1.638   13.694  1.000 44.750 0 14  A   B "C3'" 1 ? 
ATOM   500 O  "O3'" . A   B 1 10 ? -0.248  2.304   14.883  1.000 47.250 0 14  A   B "O3'" 1 ? 
ATOM   501 C  "C2'" . A   B 1 10 ? 0.334   0.640   13.131  1.000 44.247 0 14  A   B "C2'" 1 ? 
ATOM   502 O  "O2'" . A   B 1 10 ? 1.077   -0.173  14.026  1.000 42.357 0 14  A   B "O2'" 1 ? 
ATOM   503 C  "C1'" . A   B 1 10 ? -0.576  -0.178  12.211  1.000 41.586 0 14  A   B "C1'" 1 ? 
ATOM   504 N  N9    . A   B 1 10 ? -0.637  0.421   10.876  1.000 37.685 0 14  A   B N9    1 ? 
ATOM   505 C  C8    . A   B 1 10 ? -1.570  1.277   10.342  1.000 34.948 0 14  A   B C8    1 ? 
ATOM   506 N  N7    . A   B 1 10 ? -1.294  1.661   9.120   1.000 33.730 0 14  A   B N7    1 ? 
ATOM   507 C  C5    . A   B 1 10 ? -0.092  1.029   8.836   1.000 31.771 0 14  A   B C5    1 ? 
ATOM   508 C  C6    . A   B 1 10 ? 0.726   1.025   7.697   1.000 31.281 0 14  A   B C6    1 ? 
ATOM   509 N  N6    . A   B 1 10 ? 0.443   1.705   6.588   1.000 30.349 0 14  A   B N6    1 ? 
ATOM   510 N  N1    . A   B 1 10 ? 1.856   0.288   7.735   1.000 28.972 0 14  A   B N1    1 ? 
ATOM   511 C  C2    . A   B 1 10 ? 2.143   -0.385  8.856   1.000 30.405 0 14  A   B C2    1 ? 
ATOM   512 N  N3    . A   B 1 10 ? 1.449   -0.469  9.987   1.000 29.014 0 14  A   B N3    1 ? 
ATOM   513 C  C4    . A   B 1 10 ? 0.330   0.274   9.913   1.000 32.674 0 14  A   B C4    1 ? 
ATOM   514 P  P     . G   B 1 11 ? 0.268   3.805   14.789  1.000 48.403 0 15  G   B P     1 ? 
ATOM   515 O  OP1   . G   B 1 11 ? 0.406   4.384   16.190  1.000 54.248 0 15  G   B OP1   1 ? 
ATOM   516 O  OP2   . G   B 1 11 ? -0.643  4.578   13.859  1.000 55.446 0 15  G   B OP2   1 ? 
ATOM   517 O  "O5'" . G   B 1 11 ? 1.721   3.687   14.113  1.000 39.515 0 15  G   B "O5'" 1 ? 
ATOM   518 C  "C5'" . G   B 1 11 ? 2.737   2.925   14.787  1.000 36.048 0 15  G   B "C5'" 1 ? 
ATOM   519 C  "C4'" . G   B 1 11 ? 3.816   2.583   13.797  1.000 33.276 0 15  G   B "C4'" 1 ? 
ATOM   520 O  "O4'" . G   B 1 11 ? 3.208   1.955   12.645  1.000 34.397 0 15  G   B "O4'" 1 ? 
ATOM   521 C  "C3'" . G   B 1 11 ? 4.587   3.730   13.149  1.000 31.737 0 15  G   B "C3'" 1 ? 
ATOM   522 O  "O3'" . G   B 1 11 ? 5.600   4.303   13.961  1.000 31.966 0 15  G   B "O3'" 1 ? 
ATOM   523 C  "C2'" . G   B 1 11 ? 5.230   2.972   11.987  1.000 31.330 0 15  G   B "C2'" 1 ? 
ATOM   524 O  "O2'" . G   B 1 11 ? 6.297   2.134   12.377  1.000 32.656 0 15  G   B "O2'" 1 ? 
ATOM   525 C  "C1'" . G   B 1 11 ? 4.033   2.156   11.513  1.000 30.427 0 15  G   B "C1'" 1 ? 
ATOM   526 N  N9    . G   B 1 11 ? 3.269   2.818   10.460  1.000 27.291 0 15  G   B N9    1 ? 
ATOM   527 C  C8    . G   B 1 11 ? 2.025   3.394   10.508  1.000 26.674 0 15  G   B C8    1 ? 
ATOM   528 N  N7    . G   B 1 11 ? 1.642   3.906   9.362   1.000 26.258 0 15  G   B N7    1 ? 
ATOM   529 C  C5    . G   B 1 11 ? 2.716   3.652   8.513   1.000 24.378 0 15  G   B C5    1 ? 
ATOM   530 C  C6    . G   B 1 11 ? 2.894   3.965   7.142   1.000 18.835 0 15  G   B C6    1 ? 
ATOM   531 O  O6    . G   B 1 11 ? 2.096   4.514   6.386   1.000 18.960 0 15  G   B O6    1 ? 
ATOM   532 N  N1    . G   B 1 11 ? 4.106   3.500   6.668   1.000 18.208 0 15  G   B N1    1 ? 
ATOM   533 C  C2    . G   B 1 11 ? 5.069   2.888   7.423   1.000 20.581 0 15  G   B C2    1 ? 
ATOM   534 N  N2    . G   B 1 11 ? 6.192   2.535   6.797   1.000 19.898 0 15  G   B N2    1 ? 
ATOM   535 N  N3    . G   B 1 11 ? 4.909   2.572   8.712   1.000 21.171 0 15  G   B N3    1 ? 
ATOM   536 C  C4    . G   B 1 11 ? 3.717   2.990   9.177   1.000 21.663 0 15  G   B C4    1 ? 
ATOM   537 P  P     . U   B 1 12 ? 5.989   5.851   13.808  1.000 29.911 0 16  U   B P     1 ? 
ATOM   538 O  OP1   . U   B 1 12 ? 6.742   6.223   15.043  1.000 29.631 0 16  U   B OP1   1 ? 
ATOM   539 O  OP2   . U   B 1 12 ? 4.804   6.628   13.402  1.000 24.355 0 16  U   B OP2   1 ? 
ATOM   540 O  "O5'" . U   B 1 12 ? 7.083   5.845   12.666  1.000 24.386 0 16  U   B "O5'" 1 ? 
ATOM   541 C  "C5'" . U   B 1 12 ? 8.196   4.969   12.733  1.000 23.564 0 16  U   B "C5'" 1 ? 
ATOM   542 C  "C4'" . U   B 1 12 ? 8.924   5.011   11.425  1.000 23.749 0 16  U   B "C4'" 1 ? 
ATOM   543 O  "O4'" . U   B 1 12 ? 8.160   4.328   10.390  1.000 23.055 0 16  U   B "O4'" 1 ? 
ATOM   544 C  "C3'" . U   B 1 12 ? 9.154   6.397   10.840  1.000 20.911 0 16  U   B "C3'" 1 ? 
ATOM   545 O  "O3'" . U   B 1 12 ? 10.188  7.149   11.473  1.000 19.748 0 16  U   B "O3'" 1 ? 
ATOM   546 C  "C2'" . U   B 1 12 ? 9.460   6.041   9.399   1.000 20.302 0 16  U   B "C2'" 1 ? 
ATOM   547 O  "O2'" . U   B 1 12 ? 10.767  5.546   9.164   1.000 18.779 0 16  U   B "O2'" 1 ? 
ATOM   548 C  "C1'" . U   B 1 12 ? 8.385   4.983   9.138   1.000 20.382 0 16  U   B "C1'" 1 ? 
ATOM   549 N  N1    . U   B 1 12 ? 7.118   5.565   8.676   1.000 17.872 0 16  U   B N1    1 ? 
ATOM   550 C  C2    . U   B 1 12 ? 7.026   5.874   7.328   1.000 16.535 0 16  U   B C2    1 ? 
ATOM   551 O  O2    . U   B 1 12 ? 7.951   5.723   6.562   1.000 16.915 0 16  U   B O2    1 ? 
ATOM   552 N  N3    . U   B 1 12 ? 5.823   6.402   6.936   1.000 14.897 0 16  U   B N3    1 ? 
ATOM   553 C  C4    . U   B 1 12 ? 4.731   6.651   7.724   1.000 16.168 0 16  U   B C4    1 ? 
ATOM   554 O  O4    . U   B 1 12 ? 3.723   7.129   7.227   1.000 16.528 0 16  U   B O4    1 ? 
ATOM   555 C  C5    . U   B 1 12 ? 4.899   6.295   9.105   1.000 17.172 0 16  U   B C5    1 ? 
ATOM   556 C  C6    . U   B 1 12 ? 6.073   5.817   9.525   1.000 16.583 0 16  U   B C6    1 ? 
ATOM   557 P  P     . C   B 1 13 ? 10.131  8.762   11.538  1.000 19.188 0 17  C   B P     1 ? 
ATOM   558 O  OP1   . C   B 1 13 ? 11.343  9.259   12.312  1.000 21.860 0 17  C   B OP1   1 ? 
ATOM   559 O  OP2   . C   B 1 13 ? 8.791   9.216   11.858  1.000 17.507 0 17  C   B OP2   1 ? 
ATOM   560 O  "O5'" . C   B 1 13 ? 10.485  9.201   10.048  1.000 16.779 0 17  C   B "O5'" 1 ? 
ATOM   561 C  "C5'" . C   B 1 13 ? 11.641  8.718   9.422   1.000 12.900 0 17  C   B "C5'" 1 ? 
ATOM   562 C  "C4'" . C   B 1 13 ? 11.568  9.086   7.952   1.000 11.811 0 17  C   B "C4'" 1 ? 
ATOM   563 O  "O4'" . C   B 1 13 ? 10.534  8.316   7.303   1.000 11.705 0 17  C   B "O4'" 1 ? 
ATOM   564 C  "C3'" . C   B 1 13 ? 11.221  10.535  7.614   1.000 10.595 0 17  C   B "C3'" 1 ? 
ATOM   565 O  "O3'" . C   B 1 13 ? 12.340  11.406  7.776   1.000 10.355 0 17  C   B "O3'" 1 ? 
ATOM   566 C  "C2'" . C   B 1 13 ? 10.781  10.398  6.155   1.000 9.805  0 17  C   B "C2'" 1 ? 
ATOM   567 O  "O2'" . C   B 1 13 ? 11.903  10.225  5.330   1.000 8.761  0 17  C   B "O2'" 1 ? 
ATOM   568 C  "C1'" . C   B 1 13 ? 9.968   9.103   6.237   1.000 9.873  0 17  C   B "C1'" 1 ? 
ATOM   569 N  N1    . C   B 1 13 ? 8.556   9.377   6.532   1.000 9.861  0 17  C   B N1    1 ? 
ATOM   570 C  C2    . C   B 1 13 ? 7.739   9.765   5.468   1.000 9.215  0 17  C   B C2    1 ? 
ATOM   571 O  O2    . C   B 1 13 ? 8.252   9.865   4.345   1.000 7.725  0 17  C   B O2    1 ? 
ATOM   572 N  N3    . C   B 1 13 ? 6.431   10.045  5.700   1.000 8.768  0 17  C   B N3    1 ? 
ATOM   573 C  C4    . C   B 1 13 ? 5.934   9.913   6.937   1.000 10.120 0 17  C   B C4    1 ? 
ATOM   574 N  N4    . C   B 1 13 ? 4.647   10.193  7.136   1.000 11.178 0 17  C   B N4    1 ? 
ATOM   575 C  C5    . C   B 1 13 ? 6.763   9.566   8.047   1.000 10.240 0 17  C   B C5    1 ? 
ATOM   576 C  C6    . C   B 1 13 ? 8.054   9.322   7.802   1.000 10.210 0 17  C   B C6    1 ? 
HETATM 577 P  P     . LCG B 1 14 ? 12.048  12.838  8.345   1.000 11.577 0 19  LCG B P     1 ? 
HETATM 578 O  OP1   . LCG B 1 14 ? 13.356  13.442  8.366   1.000 10.773 0 19  LCG B OP1   1 ? 
HETATM 579 O  "O5'" . LCG B 1 14 ? 11.089  13.682  7.247   1.000 8.392  0 19  LCG B "O5'" 1 ? 
HETATM 580 C  "C5'" . LCG B 1 14 ? 11.803  13.929  6.032   1.000 6.970  0 19  LCG B "C5'" 1 ? 
HETATM 581 C  "C3'" . LCG B 1 14 ? 9.775   15.507  5.276   1.000 5.653  0 19  LCG B "C3'" 1 ? 
HETATM 582 C  "C6'" . LCG B 1 14 ? 11.258  14.715  3.668   1.000 6.002  0 19  LCG B "C6'" 1 ? 
HETATM 583 N  N9    . LCG B 1 14 ? 7.387   13.640  4.951   1.000 5.219  0 19  LCG B N9    1 ? 
HETATM 584 C  C8    . LCG B 1 14 ? 7.288   13.256  6.274   1.000 5.340  0 19  LCG B C8    1 ? 
HETATM 585 C  C4    . LCG B 1 14 ? 6.158   13.853  4.534   1.000 4.902  0 19  LCG B C4    1 ? 
HETATM 586 N  N7    . LCG B 1 14 ? 6.001   13.226  6.672   1.000 5.376  0 19  LCG B N7    1 ? 
HETATM 587 C  C5    . LCG B 1 14 ? 5.285   13.584  5.546   1.000 4.794  0 19  LCG B C5    1 ? 
HETATM 588 C  C6    . LCG B 1 14 ? 3.980   13.717  5.363   1.000 4.761  0 19  LCG B C6    1 ? 
HETATM 589 C  "C2'" . LCG B 1 14 ? 9.030   15.320  3.947   1.000 5.459  0 19  LCG B "C2'" 1 ? 
HETATM 590 O  O6    . LCG B 1 14 ? 3.144   13.500  6.284   1.000 4.534  0 19  LCG B O6    1 ? 
HETATM 591 C  "C4'" . LCG B 1 14 ? 10.705  14.338  5.001   1.000 5.987  0 19  LCG B "C4'" 1 ? 
HETATM 592 C  "C1'" . LCG B 1 14 ? 8.601   13.827  4.105   1.000 5.396  0 19  LCG B "C1'" 1 ? 
HETATM 593 C  C2    . LCG B 1 14 ? 4.443   14.391  3.130   1.000 4.501  0 19  LCG B C2    1 ? 
HETATM 594 N  N1    . LCG B 1 14 ? 3.536   14.119  4.124   1.000 4.325  0 19  LCG B N1    1 ? 
HETATM 595 O  "O4'" . LCG B 1 14 ? 9.733   13.212  4.841   1.000 5.875  0 19  LCG B "O4'" 1 ? 
HETATM 596 O  OP2   . LCG B 1 14 ? 11.194  12.752  9.549   1.000 9.446  0 19  LCG B OP2   1 ? 
HETATM 597 N  N2    . LCG B 1 14 ? 4.004   14.761  1.930   1.000 4.591  0 19  LCG B N2    1 ? 
HETATM 598 N  N3    . LCG B 1 14 ? 5.774   14.242  3.317   1.000 4.520  0 19  LCG B N3    1 ? 
HETATM 599 O  "O2'" . LCG B 1 14 ? 10.083  15.365  3.010   1.000 5.618  0 19  LCG B "O2'" 1 ? 
HETATM 600 O  "O3'" . LCG B 1 14 ? 10.454  16.746  5.398   1.000 5.466  0 19  LCG B "O3'" 1 ? 
HETATM 601 N  N9A   . GP3 C 2 .  ? 4.692   17.566  4.349   1.000 4.518  0 101 GP3 A N9A   1 ? 
HETATM 602 C  C8A   . GP3 C 2 .  ? 5.188   17.143  5.582   1.000 4.430  0 101 GP3 A C8A   1 ? 
HETATM 603 N  N7A   . GP3 C 2 .  ? 4.200   16.839  6.379   1.000 4.031  0 101 GP3 A N7A   1 ? 
HETATM 604 C  C5A   . GP3 C 2 .  ? 3.037   17.031  5.674   1.000 4.108  0 101 GP3 A C5A   1 ? 
HETATM 605 C  C6A   . GP3 C 2 .  ? 1.752   16.876  6.045   1.000 4.403  0 101 GP3 A C6A   1 ? 
HETATM 606 O  O6A   . GP3 C 2 .  ? 1.320   16.446  7.153   1.000 4.713  0 101 GP3 A O6A   1 ? 
HETATM 607 N  N1A   . GP3 C 2 .  ? 0.807   17.150  5.141   1.000 4.333  0 101 GP3 A N1A   1 ? 
HETATM 608 C  C2A   . GP3 C 2 .  ? 1.158   17.689  3.865   1.000 4.272  0 101 GP3 A C2A   1 ? 
HETATM 609 N  N2A   . GP3 C 2 .  ? 0.164   17.992  3.051   1.000 4.444  0 101 GP3 A N2A   1 ? 
HETATM 610 N  N3A   . GP3 C 2 .  ? 2.445   17.812  3.467   1.000 4.053  0 101 GP3 A N3A   1 ? 
HETATM 611 C  C4A   . GP3 C 2 .  ? 3.360   17.495  4.409   1.000 4.338  0 101 GP3 A C4A   1 ? 
HETATM 612 O  O5D   . GP3 C 2 .  ? 7.774   19.163  5.530   1.000 10.228 0 101 GP3 A O5D   1 ? 
HETATM 613 C  C5D   . GP3 C 2 .  ? 8.472   19.213  4.280   1.000 8.100  0 101 GP3 A C5D   1 ? 
HETATM 614 C  C4D   . GP3 C 2 .  ? 7.369   19.065  3.223   1.000 6.519  0 101 GP3 A C4D   1 ? 
HETATM 615 O  O4D   . GP3 C 2 .  ? 6.762   17.818  3.329   1.000 5.775  0 101 GP3 A O4D   1 ? 
HETATM 616 C  C3D   . GP3 C 2 .  ? 6.252   20.060  3.397   1.000 6.199  0 101 GP3 A C3D   1 ? 
HETATM 617 O  O3D   . GP3 C 2 .  ? 6.618   21.332  2.789   1.000 5.660  0 101 GP3 A O3D   1 ? 
HETATM 618 C  C2D   . GP3 C 2 .  ? 5.133   19.393  2.664   1.000 5.523  0 101 GP3 A C2D   1 ? 
HETATM 619 O  O2D   . GP3 C 2 .  ? 5.382   19.551  1.338   1.000 5.570  0 101 GP3 A O2D   1 ? 
HETATM 620 C  C1D   . GP3 C 2 .  ? 5.332   17.976  3.080   1.000 5.359  0 101 GP3 A C1D   1 ? 
HETATM 621 P  PA    . GP3 C 2 .  ? 8.511   19.259  6.984   1.000 12.383 0 101 GP3 A PA    1 ? 
HETATM 622 O  O1A   . GP3 C 2 .  ? 9.283   18.041  7.332   1.000 12.258 0 101 GP3 A O1A   1 ? 
HETATM 623 O  O2A   . GP3 C 2 .  ? 9.120   20.623  7.022   1.000 16.044 0 101 GP3 A O2A   1 ? 
HETATM 624 O  O3A   . GP3 C 2 .  ? 7.178   19.182  7.790   1.000 14.629 0 101 GP3 A O3A   1 ? 
HETATM 625 P  PB    . GP3 C 2 .  ? 6.888   19.717  9.306   1.000 19.647 0 101 GP3 A PB    1 ? 
HETATM 626 O  O1B   . GP3 C 2 .  ? 5.673   19.072  9.832   1.000 16.246 0 101 GP3 A O1B   1 ? 
HETATM 627 O  O2B   . GP3 C 2 .  ? 8.192   19.604  10.052  1.000 22.691 0 101 GP3 A O2B   1 ? 
HETATM 628 O  O3B   . GP3 C 2 .  ? 6.949   21.323  9.175   1.000 24.621 0 101 GP3 A O3B   1 ? 
HETATM 629 P  PG    . GP3 C 2 .  ? 5.692   22.318  9.216   1.000 23.099 0 101 GP3 A PG    1 ? 
HETATM 630 O  O1G   . GP3 C 2 .  ? 4.839   21.931  10.373  1.000 25.729 0 101 GP3 A O1G   1 ? 
HETATM 631 O  O2G   . GP3 C 2 .  ? 6.269   23.634  9.118   1.000 25.496 0 101 GP3 A O2G   1 ? 
HETATM 632 O  O5E   . GP3 C 2 .  ? 4.845   22.093  7.829   1.000 20.581 0 101 GP3 A O5E   1 ? 
HETATM 633 C  C5E   . GP3 C 2 .  ? 5.236   22.485  6.538   1.000 16.457 0 101 GP3 A C5E   1 ? 
HETATM 634 C  C4E   . GP3 C 2 .  ? 4.056   22.373  5.560   1.000 15.168 0 101 GP3 A C4E   1 ? 
HETATM 635 O  O4E   . GP3 C 2 .  ? 3.674   20.995  5.529   1.000 12.873 0 101 GP3 A O4E   1 ? 
HETATM 636 C  C3E   . GP3 C 2 .  ? 2.800   23.062  6.157   1.000 13.440 0 101 GP3 A C3E   1 ? 
HETATM 637 O  O3E   . GP3 C 2 .  ? 2.800   24.430  5.739   1.000 14.029 0 101 GP3 A O3E   1 ? 
HETATM 638 C  C2E   . GP3 C 2 .  ? 1.684   22.315  5.443   1.000 12.657 0 101 GP3 A C2E   1 ? 
HETATM 639 O  O2E   . GP3 C 2 .  ? 1.609   22.642  4.048   1.000 14.027 0 101 GP3 A O2E   1 ? 
HETATM 640 C  C1E   . GP3 C 2 .  ? 2.159   20.927  5.547   1.000 11.107 0 101 GP3 A C1E   1 ? 
HETATM 641 N  N9B   . GP3 C 2 .  ? 1.796   20.235  6.822   1.000 8.780  0 101 GP3 A N9B   1 ? 
HETATM 642 C  C8B   . GP3 C 2 .  ? 2.587   19.819  7.760   1.000 8.631  0 101 GP3 A C8B   1 ? 
HETATM 643 N  N7B   . GP3 C 2 .  ? 1.897   19.227  8.710   1.000 8.815  0 101 GP3 A N7B   1 ? 
HETATM 644 C  C5B   . GP3 C 2 .  ? 0.596   19.322  8.336   1.000 8.329  0 101 GP3 A C5B   1 ? 
HETATM 645 C  C6B   . GP3 C 2 .  ? -0.556  18.950  8.903   1.000 8.088  0 101 GP3 A C6B   1 ? 
HETATM 646 O  O6B   . GP3 C 2 .  ? -0.653  18.399  9.982   1.000 8.810  0 101 GP3 A O6B   1 ? 
HETATM 647 N  N1B   . GP3 C 2 .  ? -1.718  19.209  8.228   1.000 7.026  0 101 GP3 A N1B   1 ? 
HETATM 648 C  C2B   . GP3 C 2 .  ? -1.717  19.871  7.072   1.000 7.248  0 101 GP3 A C2B   1 ? 
HETATM 649 N  N2B   . GP3 C 2 .  ? -2.867  20.083  6.498   1.000 7.592  0 101 GP3 A N2B   1 ? 
HETATM 650 N  N3B   . GP3 C 2 .  ? -0.576  20.277  6.459   1.000 7.265  0 101 GP3 A N3B   1 ? 
HETATM 651 C  C4B   . GP3 C 2 .  ? 0.557   19.944  7.160   1.000 7.796  0 101 GP3 A C4B   1 ? 
HETATM 652 MG MG    . MG  D 3 .  ? -0.797  -11.695 -18.496 0.330 4.855  0 102 MG  A MG    1 ? 
HETATM 653 MG MG    . MG  E 3 .  ? -6.514  -17.231 -16.829 1.000 34.933 0 103 MG  A MG    1 ? 
HETATM 654 N  N9A   . GP3 F 2 .  ? -1.853  -12.567 -13.221 1.000 4.207  0 101 GP3 B N9A   1 ? 
HETATM 655 C  C8A   . GP3 F 2 .  ? -2.941  -13.121 -12.554 1.000 4.242  0 101 GP3 B C8A   1 ? 
HETATM 656 N  N7A   . GP3 F 2 .  ? -2.541  -13.786 -11.492 1.000 3.882  0 101 GP3 B N7A   1 ? 
HETATM 657 C  C5A   . GP3 F 2 .  ? -1.173  -13.659 -11.442 1.000 3.889  0 101 GP3 B C5A   1 ? 
HETATM 658 C  C6A   . GP3 F 2 .  ? -0.251  -14.132 -10.573 1.000 4.097  0 101 GP3 B C6A   1 ? 
HETATM 659 O  O6A   . GP3 F 2 .  ? -0.467  -14.820 -9.533  1.000 4.227  0 101 GP3 B O6A   1 ? 
HETATM 660 N  N1A   . GP3 F 2 .  ? 1.037   -13.867 -10.796 1.000 4.088  0 101 GP3 B N1A   1 ? 
HETATM 661 C  C2A   . GP3 F 2 .  ? 1.429   -13.103 -11.944 1.000 4.035  0 101 GP3 B C2A   1 ? 
HETATM 662 N  N2A   . GP3 F 2 .  ? 2.715   -12.900 -12.150 1.000 4.155  0 101 GP3 B N2A   1 ? 
HETATM 663 N  N3A   . GP3 F 2 .  ? 0.520   -12.585 -12.770 1.000 3.828  0 101 GP3 B N3A   1 ? 
HETATM 664 C  C4A   . GP3 F 2 .  ? -0.775  -12.892 -12.526 1.000 4.109  0 101 GP3 B C4A   1 ? 
HETATM 665 O  O5D   . GP3 F 2 .  ? -4.630  -13.775 -15.311 1.000 9.621  0 101 GP3 B O5D   1 ? 
HETATM 666 C  C5D   . GP3 F 2 .  ? -4.683  -12.625 -16.166 1.000 7.952  0 101 GP3 B C5D   1 ? 
HETATM 667 C  C4D   . GP3 F 2 .  ? -3.278  -12.044 -16.113 1.000 6.265  0 101 GP3 B C4D   1 ? 
HETATM 668 O  O4D   . GP3 F 2 .  ? -3.121  -11.508 -14.823 1.000 5.418  0 101 GP3 B O4D   1 ? 
HETATM 669 C  C3D   . GP3 F 2 .  ? -2.184  -13.025 -16.223 1.000 5.940  0 101 GP3 B C3D   1 ? 
HETATM 670 O  O3D   . GP3 F 2 .  ? -1.917  -13.267 -17.657 1.000 5.424  0 101 GP3 B O3D   1 ? 
HETATM 671 C  C2D   . GP3 F 2 .  ? -1.052  -12.277 -15.568 1.000 5.133  0 101 GP3 B C2D   1 ? 
HETATM 672 O  O2D   . GP3 F 2 .  ? -0.597  -11.320 -16.446 1.000 5.235  0 101 GP3 B O2D   1 ? 
HETATM 673 C  C1D   . GP3 F 2 .  ? -1.742  -11.692 -14.414 1.000 5.055  0 101 GP3 B C1D   1 ? 
HETATM 674 P  PA    . GP3 F 2 .  ? -5.908  -14.733 -15.001 1.000 11.647 0 101 GP3 B PA    1 ? 
HETATM 675 O  O1A   . GP3 F 2 .  ? -7.004  -14.081 -14.276 1.000 12.105 0 101 GP3 B O1A   1 ? 
HETATM 676 O  O2A   . GP3 F 2 .  ? -6.183  -15.394 -16.299 1.000 15.020 0 101 GP3 B O2A   1 ? 
HETATM 677 O  O3A   . GP3 F 2 .  ? -5.171  -15.607 -13.971 1.000 14.166 0 101 GP3 B O3A   1 ? 
HETATM 678 P  PB    . GP3 F 2 .  ? -5.475  -17.134 -13.479 1.000 18.711 0 101 GP3 B PB    1 ? 
HETATM 679 O  O1B   . GP3 F 2 .  ? -4.851  -17.454 -12.180 1.000 16.459 0 101 GP3 B O1B   1 ? 
HETATM 680 O  O2B   . GP3 F 2 .  ? -6.947  -17.336 -13.665 1.000 21.824 0 101 GP3 B O2B   1 ? 
HETATM 681 O  O3B   . GP3 F 2 .  ? -5.117  -18.101 -14.657 1.000 21.474 0 101 GP3 B O3B   1 ? 
HETATM 682 P  PG    . GP3 F 2 .  ? -3.796  -18.958 -14.933 1.000 22.307 0 101 GP3 B PG    1 ? 
HETATM 683 O  O1G   . GP3 F 2 .  ? -3.661  -19.844 -13.746 1.000 24.804 0 101 GP3 B O1G   1 ? 
HETATM 684 O  O2G   . GP3 F 2 .  ? -3.911  -19.496 -16.265 1.000 25.218 0 101 GP3 B O2G   1 ? 
HETATM 685 O  O5E   . GP3 F 2 .  ? -2.515  -17.963 -15.025 1.000 20.995 0 101 GP3 B O5E   1 ? 
HETATM 686 C  C5E   . GP3 F 2 .  ? -2.171  -17.113 -16.112 1.000 17.166 0 101 GP3 B C5E   1 ? 
HETATM 687 C  C4E   . GP3 F 2 .  ? -0.731  -16.602 -15.992 1.000 15.721 0 101 GP3 B C4E   1 ? 
HETATM 688 O  O4E   . GP3 F 2 .  ? -0.669  -15.784 -14.806 1.000 13.389 0 101 GP3 B O4E   1 ? 
HETATM 689 C  C3E   . GP3 F 2 .  ? 0.226   -17.765 -15.675 1.000 13.974 0 101 GP3 B C3E   1 ? 
HETATM 690 O  O3E   . GP3 F 2 .  ? 0.788   -18.277 -16.902 1.000 14.215 0 101 GP3 B O3E   1 ? 
HETATM 691 C  C2E   . GP3 F 2 .  ? 1.336   -17.045 -14.908 1.000 12.736 0 101 GP3 B C2E   1 ? 
HETATM 692 O  O2E   . GP3 F 2 .  ? 2.063   -16.120 -15.752 1.000 14.856 0 101 GP3 B O2E   1 ? 
HETATM 693 C  C1E   . GP3 F 2 .  ? 0.557   -16.190 -13.976 1.000 11.278 0 101 GP3 B C1E   1 ? 
HETATM 694 N  N9B   . GP3 F 2 .  ? 0.108   -16.801 -12.725 1.000 8.716  0 101 GP3 B N9B   1 ? 
HETATM 695 C  C8B   . GP3 F 2 .  ? -1.102  -17.067 -12.331 1.000 8.101  0 101 GP3 B C8B   1 ? 
HETATM 696 N  N7B   . GP3 F 2 .  ? -1.074  -17.597 -11.137 1.000 8.729  0 101 GP3 B N7B   1 ? 
HETATM 697 C  C5B   . GP3 F 2 .  ? 0.258   -17.680 -10.791 1.000 8.383  0 101 GP3 B C5B   1 ? 
HETATM 698 C  C6B   . GP3 F 2 .  ? 0.903   -18.115 -9.725  1.000 7.918  0 101 GP3 B C6B   1 ? 
HETATM 699 O  O6B   . GP3 F 2 .  ? 0.368   -18.635 -8.761  1.000 9.534  0 101 GP3 B O6B   1 ? 
HETATM 700 N  N1B   . GP3 F 2 .  ? 2.289   -18.041 -9.740  1.000 7.073  0 101 GP3 B N1B   1 ? 
HETATM 701 C  C2B   . GP3 F 2 .  ? 2.991   -17.574 -10.781 1.000 7.004  0 101 GP3 B C2B   1 ? 
HETATM 702 N  N2B   . GP3 F 2 .  ? 4.310   -17.550 -10.662 1.000 7.210  0 101 GP3 B N2B   1 ? 
HETATM 703 N  N3B   . GP3 F 2 .  ? 2.366   -17.095 -11.877 1.000 7.137  0 101 GP3 B N3B   1 ? 
HETATM 704 C  C4B   . GP3 F 2 .  ? 0.983   -17.183 -11.807 1.000 7.489  0 101 GP3 B C4B   1 ? 
HETATM 705 MG MG    . MG  G 3 .  ? 6.392   21.251  0.696   0.330 5.141  0 102 MG  B MG    1 ? 
HETATM 706 MG MG    . MG  H 3 .  ? 8.040   22.108  7.671   1.000 40.240 0 103 MG  B MG    1 ? 
HETATM 707 O  O     . HOH I 4 .  ? 1.368   24.777  3.838   1.000 29.606 0 201 HOH A O     1 ? 
HETATM 708 O  O     . HOH I 4 .  ? 3.519   18.986  10.445  1.000 32.810 0 202 HOH A O     1 ? 
HETATM 709 O  O     . HOH I 4 .  ? -9.362  -4.284  -5.358  1.000 25.333 0 203 HOH A O     1 ? 
HETATM 710 O  O     . HOH I 4 .  ? -5.326  10.813  3.354   1.000 22.487 0 204 HOH A O     1 ? 
HETATM 711 O  O     . HOH I 4 .  ? -3.486  -10.469 -2.488  1.000 34.438 0 205 HOH A O     1 ? 
HETATM 712 O  O     . HOH I 4 .  ? -8.592  -12.354 -3.838  1.000 29.523 0 206 HOH A O     1 ? 
HETATM 713 O  O     . HOH I 4 .  ? 4.218   0.523   0.084   1.000 28.843 0 207 HOH A O     1 ? 
HETATM 714 O  O     . HOH I 4 .  ? 7.862   23.004  4.317   1.000 20.398 0 208 HOH A O     1 ? 
HETATM 715 O  O     . HOH I 4 .  ? 4.186   -6.569  2.959   1.000 31.166 0 209 HOH A O     1 ? 
HETATM 716 O  O     . HOH I 4 .  ? 0.931   9.878   6.033   1.000 25.485 0 210 HOH A O     1 ? 
HETATM 717 O  O     . HOH I 4 .  ? 5.061   -2.933  1.482   1.000 26.692 0 211 HOH A O     1 ? 
HETATM 718 O  O     . HOH I 4 .  ? 11.086  17.841  9.234   1.000 23.341 0 212 HOH A O     1 ? 
HETATM 719 O  O     . HOH I 4 .  ? 2.036   7.622   -6.807  1.000 34.928 0 213 HOH A O     1 ? 
HETATM 720 O  O     . HOH I 4 .  ? -6.487  21.111  6.082   1.000 15.560 0 214 HOH A O     1 ? 
HETATM 721 O  O     . HOH I 4 .  ? -1.101  8.803   0.067   1.000 28.612 0 215 HOH A O     1 ? 
HETATM 722 O  O     . HOH I 4 .  ? -0.642  21.296  3.670   1.000 18.260 0 216 HOH A O     1 ? 
HETATM 723 O  O     . HOH I 4 .  ? 7.493   1.841   -5.471  1.000 23.463 0 217 HOH A O     1 ? 
HETATM 724 O  O     . HOH I 4 .  ? -5.767  -13.358 -7.697  1.000 15.380 0 218 HOH A O     1 ? 
HETATM 725 O  O     . HOH I 4 .  ? -13.026 -13.130 -8.703  1.000 30.643 0 219 HOH A O     1 ? 
HETATM 726 O  O     . HOH I 4 .  ? -2.210  -9.978  0.750   1.000 27.478 0 220 HOH A O     1 ? 
HETATM 727 O  O     . HOH I 4 .  ? 2.349   25.735  8.076   1.000 24.255 0 221 HOH A O     1 ? 
HETATM 728 O  O     . HOH I 4 .  ? -7.649  14.320  10.023  1.000 31.077 0 222 HOH A O     1 ? 
HETATM 729 O  O     . HOH I 4 .  ? 0.849   19.628  11.891  1.000 18.307 0 223 HOH A O     1 ? 
HETATM 730 O  O     . HOH I 4 .  ? -3.373  11.147  2.320   1.000 19.128 0 224 HOH A O     1 ? 
HETATM 731 O  O     . HOH I 4 .  ? -0.762  10.278  3.618   1.000 12.576 0 225 HOH A O     1 ? 
HETATM 732 O  O     . HOH I 4 .  ? 1.702   4.969   -0.985  1.000 25.070 0 226 HOH A O     1 ? 
HETATM 733 O  O     . HOH I 4 .  ? -2.823  -14.600 -7.995  1.000 21.833 0 227 HOH A O     1 ? 
HETATM 734 O  O     . HOH I 4 .  ? -1.772  7.569   -4.645  1.000 15.159 0 228 HOH A O     1 ? 
HETATM 735 O  O     . HOH I 4 .  ? -5.067  13.041  -3.970  1.000 15.406 0 229 HOH A O     1 ? 
HETATM 736 O  O     . HOH I 4 .  ? -14.750 -10.550 -11.508 1.000 29.118 0 230 HOH A O     1 ? 
HETATM 737 O  O     . HOH I 4 .  ? 2.818   18.278  0.669   1.000 14.487 0 231 HOH A O     1 ? 
HETATM 738 O  O     . HOH I 4 .  ? 7.821   15.827  8.403   1.000 14.935 0 232 HOH A O     1 ? 
HETATM 739 O  O     . HOH I 4 .  ? -12.168 -10.803 -14.935 1.000 19.007 0 233 HOH A O     1 ? 
HETATM 740 O  O     . HOH I 4 .  ? -7.128  11.104  -0.787  1.000 30.478 0 234 HOH A O     1 ? 
HETATM 741 O  O     . HOH I 4 .  ? -1.451  14.152  10.197  1.000 16.445 0 235 HOH A O     1 ? 
HETATM 742 O  O     . HOH I 4 .  ? -5.427  -12.392 -4.434  1.000 23.944 0 236 HOH A O     1 ? 
HETATM 743 O  O     . HOH I 4 .  ? 0.227   4.936   1.734   1.000 28.437 0 237 HOH A O     1 ? 
HETATM 744 O  O     . HOH I 4 .  ? -11.485 -4.970  -8.974  1.000 19.228 0 238 HOH A O     1 ? 
HETATM 745 O  O     . HOH I 4 .  ? -6.094  13.298  6.095   1.000 18.933 0 239 HOH A O     1 ? 
HETATM 746 O  O     . HOH I 4 .  ? -1.001  11.915  7.941   1.000 19.270 0 240 HOH A O     1 ? 
HETATM 747 O  O     . HOH I 4 .  ? -4.185  8.291   -2.785  1.000 29.961 0 241 HOH A O     1 ? 
HETATM 748 O  O     . HOH I 4 .  ? 9.869   -1.179  -3.354  1.000 30.775 0 242 HOH A O     1 ? 
HETATM 749 O  O     . HOH I 4 .  ? 4.403   14.701  -3.185  0.330 0.830  0 243 HOH A O     1 ? 
HETATM 750 O  O     . HOH I 4 .  ? -2.534  16.064  13.862  1.000 26.939 0 244 HOH A O     1 ? 
HETATM 751 O  O     . HOH I 4 .  ? 4.426   -0.171  -4.114  1.000 29.916 0 245 HOH A O     1 ? 
HETATM 752 O  O     . HOH I 4 .  ? 6.432   13.564  -0.563  1.000 30.636 0 246 HOH A O     1 ? 
HETATM 753 O  O     . HOH I 4 .  ? 2.983   16.722  10.985  1.000 26.397 0 247 HOH A O     1 ? 
HETATM 754 O  O     . HOH I 4 .  ? -8.939  -4.219  -7.746  1.000 34.068 0 248 HOH A O     1 ? 
HETATM 755 O  O     . HOH I 4 .  ? -2.814  -7.668  -14.927 1.000 30.891 0 249 HOH A O     1 ? 
HETATM 756 O  O     . HOH I 4 .  ? -3.069  6.414   -3.164  1.000 24.079 0 250 HOH A O     1 ? 
HETATM 757 O  O     . HOH I 4 .  ? -15.105 -7.826  -9.752  1.000 31.213 0 251 HOH A O     1 ? 
HETATM 758 O  O     . HOH I 4 .  ? 4.382   15.005  10.419  1.000 14.360 0 252 HOH A O     1 ? 
HETATM 759 O  O     . HOH I 4 .  ? -4.844  11.348  7.367   1.000 33.441 0 253 HOH A O     1 ? 
HETATM 760 O  O     . HOH I 4 .  ? -4.653  -16.106 -6.114  1.000 27.601 0 254 HOH A O     1 ? 
HETATM 761 O  O     . HOH J 4 .  ? -8.170  -18.170 -15.336 1.000 34.878 0 201 HOH B O     1 ? 
HETATM 762 O  O     . HOH J 4 .  ? 3.103   -17.402 -17.271 1.000 27.953 0 202 HOH B O     1 ? 
HETATM 763 O  O     . HOH J 4 .  ? -3.253  -18.368 -10.889 1.000 32.824 0 203 HOH B O     1 ? 
HETATM 764 O  O     . HOH J 4 .  ? -4.423  -17.348 -16.935 1.000 33.386 0 204 HOH B O     1 ? 
HETATM 765 O  O     . HOH J 4 .  ? 5.624   -10.163 -3.934  1.000 26.547 0 205 HOH B O     1 ? 
HETATM 766 O  O     . HOH J 4 .  ? 9.584   4.724   5.128   1.000 25.237 0 206 HOH B O     1 ? 
HETATM 767 O  O     . HOH J 4 .  ? 11.461  5.493   6.838   1.000 32.893 0 207 HOH B O     1 ? 
HETATM 768 O  O     . HOH J 4 .  ? 1.597   8.068   8.113   1.000 30.486 0 208 HOH B O     1 ? 
HETATM 769 O  O     . HOH J 4 .  ? -5.389  -19.148 -10.432 1.000 28.172 0 209 HOH B O     1 ? 
HETATM 770 O  O     . HOH J 4 .  ? 0.716   -5.278  -5.504  1.000 30.067 0 210 HOH B O     1 ? 
HETATM 771 O  O     . HOH J 4 .  ? -3.196  -15.159 -18.744 1.000 16.591 0 211 HOH B O     1 ? 
HETATM 772 O  O     . HOH J 4 .  ? 3.738   -15.431 -13.980 1.000 18.508 0 212 HOH B O     1 ? 
HETATM 773 O  O     . HOH J 4 .  ? 3.209   -5.392  -5.905  1.000 30.806 0 213 HOH B O     1 ? 
HETATM 774 O  O     . HOH J 4 .  ? 3.234   1.386   -9.509  1.000 30.699 0 214 HOH B O     1 ? 
HETATM 775 O  O     . HOH J 4 .  ? -5.688  2.142   0.772   1.000 29.035 0 215 HOH B O     1 ? 
HETATM 776 O  O     . HOH J 4 .  ? 7.825   -18.657 -10.025 1.000 16.088 0 216 HOH B O     1 ? 
HETATM 777 O  O     . HOH J 4 .  ? -0.482  -7.126  -4.180  1.000 29.789 0 217 HOH B O     1 ? 
HETATM 778 O  O     . HOH J 4 .  ? 0.350   -20.900 -16.618 1.000 22.296 0 218 HOH B O     1 ? 
HETATM 779 O  O     . HOH J 4 .  ? -9.553  -14.935 -14.156 1.000 19.993 0 219 HOH B O     1 ? 
HETATM 780 O  O     . HOH J 4 .  ? 5.464   12.868  9.285   1.000 14.061 0 220 HOH B O     1 ? 
HETATM 781 O  O     . HOH J 4 .  ? -1.487  -20.430 -9.526  1.000 18.080 0 221 HOH B O     1 ? 
HETATM 782 O  O     . HOH J 4 .  ? 2.702   14.613  8.707   1.000 19.632 0 222 HOH B O     1 ? 
HETATM 783 O  O     . HOH J 4 .  ? 5.346   -17.712 -2.540  1.000 30.488 0 223 HOH B O     1 ? 
HETATM 784 O  O     . HOH J 4 .  ? -0.732  5.255   9.080   1.000 30.147 0 224 HOH B O     1 ? 
HETATM 785 O  O     . HOH J 4 .  ? -1.655  -17.514 -7.282  1.000 33.805 0 225 HOH B O     1 ? 
HETATM 786 O  O     . HOH J 4 .  ? -0.912  -10.051 -4.878  1.000 29.992 0 226 HOH B O     1 ? 
HETATM 787 O  O     . HOH J 4 .  ? 15.511  12.053  9.373   1.000 27.044 0 227 HOH B O     1 ? 
HETATM 788 O  O     . HOH J 4 .  ? 9.227   -5.833  -9.242  1.000 15.404 0 228 HOH B O     1 ? 
HETATM 789 O  O     . HOH J 4 .  ? 0.256   3.534   -7.847  1.000 26.392 0 229 HOH B O     1 ? 
HETATM 790 O  O     . HOH J 4 .  ? 4.462   -9.042  -5.656  1.000 17.051 0 230 HOH B O     1 ? 
HETATM 791 O  O     . HOH J 4 .  ? 5.795   -13.815 -4.361  1.000 17.008 0 231 HOH B O     1 ? 
HETATM 792 O  O     . HOH J 4 .  ? 12.376  11.905  11.950  1.000 30.157 0 232 HOH B O     1 ? 
HETATM 793 O  O     . HOH J 4 .  ? 0.145   -16.376 -5.052  1.000 18.277 0 233 HOH B O     1 ? 
HETATM 794 O  O     . HOH J 4 .  ? 14.777  15.336  6.834   1.000 16.861 0 234 HOH B O     1 ? 
HETATM 795 O  O     . HOH J 4 .  ? 5.543   -1.196  -7.013  1.000 15.959 0 235 HOH B O     1 ? 
HETATM 796 O  O     . HOH J 4 .  ? 0.070   -3.798  -3.112  1.000 28.013 0 236 HOH B O     1 ? 
HETATM 797 O  O     . HOH J 4 .  ? 9.330   -7.609  -5.292  1.000 31.043 0 237 HOH B O     1 ? 
HETATM 798 O  O     . HOH J 4 .  ? 0.411   -1.546  -4.889  1.000 29.684 0 238 HOH B O     1 ? 
HETATM 799 O  O     . HOH J 4 .  ? -6.812  -13.933 -11.432 1.000 14.908 0 239 HOH B O     1 ? 
HETATM 800 O  O     . HOH J 4 .  ? 3.912   10.022  9.906   1.000 23.247 0 240 HOH B O     1 ? 
HETATM 801 O  O     . HOH J 4 .  ? 1.599   -10.627 -14.634 1.000 16.218 0 241 HOH B O     1 ? 
HETATM 802 O  O     . HOH J 4 .  ? 12.864  7.487   4.985   1.000 18.861 0 242 HOH B O     1 ? 
HETATM 803 O  O     . HOH J 4 .  ? -0.139  -20.170 -4.173  1.000 27.236 0 243 HOH B O     1 ? 
HETATM 804 O  O     . HOH J 4 .  ? 0.110   -13.175 -4.644  1.000 16.598 0 244 HOH B O     1 ? 
HETATM 805 O  O     . HOH J 4 .  ? -7.184  5.896   -4.871  1.000 28.437 0 245 HOH B O     1 ? 
HETATM 806 O  O     . HOH J 4 .  ? 6.721   -3.595  -5.525  1.000 29.870 0 246 HOH B O     1 ? 
HETATM 807 O  O     . HOH J 4 .  ? -3.782  5.224   -1.691  1.000 30.998 0 247 HOH B O     1 ? 
HETATM 808 O  O     . HOH J 4 .  ? 1.504   1.861   -6.581  1.000 28.405 0 248 HOH B O     1 ? 
HETATM 809 O  O     . HOH J 4 .  ? -2.019  -6.026  -13.219 1.000 31.458 0 249 HOH B O     1 ? 
HETATM 810 O  O     . HOH J 4 .  ? 0.738   -4.881  -14.861 0.330 14.708 0 250 HOH B O     1 ? 
HETATM 811 O  O     . HOH J 4 .  ? -6.381  -16.847 -9.198  1.000 26.588 0 251 HOH B O     1 ? 
HETATM 812 O  O     . HOH J 4 .  ? -3.668  -17.489 -8.669  1.000 28.320 0 252 HOH B O     1 ? 
HETATM 813 O  O     . HOH J 4 .  ? 10.155  6.713   3.760   1.000 35.685 0 253 HOH B O     1 ? 
HETATM 814 O  O     . HOH J 4 .  ? 15.668  8.999   8.285   1.000 32.515 0 254 HOH B O     1 ? 
HETATM 815 O  O     . HOH J 4 .  ? -4.540  6.017   -4.778  1.000 28.024 0 255 HOH B O     1 ? 
HETATM 816 O  O     . HOH J 4 .  ? 5.669   -1.867  -4.806  1.000 24.072 0 256 HOH B O     1 ? 
HETATM 817 O  O     . HOH J 4 .  ? -0.837  3.608   -2.282  1.000 31.818 0 257 HOH B O     1 ? 
HETATM 818 O  O     . HOH J 4 .  ? 1.158   -17.310 -2.754  1.000 32.564 0 258 HOH B O     1 ? 
HETATM 819 O  O     . HOH J 4 .  ? -4.886  -15.676 -8.275  1.000 14.003 0 259 HOH B O     1 ? 
HETATM 820 O  O     . HOH J 4 .  ? 3.449   -13.355 -2.715  1.000 33.019 0 260 HOH B O     1 ? 
HETATM 821 O  O     . HOH J 4 .  ? 3.072   13.676  11.599  1.000 23.751 0 261 HOH B O     1 ? 
# 
loop_
_pdbx_poly_seq_scheme.asym_id 
_pdbx_poly_seq_scheme.entity_id 
_pdbx_poly_seq_scheme.seq_id 
_pdbx_poly_seq_scheme.mon_id 
_pdbx_poly_seq_scheme.ndb_seq_num 
_pdbx_poly_seq_scheme.pdb_seq_num 
_pdbx_poly_seq_scheme.auth_seq_num 
_pdbx_poly_seq_scheme.pdb_mon_id 
_pdbx_poly_seq_scheme.auth_mon_id 
_pdbx_poly_seq_scheme.pdb_strand_id 
_pdbx_poly_seq_scheme.pdb_ins_code 
_pdbx_poly_seq_scheme.hetero 
A 1 1  LKC 1  1  1  LKC LCC A . n 
A 1 2  LCC 2  2  2  LCC LCC A . n 
A 1 3  LCC 3  3  3  LCC LCC A . n 
A 1 4  LCG 4  4  4  LCG LCG A . n 
A 1 5  A   5  9  5  A   A   A . n 
A 1 6  C   6  10 6  C   C   A . n 
A 1 7  U   7  11 7  U   U   A . n 
A 1 8  U   8  12 8  U   U   A . n 
A 1 9  A   9  13 9  A   A   A . n 
A 1 10 A   10 14 10 A   A   A . n 
A 1 11 G   11 15 11 G   G   A . n 
A 1 12 U   12 16 12 U   U   A . n 
A 1 13 C   13 17 13 C   C   A . n 
A 1 14 LCG 14 19 14 LCG LCG A . n 
B 1 1  LKC 1  1  1  LKC LCC B . n 
B 1 2  LCC 2  2  2  LCC LCC B . n 
B 1 3  LCC 3  3  3  LCC LCC B . n 
B 1 4  LCG 4  4  4  LCG LCG B . n 
B 1 5  A   5  9  5  A   A   B . n 
B 1 6  C   6  10 6  C   C   B . n 
B 1 7  U   7  11 7  U   U   B . n 
B 1 8  U   8  12 8  U   U   B . n 
B 1 9  A   9  13 9  A   A   B . n 
B 1 10 A   10 14 10 A   A   B . n 
B 1 11 G   11 15 11 G   G   B . n 
B 1 12 U   12 16 12 U   U   B . n 
B 1 13 C   13 17 13 C   C   B . n 
B 1 14 LCG 14 19 14 LCG LCG B . n 
# 
loop_
_pdbx_nonpoly_scheme.asym_id 
_pdbx_nonpoly_scheme.entity_id 
_pdbx_nonpoly_scheme.mon_id 
_pdbx_nonpoly_scheme.ndb_seq_num 
_pdbx_nonpoly_scheme.pdb_seq_num 
_pdbx_nonpoly_scheme.auth_seq_num 
_pdbx_nonpoly_scheme.pdb_mon_id 
_pdbx_nonpoly_scheme.auth_mon_id 
_pdbx_nonpoly_scheme.pdb_strand_id 
_pdbx_nonpoly_scheme.pdb_ins_code 
C 2 GP3 1  101 101 GP3 GP3 A . 
D 3 MG  1  102 1   MG  MG  A . 
E 3 MG  1  103 6   MG  MG  A . 
F 2 GP3 1  101 101 GP3 GP3 B . 
G 3 MG  1  102 2   MG  MG  B . 
H 3 MG  1  103 7   MG  MG  B . 
I 4 HOH 1  201 106 HOH HOH A . 
I 4 HOH 2  202 49  HOH HOH A . 
I 4 HOH 3  203 94  HOH HOH A . 
I 4 HOH 4  204 99  HOH HOH A . 
I 4 HOH 5  205 52  HOH HOH A . 
I 4 HOH 6  206 119 HOH HOH A . 
I 4 HOH 7  207 81  HOH HOH A . 
I 4 HOH 8  208 105 HOH HOH A . 
I 4 HOH 9  209 77  HOH HOH A . 
I 4 HOH 10 210 38  HOH HOH A . 
I 4 HOH 11 211 42  HOH HOH A . 
I 4 HOH 12 212 83  HOH HOH A . 
I 4 HOH 13 213 117 HOH HOH A . 
I 4 HOH 14 214 58  HOH HOH A . 
I 4 HOH 15 215 123 HOH HOH A . 
I 4 HOH 16 216 78  HOH HOH A . 
I 4 HOH 17 217 44  HOH HOH A . 
I 4 HOH 18 218 17  HOH HOH A . 
I 4 HOH 19 219 122 HOH HOH A . 
I 4 HOH 20 220 43  HOH HOH A . 
I 4 HOH 21 221 102 HOH HOH A . 
I 4 HOH 22 222 100 HOH HOH A . 
I 4 HOH 23 223 56  HOH HOH A . 
I 4 HOH 24 224 9   HOH HOH A . 
I 4 HOH 25 225 8   HOH HOH A . 
I 4 HOH 26 226 116 HOH HOH A . 
I 4 HOH 27 227 19  HOH HOH A . 
I 4 HOH 28 228 21  HOH HOH A . 
I 4 HOH 29 229 47  HOH HOH A . 
I 4 HOH 30 230 97  HOH HOH A . 
I 4 HOH 31 231 70  HOH HOH A . 
I 4 HOH 32 232 1   HOH HOH A . 
I 4 HOH 33 233 35  HOH HOH A . 
I 4 HOH 34 234 67  HOH HOH A . 
I 4 HOH 35 235 6   HOH HOH A . 
I 4 HOH 36 236 50  HOH HOH A . 
I 4 HOH 37 237 118 HOH HOH A . 
I 4 HOH 38 238 34  HOH HOH A . 
I 4 HOH 39 239 7   HOH HOH A . 
I 4 HOH 40 240 5   HOH HOH A . 
I 4 HOH 41 241 53  HOH HOH A . 
I 4 HOH 42 242 79  HOH HOH A . 
I 4 HOH 43 243 71  HOH HOH A . 
I 4 HOH 44 244 101 HOH HOH A . 
I 4 HOH 45 245 82  HOH HOH A . 
I 4 HOH 46 246 104 HOH HOH A . 
I 4 HOH 47 247 107 HOH HOH A . 
I 4 HOH 48 248 75  HOH HOH A . 
I 4 HOH 49 249 74  HOH HOH A . 
I 4 HOH 50 250 45  HOH HOH A . 
I 4 HOH 51 251 98  HOH HOH A . 
I 4 HOH 52 252 4   HOH HOH A . 
I 4 HOH 53 253 68  HOH HOH A . 
I 4 HOH 54 254 51  HOH HOH A . 
J 4 HOH 1  201 121 HOH HOH B . 
J 4 HOH 2  202 60  HOH HOH B . 
J 4 HOH 3  203 73  HOH HOH B . 
J 4 HOH 4  204 120 HOH HOH B . 
J 4 HOH 5  205 108 HOH HOH B . 
J 4 HOH 6  206 65  HOH HOH B . 
J 4 HOH 7  207 40  HOH HOH B . 
J 4 HOH 8  208 57  HOH HOH B . 
J 4 HOH 9  209 111 HOH HOH B . 
J 4 HOH 10 210 91  HOH HOH B . 
J 4 HOH 11 211 29  HOH HOH B . 
J 4 HOH 12 212 20  HOH HOH B . 
J 4 HOH 13 213 92  HOH HOH B . 
J 4 HOH 14 214 114 HOH HOH B . 
J 4 HOH 15 215 55  HOH HOH B . 
J 4 HOH 16 216 84  HOH HOH B . 
J 4 HOH 17 217 93  HOH HOH B . 
J 4 HOH 18 218 61  HOH HOH B . 
J 4 HOH 19 219 16  HOH HOH B . 
J 4 HOH 20 220 3   HOH HOH B . 
J 4 HOH 21 221 72  HOH HOH B . 
J 4 HOH 22 222 2   HOH HOH B . 
J 4 HOH 23 223 28  HOH HOH B . 
J 4 HOH 24 224 37  HOH HOH B . 
J 4 HOH 25 225 63  HOH HOH B . 
J 4 HOH 26 226 31  HOH HOH B . 
J 4 HOH 27 227 64  HOH HOH B . 
J 4 HOH 28 228 25  HOH HOH B . 
J 4 HOH 29 229 115 HOH HOH B . 
J 4 HOH 30 230 24  HOH HOH B . 
J 4 HOH 31 231 12  HOH HOH B . 
J 4 HOH 32 232 85  HOH HOH B . 
J 4 HOH 33 233 14  HOH HOH B . 
J 4 HOH 34 234 59  HOH HOH B . 
J 4 HOH 35 235 11  HOH HOH B . 
J 4 HOH 36 236 69  HOH HOH B . 
J 4 HOH 37 237 76  HOH HOH B . 
J 4 HOH 38 238 90  HOH HOH B . 
J 4 HOH 39 239 15  HOH HOH B . 
J 4 HOH 40 240 10  HOH HOH B . 
J 4 HOH 41 241 36  HOH HOH B . 
J 4 HOH 42 242 39  HOH HOH B . 
J 4 HOH 43 243 95  HOH HOH B . 
J 4 HOH 44 244 13  HOH HOH B . 
J 4 HOH 45 245 80  HOH HOH B . 
J 4 HOH 46 246 32  HOH HOH B . 
J 4 HOH 47 247 87  HOH HOH B . 
J 4 HOH 48 248 88  HOH HOH B . 
J 4 HOH 49 249 113 HOH HOH B . 
J 4 HOH 50 250 112 HOH HOH B . 
J 4 HOH 51 251 96  HOH HOH B . 
J 4 HOH 52 252 62  HOH HOH B . 
J 4 HOH 53 253 66  HOH HOH B . 
J 4 HOH 54 254 103 HOH HOH B . 
J 4 HOH 55 255 46  HOH HOH B . 
J 4 HOH 56 256 33  HOH HOH B . 
J 4 HOH 57 257 86  HOH HOH B . 
J 4 HOH 58 258 110 HOH HOH B . 
J 4 HOH 59 259 18  HOH HOH B . 
J 4 HOH 60 260 109 HOH HOH B . 
J 4 HOH 61 261 48  HOH HOH B . 
# 
_pdbx_struct_assembly.id                   1 
_pdbx_struct_assembly.details              author_and_software_defined_assembly 
_pdbx_struct_assembly.method_details       PISA 
_pdbx_struct_assembly.oligomeric_details   dimeric 
_pdbx_struct_assembly.oligomeric_count     2 
# 
_pdbx_struct_assembly_gen.assembly_id       1 
_pdbx_struct_assembly_gen.oper_expression   1 
_pdbx_struct_assembly_gen.asym_id_list      A,B,C,D,E,F,G,H,I,J 
# 
loop_
_pdbx_struct_assembly_prop.biol_id 
_pdbx_struct_assembly_prop.type 
_pdbx_struct_assembly_prop.value 
_pdbx_struct_assembly_prop.details 
1 'ABSA (A^2)' 3290 ? 
1 MORE         16   ? 
1 'SSA (A^2)'  5170 ? 
# 
_pdbx_struct_oper_list.id                   1 
_pdbx_struct_oper_list.type                 'identity operation' 
_pdbx_struct_oper_list.name                 1_555 
_pdbx_struct_oper_list.symmetry_operation   x,y,z 
_pdbx_struct_oper_list.matrix[1][1]         1.0000000000 
_pdbx_struct_oper_list.matrix[1][2]         0.0000000000 
_pdbx_struct_oper_list.matrix[1][3]         0.0000000000 
_pdbx_struct_oper_list.vector[1]            0.0000000000 
_pdbx_struct_oper_list.matrix[2][1]         0.0000000000 
_pdbx_struct_oper_list.matrix[2][2]         1.0000000000 
_pdbx_struct_oper_list.matrix[2][3]         0.0000000000 
_pdbx_struct_oper_list.vector[2]            0.0000000000 
_pdbx_struct_oper_list.matrix[3][1]         0.0000000000 
_pdbx_struct_oper_list.matrix[3][2]         0.0000000000 
_pdbx_struct_oper_list.matrix[3][3]         1.0000000000 
_pdbx_struct_oper_list.vector[3]            0.0000000000 
# 
_pdbx_struct_special_symmetry.id              1 
_pdbx_struct_special_symmetry.PDB_model_num   1 
_pdbx_struct_special_symmetry.auth_asym_id    B 
_pdbx_struct_special_symmetry.auth_comp_id    HOH 
_pdbx_struct_special_symmetry.auth_seq_id     250 
_pdbx_struct_special_symmetry.PDB_ins_code    ? 
_pdbx_struct_special_symmetry.label_asym_id   J 
_pdbx_struct_special_symmetry.label_comp_id   HOH 
_pdbx_struct_special_symmetry.label_seq_id    . 
# 
loop_
_pdbx_struct_conn_angle.id 
_pdbx_struct_conn_angle.ptnr1_label_atom_id 
_pdbx_struct_conn_angle.ptnr1_label_alt_id 
_pdbx_struct_conn_angle.ptnr1_label_asym_id 
_pdbx_struct_conn_angle.ptnr1_label_comp_id 
_pdbx_struct_conn_angle.ptnr1_label_seq_id 
_pdbx_struct_conn_angle.ptnr1_auth_atom_id 
_pdbx_struct_conn_angle.ptnr1_auth_asym_id 
_pdbx_struct_conn_angle.ptnr1_auth_comp_id 
_pdbx_struct_conn_angle.ptnr1_auth_seq_id 
_pdbx_struct_conn_angle.ptnr1_PDB_ins_code 
_pdbx_struct_conn_angle.ptnr1_symmetry 
_pdbx_struct_conn_angle.ptnr2_label_atom_id 
_pdbx_struct_conn_angle.ptnr2_label_alt_id 
_pdbx_struct_conn_angle.ptnr2_label_asym_id 
_pdbx_struct_conn_angle.ptnr2_label_comp_id 
_pdbx_struct_conn_angle.ptnr2_label_seq_id 
_pdbx_struct_conn_angle.ptnr2_auth_atom_id 
_pdbx_struct_conn_angle.ptnr2_auth_asym_id 
_pdbx_struct_conn_angle.ptnr2_auth_comp_id 
_pdbx_struct_conn_angle.ptnr2_auth_seq_id 
_pdbx_struct_conn_angle.ptnr2_PDB_ins_code 
_pdbx_struct_conn_angle.ptnr2_symmetry 
_pdbx_struct_conn_angle.ptnr3_label_atom_id 
_pdbx_struct_conn_angle.ptnr3_label_alt_id 
_pdbx_struct_conn_angle.ptnr3_label_asym_id 
_pdbx_struct_conn_angle.ptnr3_label_comp_id 
_pdbx_struct_conn_angle.ptnr3_label_seq_id 
_pdbx_struct_conn_angle.ptnr3_auth_atom_id 
_pdbx_struct_conn_angle.ptnr3_auth_asym_id 
_pdbx_struct_conn_angle.ptnr3_auth_comp_id 
_pdbx_struct_conn_angle.ptnr3_auth_seq_id 
_pdbx_struct_conn_angle.ptnr3_PDB_ins_code 
_pdbx_struct_conn_angle.ptnr3_symmetry 
_pdbx_struct_conn_angle.value 
_pdbx_struct_conn_angle.value_esd 
1  O3D ? C GP3 . ? A GP3 101 ? 1_555 MG ? G MG . ? B MG 102 ? 1_555 O2D ? C GP3 . ? A GP3 101 ? 1_555 77.1  ? 
2  O3D ? C GP3 . ? A GP3 101 ? 1_555 MG ? G MG . ? B MG 102 ? 1_555 O3D ? C GP3 . ? A GP3 101 ? 1_555 0.0   ? 
3  O2D ? C GP3 . ? A GP3 101 ? 1_555 MG ? G MG . ? B MG 102 ? 1_555 O3D ? C GP3 . ? A GP3 101 ? 1_555 77.1  ? 
4  O3D ? C GP3 . ? A GP3 101 ? 1_555 MG ? G MG . ? B MG 102 ? 1_555 O2D ? C GP3 . ? A GP3 101 ? 1_555 77.1  ? 
5  O2D ? C GP3 . ? A GP3 101 ? 1_555 MG ? G MG . ? B MG 102 ? 1_555 O2D ? C GP3 . ? A GP3 101 ? 1_555 0.0   ? 
6  O3D ? C GP3 . ? A GP3 101 ? 1_555 MG ? G MG . ? B MG 102 ? 1_555 O2D ? C GP3 . ? A GP3 101 ? 1_555 77.1  ? 
7  O2A ? C GP3 . ? A GP3 101 ? 1_555 MG ? H MG . ? B MG 103 ? 1_555 O3B ? C GP3 . ? A GP3 101 ? 1_555 104.6 ? 
8  O2A ? C GP3 . ? A GP3 101 ? 1_555 MG ? H MG . ? B MG 103 ? 1_555 O2G ? C GP3 . ? A GP3 101 ? 1_555 162.9 ? 
9  O3B ? C GP3 . ? A GP3 101 ? 1_555 MG ? H MG . ? B MG 103 ? 1_555 O2G ? C GP3 . ? A GP3 101 ? 1_555 58.4  ? 
10 O3D ? F GP3 . ? B GP3 101 ? 1_555 MG ? D MG . ? A MG 102 ? 1_555 O2D ? F GP3 . ? B GP3 101 ? 1_555 78.1  ? 
11 O3D ? F GP3 . ? B GP3 101 ? 1_555 MG ? D MG . ? A MG 102 ? 1_555 O3D ? F GP3 . ? B GP3 101 ? 2_775 103.5 ? 
12 O2D ? F GP3 . ? B GP3 101 ? 1_555 MG ? D MG . ? A MG 102 ? 1_555 O3D ? F GP3 . ? B GP3 101 ? 2_775 114.9 ? 
13 O3D ? F GP3 . ? B GP3 101 ? 1_555 MG ? D MG . ? A MG 102 ? 1_555 O2D ? F GP3 . ? B GP3 101 ? 3_575 115.8 ? 
14 O2D ? F GP3 . ? B GP3 101 ? 1_555 MG ? D MG . ? A MG 102 ? 1_555 O2D ? F GP3 . ? B GP3 101 ? 3_575 92.0  ? 
15 O3D ? F GP3 . ? B GP3 101 ? 2_775 MG ? D MG . ? A MG 102 ? 1_555 O2D ? F GP3 . ? B GP3 101 ? 3_575 136.3 ? 
16 O3B ? F GP3 . ? B GP3 101 ? 1_555 MG ? E MG . ? A MG 103 ? 1_555 O2A ? F GP3 . ? B GP3 101 ? 1_555 89.8  ? 
17 O3B ? F GP3 . ? B GP3 101 ? 1_555 MG ? E MG . ? A MG 103 ? 1_555 O   ? J HOH . ? B HOH 201 ? 1_555 74.6  ? 
18 O2A ? F GP3 . ? B GP3 101 ? 1_555 MG ? E MG . ? A MG 103 ? 1_555 O   ? J HOH . ? B HOH 201 ? 1_555 108.4 ? 
19 O3B ? F GP3 . ? B GP3 101 ? 1_555 MG ? E MG . ? A MG 103 ? 1_555 O   ? J HOH . ? B HOH 204 ? 1_555 60.7  ? 
20 O2A ? F GP3 . ? B GP3 101 ? 1_555 MG ? E MG . ? A MG 103 ? 1_555 O   ? J HOH . ? B HOH 204 ? 1_555 84.0  ? 
21 O   ? J HOH . ? B HOH 201 ? 1_555 MG ? E MG . ? A MG 103 ? 1_555 O   ? J HOH . ? B HOH 204 ? 1_555 133.8 ? 
# 
loop_
_pdbx_audit_revision_history.ordinal 
_pdbx_audit_revision_history.data_content_type 
_pdbx_audit_revision_history.major_revision 
_pdbx_audit_revision_history.minor_revision 
_pdbx_audit_revision_history.revision_date 
1 'Structure model' 1 0 2021-09-08 
2 'Structure model' 1 1 2021-10-20 
3 'Structure model' 1 2 2022-03-23 
4 'Structure model' 1 3 2023-10-18 
# 
_pdbx_audit_revision_details.ordinal             1 
_pdbx_audit_revision_details.revision_ordinal    1 
_pdbx_audit_revision_details.data_content_type   'Structure model' 
_pdbx_audit_revision_details.provider            repository 
_pdbx_audit_revision_details.type                'Initial release' 
_pdbx_audit_revision_details.description         ? 
_pdbx_audit_revision_details.details             ? 
# 
loop_
_pdbx_audit_revision_group.ordinal 
_pdbx_audit_revision_group.revision_ordinal 
_pdbx_audit_revision_group.data_content_type 
_pdbx_audit_revision_group.group 
1 2 'Structure model' 'Database references'    
2 3 'Structure model' 'Database references'    
3 4 'Structure model' 'Data collection'        
4 4 'Structure model' 'Refinement description' 
# 
loop_
_pdbx_audit_revision_category.ordinal 
_pdbx_audit_revision_category.revision_ordinal 
_pdbx_audit_revision_category.data_content_type 
_pdbx_audit_revision_category.category 
1 2 'Structure model' citation                      
2 3 'Structure model' citation_author               
3 4 'Structure model' chem_comp_atom                
4 4 'Structure model' chem_comp_bond                
5 4 'Structure model' pdbx_initial_refinement_model 
# 
loop_
_pdbx_audit_revision_item.ordinal 
_pdbx_audit_revision_item.revision_ordinal 
_pdbx_audit_revision_item.data_content_type 
_pdbx_audit_revision_item.item 
1 2 'Structure model' '_citation.journal_volume'          
2 2 'Structure model' '_citation.page_first'              
3 2 'Structure model' '_citation.page_last'               
4 2 'Structure model' '_citation.title'                   
5 3 'Structure model' '_citation_author.identifier_ORCID' 
# 
loop_
_software.citation_id 
_software.classification 
_software.compiler_name 
_software.compiler_version 
_software.contact_author 
_software.contact_author_email 
_software.date 
_software.description 
_software.dependencies 
_software.hardware 
_software.language 
_software.location 
_software.mods 
_software.name 
_software.os 
_software.os_version 
_software.type 
_software.version 
_software.pdbx_ordinal 
? refinement       ? ? ? ? ? ? ? ? ? ? ? REFMAC   ? ? ? 5.8.0267 1 
? 'data reduction' ? ? ? ? ? ? ? ? ? ? ? HKL-2000 ? ? ? .        2 
? 'data scaling'   ? ? ? ? ? ? ? ? ? ? ? HKL-2000 ? ? ? .        3 
? phasing          ? ? ? ? ? ? ? ? ? ? ? PHASER   ? ? ? .        4 
# 
_pdbx_entry_details.entry_id                 7KUM 
_pdbx_entry_details.has_ligand_of_interest   Y 
_pdbx_entry_details.compound_details         ? 
_pdbx_entry_details.source_details           ? 
_pdbx_entry_details.nonpolymer_details       ? 
_pdbx_entry_details.sequence_details         ? 
# 
loop_
_pdbx_validate_close_contact.id 
_pdbx_validate_close_contact.PDB_model_num 
_pdbx_validate_close_contact.auth_atom_id_1 
_pdbx_validate_close_contact.auth_asym_id_1 
_pdbx_validate_close_contact.auth_comp_id_1 
_pdbx_validate_close_contact.auth_seq_id_1 
_pdbx_validate_close_contact.PDB_ins_code_1 
_pdbx_validate_close_contact.label_alt_id_1 
_pdbx_validate_close_contact.auth_atom_id_2 
_pdbx_validate_close_contact.auth_asym_id_2 
_pdbx_validate_close_contact.auth_comp_id_2 
_pdbx_validate_close_contact.auth_seq_id_2 
_pdbx_validate_close_contact.PDB_ins_code_2 
_pdbx_validate_close_contact.label_alt_id_2 
_pdbx_validate_close_contact.dist 
1 1 O   A HOH 250 ? ? O B HOH 247 ? ? 2.02 
2 1 O   B HOH 251 ? ? O B HOH 259 ? ? 2.11 
3 1 O   B HOH 246 ? ? O B HOH 256 ? ? 2.15 
4 1 O2E A GP3 101 ? ? O A HOH 201 ? ? 2.16 
# 
_pdbx_validate_symm_contact.id                1 
_pdbx_validate_symm_contact.PDB_model_num     1 
_pdbx_validate_symm_contact.auth_atom_id_1    O 
_pdbx_validate_symm_contact.auth_asym_id_1    A 
_pdbx_validate_symm_contact.auth_comp_id_1    HOH 
_pdbx_validate_symm_contact.auth_seq_id_1     249 
_pdbx_validate_symm_contact.PDB_ins_code_1    ? 
_pdbx_validate_symm_contact.label_alt_id_1    ? 
_pdbx_validate_symm_contact.site_symmetry_1   1_555 
_pdbx_validate_symm_contact.auth_atom_id_2    O 
_pdbx_validate_symm_contact.auth_asym_id_2    B 
_pdbx_validate_symm_contact.auth_comp_id_2    HOH 
_pdbx_validate_symm_contact.auth_seq_id_2     241 
_pdbx_validate_symm_contact.PDB_ins_code_2    ? 
_pdbx_validate_symm_contact.label_alt_id_2    ? 
_pdbx_validate_symm_contact.site_symmetry_2   3_575 
_pdbx_validate_symm_contact.dist              2.14 
# 
loop_
_pdbx_validate_rmsd_bond.id 
_pdbx_validate_rmsd_bond.PDB_model_num 
_pdbx_validate_rmsd_bond.auth_atom_id_1 
_pdbx_validate_rmsd_bond.auth_asym_id_1 
_pdbx_validate_rmsd_bond.auth_comp_id_1 
_pdbx_validate_rmsd_bond.auth_seq_id_1 
_pdbx_validate_rmsd_bond.PDB_ins_code_1 
_pdbx_validate_rmsd_bond.label_alt_id_1 
_pdbx_validate_rmsd_bond.auth_atom_id_2 
_pdbx_validate_rmsd_bond.auth_asym_id_2 
_pdbx_validate_rmsd_bond.auth_comp_id_2 
_pdbx_validate_rmsd_bond.auth_seq_id_2 
_pdbx_validate_rmsd_bond.PDB_ins_code_2 
_pdbx_validate_rmsd_bond.label_alt_id_2 
_pdbx_validate_rmsd_bond.bond_value 
_pdbx_validate_rmsd_bond.bond_target_value 
_pdbx_validate_rmsd_bond.bond_deviation 
_pdbx_validate_rmsd_bond.bond_standard_deviation 
_pdbx_validate_rmsd_bond.linker_flag 
1 1 "O3'" A LCC 2 ? ? P A LCC 3 ? ? 1.531 1.607 -0.076 0.012 Y 
2 1 "O3'" B LCC 2 ? ? P B LCC 3 ? ? 1.533 1.607 -0.074 0.012 Y 
# 
loop_
_pdbx_validate_rmsd_angle.id 
_pdbx_validate_rmsd_angle.PDB_model_num 
_pdbx_validate_rmsd_angle.auth_atom_id_1 
_pdbx_validate_rmsd_angle.auth_asym_id_1 
_pdbx_validate_rmsd_angle.auth_comp_id_1 
_pdbx_validate_rmsd_angle.auth_seq_id_1 
_pdbx_validate_rmsd_angle.PDB_ins_code_1 
_pdbx_validate_rmsd_angle.label_alt_id_1 
_pdbx_validate_rmsd_angle.auth_atom_id_2 
_pdbx_validate_rmsd_angle.auth_asym_id_2 
_pdbx_validate_rmsd_angle.auth_comp_id_2 
_pdbx_validate_rmsd_angle.auth_seq_id_2 
_pdbx_validate_rmsd_angle.PDB_ins_code_2 
_pdbx_validate_rmsd_angle.label_alt_id_2 
_pdbx_validate_rmsd_angle.auth_atom_id_3 
_pdbx_validate_rmsd_angle.auth_asym_id_3 
_pdbx_validate_rmsd_angle.auth_comp_id_3 
_pdbx_validate_rmsd_angle.auth_seq_id_3 
_pdbx_validate_rmsd_angle.PDB_ins_code_3 
_pdbx_validate_rmsd_angle.label_alt_id_3 
_pdbx_validate_rmsd_angle.angle_value 
_pdbx_validate_rmsd_angle.angle_target_value 
_pdbx_validate_rmsd_angle.angle_deviation 
_pdbx_validate_rmsd_angle.angle_standard_deviation 
_pdbx_validate_rmsd_angle.linker_flag 
1 1 "O3'" A LCG 4 ? ? P A A 9 ? ? OP2 A A 9 ? ? 120.77 110.50 10.27 1.10 Y 
2 1 "O3'" B LCG 4 ? ? P B A 9 ? ? OP2 B A 9 ? ? 117.25 110.50 6.75  1.10 Y 
# 
loop_
_chem_comp_atom.comp_id 
_chem_comp_atom.atom_id 
_chem_comp_atom.type_symbol 
_chem_comp_atom.pdbx_aromatic_flag 
_chem_comp_atom.pdbx_stereo_config 
_chem_comp_atom.pdbx_ordinal 
A   OP3    O  N N 1   
A   P      P  N N 2   
A   OP1    O  N N 3   
A   OP2    O  N N 4   
A   "O5'"  O  N N 5   
A   "C5'"  C  N N 6   
A   "C4'"  C  N R 7   
A   "O4'"  O  N N 8   
A   "C3'"  C  N S 9   
A   "O3'"  O  N N 10  
A   "C2'"  C  N R 11  
A   "O2'"  O  N N 12  
A   "C1'"  C  N R 13  
A   N9     N  Y N 14  
A   C8     C  Y N 15  
A   N7     N  Y N 16  
A   C5     C  Y N 17  
A   C6     C  Y N 18  
A   N6     N  N N 19  
A   N1     N  Y N 20  
A   C2     C  Y N 21  
A   N3     N  Y N 22  
A   C4     C  Y N 23  
A   HOP3   H  N N 24  
A   HOP2   H  N N 25  
A   "H5'"  H  N N 26  
A   "H5''" H  N N 27  
A   "H4'"  H  N N 28  
A   "H3'"  H  N N 29  
A   "HO3'" H  N N 30  
A   "H2'"  H  N N 31  
A   "HO2'" H  N N 32  
A   "H1'"  H  N N 33  
A   H8     H  N N 34  
A   H61    H  N N 35  
A   H62    H  N N 36  
A   H2     H  N N 37  
C   OP3    O  N N 38  
C   P      P  N N 39  
C   OP1    O  N N 40  
C   OP2    O  N N 41  
C   "O5'"  O  N N 42  
C   "C5'"  C  N N 43  
C   "C4'"  C  N R 44  
C   "O4'"  O  N N 45  
C   "C3'"  C  N S 46  
C   "O3'"  O  N N 47  
C   "C2'"  C  N R 48  
C   "O2'"  O  N N 49  
C   "C1'"  C  N R 50  
C   N1     N  N N 51  
C   C2     C  N N 52  
C   O2     O  N N 53  
C   N3     N  N N 54  
C   C4     C  N N 55  
C   N4     N  N N 56  
C   C5     C  N N 57  
C   C6     C  N N 58  
C   HOP3   H  N N 59  
C   HOP2   H  N N 60  
C   "H5'"  H  N N 61  
C   "H5''" H  N N 62  
C   "H4'"  H  N N 63  
C   "H3'"  H  N N 64  
C   "HO3'" H  N N 65  
C   "H2'"  H  N N 66  
C   "HO2'" H  N N 67  
C   "H1'"  H  N N 68  
C   H41    H  N N 69  
C   H42    H  N N 70  
C   H5     H  N N 71  
C   H6     H  N N 72  
G   OP3    O  N N 73  
G   P      P  N N 74  
G   OP1    O  N N 75  
G   OP2    O  N N 76  
G   "O5'"  O  N N 77  
G   "C5'"  C  N N 78  
G   "C4'"  C  N R 79  
G   "O4'"  O  N N 80  
G   "C3'"  C  N S 81  
G   "O3'"  O  N N 82  
G   "C2'"  C  N R 83  
G   "O2'"  O  N N 84  
G   "C1'"  C  N R 85  
G   N9     N  Y N 86  
G   C8     C  Y N 87  
G   N7     N  Y N 88  
G   C5     C  Y N 89  
G   C6     C  N N 90  
G   O6     O  N N 91  
G   N1     N  N N 92  
G   C2     C  N N 93  
G   N2     N  N N 94  
G   N3     N  N N 95  
G   C4     C  Y N 96  
G   HOP3   H  N N 97  
G   HOP2   H  N N 98  
G   "H5'"  H  N N 99  
G   "H5''" H  N N 100 
G   "H4'"  H  N N 101 
G   "H3'"  H  N N 102 
G   "HO3'" H  N N 103 
G   "H2'"  H  N N 104 
G   "HO2'" H  N N 105 
G   "H1'"  H  N N 106 
G   H8     H  N N 107 
G   H1     H  N N 108 
G   H21    H  N N 109 
G   H22    H  N N 110 
GP3 N9A    N  Y N 111 
GP3 C8A    C  Y N 112 
GP3 N7A    N  Y N 113 
GP3 C5A    C  Y N 114 
GP3 C6A    C  N N 115 
GP3 O6A    O  N N 116 
GP3 N1A    N  N N 117 
GP3 C2A    C  N N 118 
GP3 N2A    N  N N 119 
GP3 N3A    N  N N 120 
GP3 C4A    C  Y N 121 
GP3 O5D    O  N N 122 
GP3 C5D    C  N N 123 
GP3 C4D    C  N R 124 
GP3 O4D    O  N N 125 
GP3 C3D    C  N S 126 
GP3 O3D    O  N N 127 
GP3 C2D    C  N R 128 
GP3 O2D    O  N N 129 
GP3 C1D    C  N R 130 
GP3 PA     P  N R 131 
GP3 O1A    O  N N 132 
GP3 O2A    O  N N 133 
GP3 O3A    O  N N 134 
GP3 PB     P  N N 135 
GP3 O1B    O  N N 136 
GP3 O2B    O  N N 137 
GP3 O3B    O  N N 138 
GP3 PG     P  N R 139 
GP3 O1G    O  N N 140 
GP3 O2G    O  N N 141 
GP3 O5E    O  N N 142 
GP3 C5E    C  N N 143 
GP3 C4E    C  N R 144 
GP3 O4E    O  N N 145 
GP3 C3E    C  N S 146 
GP3 O3E    O  N N 147 
GP3 C2E    C  N R 148 
GP3 O2E    O  N N 149 
GP3 C1E    C  N R 150 
GP3 N9B    N  Y N 151 
GP3 C8B    C  Y N 152 
GP3 N7B    N  Y N 153 
GP3 C5B    C  Y N 154 
GP3 C6B    C  N N 155 
GP3 O6B    O  N N 156 
GP3 N1B    N  N N 157 
GP3 C2B    C  N N 158 
GP3 N2B    N  N N 159 
GP3 N3B    N  N N 160 
GP3 C4B    C  Y N 161 
GP3 H8A    H  N N 162 
GP3 H1A    H  N N 163 
GP3 H21A   H  N N 164 
GP3 H22A   H  N N 165 
GP3 H51A   H  N N 166 
GP3 H52A   H  N N 167 
GP3 H4D    H  N N 168 
GP3 H3D    H  N N 169 
GP3 HO3A   H  N N 170 
GP3 H2D    H  N N 171 
GP3 HO2A   H  N N 172 
GP3 H1D    H  N N 173 
GP3 HOA2   H  N N 174 
GP3 HOB2   H  N N 175 
GP3 HOG2   H  N N 176 
GP3 H51B   H  N N 177 
GP3 H52B   H  N N 178 
GP3 H4E    H  N N 179 
GP3 H3E    H  N N 180 
GP3 HO3B   H  N N 181 
GP3 H2E    H  N N 182 
GP3 HO2B   H  N N 183 
GP3 H1E    H  N N 184 
GP3 H8B    H  N N 185 
GP3 H1B    H  N N 186 
GP3 H21B   H  N N 187 
GP3 H22B   H  N N 188 
HOH O      O  N N 189 
HOH H1     H  N N 190 
HOH H2     H  N N 191 
LCC "O5'"  O  N N 192 
LCC "C5'"  C  N N 193 
LCC "C4'"  C  N R 194 
LCC "O4'"  O  N N 195 
LCC "C1'"  C  N R 196 
LCC N1     N  N N 197 
LCC C6     C  N N 198 
LCC C5     C  N N 199 
LCC C5M    C  N N 200 
LCC C4     C  N N 201 
LCC N4     N  N N 202 
LCC N3     N  N N 203 
LCC C2     C  N N 204 
LCC O2     O  N N 205 
LCC "C3'"  C  N S 206 
LCC "C2'"  C  N R 207 
LCC "O2'"  O  N N 208 
LCC "O3'"  O  N N 209 
LCC "C6'"  C  N N 210 
LCC P      P  N N 211 
LCC O1P    O  N N 212 
LCC O2P    O  N N 213 
LCC OXT    O  N N 214 
LCC "H5'1" H  N N 215 
LCC "H5'2" H  N N 216 
LCC "H1'"  H  N N 217 
LCC H6     H  N N 218 
LCC H5M1   H  N N 219 
LCC H5M2   H  N N 220 
LCC H5M3   H  N N 221 
LCC H41    H  N N 222 
LCC H42    H  N N 223 
LCC "H3'"  H  N N 224 
LCC "H2'1" H  N N 225 
LCC H3T    H  N N 226 
LCC "H6'1" H  N N 227 
LCC "H6'2" H  N N 228 
LCC H1P    H  N N 229 
LCC HXT    H  N N 230 
LCG P      P  N N 231 
LCG OP1    O  N N 232 
LCG "O5'"  O  N N 233 
LCG "C5'"  C  N N 234 
LCG "C3'"  C  N S 235 
LCG "C6'"  C  N N 236 
LCG N9     N  Y N 237 
LCG C8     C  Y N 238 
LCG C4     C  Y N 239 
LCG N7     N  Y N 240 
LCG C5     C  Y N 241 
LCG C6     C  N N 242 
LCG "C2'"  C  N R 243 
LCG O6     O  N N 244 
LCG "C4'"  C  N R 245 
LCG "C1'"  C  N R 246 
LCG C2     C  N N 247 
LCG N1     N  N N 248 
LCG "O4'"  O  N N 249 
LCG OP2    O  N N 250 
LCG N2     N  N N 251 
LCG N3     N  N N 252 
LCG "O2'"  O  N N 253 
LCG "O3'"  O  N N 254 
LCG OP3    O  N N 255 
LCG "H5'"  H  N N 256 
LCG "H5''" H  N N 257 
LCG "H3'"  H  N N 258 
LCG "H6'1" H  N N 259 
LCG "H6'2" H  N N 260 
LCG H8     H  N N 261 
LCG "H2'"  H  N N 262 
LCG "H1'"  H  N N 263 
LCG H1     H  N N 264 
LCG HOP2   H  N N 265 
LCG H21    H  N N 266 
LCG H22    H  N N 267 
LCG "HO3'" H  N N 268 
LCG HOP3   H  N N 269 
LKC N1     N  N N 270 
LKC C2     C  N N 271 
LKC N3     N  N N 272 
LKC C4     C  N N 273 
LKC C5     C  N N 274 
LKC C6     C  N N 275 
LKC O2     O  N N 276 
LKC N4     N  N N 277 
LKC "C1'"  C  N R 278 
LKC "C2'"  C  N R 279 
LKC "C3'"  C  N S 280 
LKC "C4'"  C  N S 281 
LKC "O4'"  O  N N 282 
LKC "O3'"  O  N N 283 
LKC "C5'"  C  N N 284 
LKC "O5'"  O  N N 285 
LKC C5A    C  N N 286 
LKC "O2'"  O  N N 287 
LKC "C6'"  C  N N 288 
LKC H6     H  N N 289 
LKC H41    H  N N 290 
LKC H42    H  N N 291 
LKC "H1'"  H  N N 292 
LKC "H2'1" H  N N 293 
LKC "H3'"  H  N N 294 
LKC H3T    H  N N 295 
LKC "H5'1" H  N N 296 
LKC "H5'2" H  N N 297 
LKC H5T    H  N N 298 
LKC H5M1   H  N N 299 
LKC H5M2   H  N N 300 
LKC H5M3   H  N N 301 
LKC "H6'1" H  N N 302 
LKC "H6'2" H  N N 303 
MG  MG     MG N N 304 
U   OP3    O  N N 305 
U   P      P  N N 306 
U   OP1    O  N N 307 
U   OP2    O  N N 308 
U   "O5'"  O  N N 309 
U   "C5'"  C  N N 310 
U   "C4'"  C  N R 311 
U   "O4'"  O  N N 312 
U   "C3'"  C  N S 313 
U   "O3'"  O  N N 314 
U   "C2'"  C  N R 315 
U   "O2'"  O  N N 316 
U   "C1'"  C  N R 317 
U   N1     N  N N 318 
U   C2     C  N N 319 
U   O2     O  N N 320 
U   N3     N  N N 321 
U   C4     C  N N 322 
U   O4     O  N N 323 
U   C5     C  N N 324 
U   C6     C  N N 325 
U   HOP3   H  N N 326 
U   HOP2   H  N N 327 
U   "H5'"  H  N N 328 
U   "H5''" H  N N 329 
U   "H4'"  H  N N 330 
U   "H3'"  H  N N 331 
U   "HO3'" H  N N 332 
U   "H2'"  H  N N 333 
U   "HO2'" H  N N 334 
U   "H1'"  H  N N 335 
U   H3     H  N N 336 
U   H5     H  N N 337 
U   H6     H  N N 338 
# 
loop_
_chem_comp_bond.comp_id 
_chem_comp_bond.atom_id_1 
_chem_comp_bond.atom_id_2 
_chem_comp_bond.value_order 
_chem_comp_bond.pdbx_aromatic_flag 
_chem_comp_bond.pdbx_stereo_config 
_chem_comp_bond.pdbx_ordinal 
A   OP3   P      sing N N 1   
A   OP3   HOP3   sing N N 2   
A   P     OP1    doub N N 3   
A   P     OP2    sing N N 4   
A   P     "O5'"  sing N N 5   
A   OP2   HOP2   sing N N 6   
A   "O5'" "C5'"  sing N N 7   
A   "C5'" "C4'"  sing N N 8   
A   "C5'" "H5'"  sing N N 9   
A   "C5'" "H5''" sing N N 10  
A   "C4'" "O4'"  sing N N 11  
A   "C4'" "C3'"  sing N N 12  
A   "C4'" "H4'"  sing N N 13  
A   "O4'" "C1'"  sing N N 14  
A   "C3'" "O3'"  sing N N 15  
A   "C3'" "C2'"  sing N N 16  
A   "C3'" "H3'"  sing N N 17  
A   "O3'" "HO3'" sing N N 18  
A   "C2'" "O2'"  sing N N 19  
A   "C2'" "C1'"  sing N N 20  
A   "C2'" "H2'"  sing N N 21  
A   "O2'" "HO2'" sing N N 22  
A   "C1'" N9     sing N N 23  
A   "C1'" "H1'"  sing N N 24  
A   N9    C8     sing Y N 25  
A   N9    C4     sing Y N 26  
A   C8    N7     doub Y N 27  
A   C8    H8     sing N N 28  
A   N7    C5     sing Y N 29  
A   C5    C6     sing Y N 30  
A   C5    C4     doub Y N 31  
A   C6    N6     sing N N 32  
A   C6    N1     doub Y N 33  
A   N6    H61    sing N N 34  
A   N6    H62    sing N N 35  
A   N1    C2     sing Y N 36  
A   C2    N3     doub Y N 37  
A   C2    H2     sing N N 38  
A   N3    C4     sing Y N 39  
C   OP3   P      sing N N 40  
C   OP3   HOP3   sing N N 41  
C   P     OP1    doub N N 42  
C   P     OP2    sing N N 43  
C   P     "O5'"  sing N N 44  
C   OP2   HOP2   sing N N 45  
C   "O5'" "C5'"  sing N N 46  
C   "C5'" "C4'"  sing N N 47  
C   "C5'" "H5'"  sing N N 48  
C   "C5'" "H5''" sing N N 49  
C   "C4'" "O4'"  sing N N 50  
C   "C4'" "C3'"  sing N N 51  
C   "C4'" "H4'"  sing N N 52  
C   "O4'" "C1'"  sing N N 53  
C   "C3'" "O3'"  sing N N 54  
C   "C3'" "C2'"  sing N N 55  
C   "C3'" "H3'"  sing N N 56  
C   "O3'" "HO3'" sing N N 57  
C   "C2'" "O2'"  sing N N 58  
C   "C2'" "C1'"  sing N N 59  
C   "C2'" "H2'"  sing N N 60  
C   "O2'" "HO2'" sing N N 61  
C   "C1'" N1     sing N N 62  
C   "C1'" "H1'"  sing N N 63  
C   N1    C2     sing N N 64  
C   N1    C6     sing N N 65  
C   C2    O2     doub N N 66  
C   C2    N3     sing N N 67  
C   N3    C4     doub N N 68  
C   C4    N4     sing N N 69  
C   C4    C5     sing N N 70  
C   N4    H41    sing N N 71  
C   N4    H42    sing N N 72  
C   C5    C6     doub N N 73  
C   C5    H5     sing N N 74  
C   C6    H6     sing N N 75  
G   OP3   P      sing N N 76  
G   OP3   HOP3   sing N N 77  
G   P     OP1    doub N N 78  
G   P     OP2    sing N N 79  
G   P     "O5'"  sing N N 80  
G   OP2   HOP2   sing N N 81  
G   "O5'" "C5'"  sing N N 82  
G   "C5'" "C4'"  sing N N 83  
G   "C5'" "H5'"  sing N N 84  
G   "C5'" "H5''" sing N N 85  
G   "C4'" "O4'"  sing N N 86  
G   "C4'" "C3'"  sing N N 87  
G   "C4'" "H4'"  sing N N 88  
G   "O4'" "C1'"  sing N N 89  
G   "C3'" "O3'"  sing N N 90  
G   "C3'" "C2'"  sing N N 91  
G   "C3'" "H3'"  sing N N 92  
G   "O3'" "HO3'" sing N N 93  
G   "C2'" "O2'"  sing N N 94  
G   "C2'" "C1'"  sing N N 95  
G   "C2'" "H2'"  sing N N 96  
G   "O2'" "HO2'" sing N N 97  
G   "C1'" N9     sing N N 98  
G   "C1'" "H1'"  sing N N 99  
G   N9    C8     sing Y N 100 
G   N9    C4     sing Y N 101 
G   C8    N7     doub Y N 102 
G   C8    H8     sing N N 103 
G   N7    C5     sing Y N 104 
G   C5    C6     sing N N 105 
G   C5    C4     doub Y N 106 
G   C6    O6     doub N N 107 
G   C6    N1     sing N N 108 
G   N1    C2     sing N N 109 
G   N1    H1     sing N N 110 
G   C2    N2     sing N N 111 
G   C2    N3     doub N N 112 
G   N2    H21    sing N N 113 
G   N2    H22    sing N N 114 
G   N3    C4     sing N N 115 
GP3 N9A   C8A    sing Y N 116 
GP3 N9A   C4A    sing Y N 117 
GP3 N9A   C1D    sing N N 118 
GP3 C8A   N7A    doub Y N 119 
GP3 C8A   H8A    sing N N 120 
GP3 N7A   C5A    sing Y N 121 
GP3 C5A   C6A    sing N N 122 
GP3 C5A   C4A    doub Y N 123 
GP3 C6A   O6A    doub N N 124 
GP3 C6A   N1A    sing N N 125 
GP3 N1A   C2A    sing N N 126 
GP3 N1A   H1A    sing N N 127 
GP3 C2A   N2A    sing N N 128 
GP3 C2A   N3A    doub N N 129 
GP3 N2A   H21A   sing N N 130 
GP3 N2A   H22A   sing N N 131 
GP3 N3A   C4A    sing N N 132 
GP3 O5D   C5D    sing N N 133 
GP3 O5D   PA     sing N N 134 
GP3 C5D   C4D    sing N N 135 
GP3 C5D   H51A   sing N N 136 
GP3 C5D   H52A   sing N N 137 
GP3 C4D   O4D    sing N N 138 
GP3 C4D   C3D    sing N N 139 
GP3 C4D   H4D    sing N N 140 
GP3 O4D   C1D    sing N N 141 
GP3 C3D   O3D    sing N N 142 
GP3 C3D   C2D    sing N N 143 
GP3 C3D   H3D    sing N N 144 
GP3 O3D   HO3A   sing N N 145 
GP3 C2D   O2D    sing N N 146 
GP3 C2D   C1D    sing N N 147 
GP3 C2D   H2D    sing N N 148 
GP3 O2D   HO2A   sing N N 149 
GP3 C1D   H1D    sing N N 150 
GP3 PA    O1A    doub N N 151 
GP3 PA    O2A    sing N N 152 
GP3 PA    O3A    sing N N 153 
GP3 O2A   HOA2   sing N N 154 
GP3 O3A   PB     sing N N 155 
GP3 PB    O1B    doub N N 156 
GP3 PB    O2B    sing N N 157 
GP3 PB    O3B    sing N N 158 
GP3 O2B   HOB2   sing N N 159 
GP3 O3B   PG     sing N N 160 
GP3 PG    O1G    doub N N 161 
GP3 PG    O2G    sing N N 162 
GP3 PG    O5E    sing N N 163 
GP3 O2G   HOG2   sing N N 164 
GP3 O5E   C5E    sing N N 165 
GP3 C5E   C4E    sing N N 166 
GP3 C5E   H51B   sing N N 167 
GP3 C5E   H52B   sing N N 168 
GP3 C4E   O4E    sing N N 169 
GP3 C4E   C3E    sing N N 170 
GP3 C4E   H4E    sing N N 171 
GP3 O4E   C1E    sing N N 172 
GP3 C3E   O3E    sing N N 173 
GP3 C3E   C2E    sing N N 174 
GP3 C3E   H3E    sing N N 175 
GP3 O3E   HO3B   sing N N 176 
GP3 C2E   O2E    sing N N 177 
GP3 C2E   C1E    sing N N 178 
GP3 C2E   H2E    sing N N 179 
GP3 O2E   HO2B   sing N N 180 
GP3 C1E   N9B    sing N N 181 
GP3 C1E   H1E    sing N N 182 
GP3 N9B   C8B    sing Y N 183 
GP3 N9B   C4B    sing Y N 184 
GP3 C8B   N7B    doub Y N 185 
GP3 C8B   H8B    sing N N 186 
GP3 N7B   C5B    sing Y N 187 
GP3 C5B   C6B    sing N N 188 
GP3 C5B   C4B    doub Y N 189 
GP3 C6B   O6B    doub N N 190 
GP3 C6B   N1B    sing N N 191 
GP3 N1B   C2B    sing N N 192 
GP3 N1B   H1B    sing N N 193 
GP3 C2B   N2B    sing N N 194 
GP3 C2B   N3B    doub N N 195 
GP3 N2B   H21B   sing N N 196 
GP3 N2B   H22B   sing N N 197 
GP3 N3B   C4B    sing N N 198 
HOH O     H1     sing N N 199 
HOH O     H2     sing N N 200 
LCC "O5'" "C5'"  sing N N 201 
LCC "O5'" P      sing N N 202 
LCC "C5'" "C4'"  sing N N 203 
LCC "C5'" "H5'1" sing N N 204 
LCC "C5'" "H5'2" sing N N 205 
LCC "C4'" "O4'"  sing N N 206 
LCC "C4'" "C3'"  sing N N 207 
LCC "C4'" "C6'"  sing N N 208 
LCC "O4'" "C1'"  sing N N 209 
LCC "C1'" N1     sing N N 210 
LCC "C1'" "C2'"  sing N N 211 
LCC "C1'" "H1'"  sing N N 212 
LCC N1    C6     sing N N 213 
LCC N1    C2     sing N N 214 
LCC C6    C5     doub N N 215 
LCC C6    H6     sing N N 216 
LCC C5    C5M    sing N N 217 
LCC C5    C4     sing N N 218 
LCC C5M   H5M1   sing N N 219 
LCC C5M   H5M2   sing N N 220 
LCC C5M   H5M3   sing N N 221 
LCC C4    N4     sing N N 222 
LCC C4    N3     doub N N 223 
LCC N4    H41    sing N N 224 
LCC N4    H42    sing N N 225 
LCC N3    C2     sing N N 226 
LCC C2    O2     doub N N 227 
LCC "C3'" "C2'"  sing N N 228 
LCC "C3'" "O3'"  sing N N 229 
LCC "C3'" "H3'"  sing N N 230 
LCC "C2'" "O2'"  sing N N 231 
LCC "C2'" "H2'1" sing N N 232 
LCC "O2'" "C6'"  sing N N 233 
LCC "O3'" H3T    sing N N 234 
LCC "C6'" "H6'1" sing N N 235 
LCC "C6'" "H6'2" sing N N 236 
LCC P     O1P    sing N N 237 
LCC P     O2P    doub N N 238 
LCC P     OXT    sing N N 239 
LCC O1P   H1P    sing N N 240 
LCC OXT   HXT    sing N N 241 
LCG P     OP1    doub N N 242 
LCG P     "O5'"  sing N N 243 
LCG P     OP2    sing N N 244 
LCG P     OP3    sing N N 245 
LCG "O5'" "C5'"  sing N N 246 
LCG "C5'" "C4'"  sing N N 247 
LCG "C5'" "H5'"  sing N N 248 
LCG "C5'" "H5''" sing N N 249 
LCG "C3'" "C2'"  sing N N 250 
LCG "C3'" "C4'"  sing N N 251 
LCG "C3'" "O3'"  sing N N 252 
LCG "C3'" "H3'"  sing N N 253 
LCG "C6'" "C4'"  sing N N 254 
LCG "C6'" "O2'"  sing N N 255 
LCG "C6'" "H6'1" sing N N 256 
LCG "C6'" "H6'2" sing N N 257 
LCG N9    C8     sing Y N 258 
LCG N9    C4     sing Y N 259 
LCG N9    "C1'"  sing N N 260 
LCG C8    N7     doub Y N 261 
LCG C8    H8     sing N N 262 
LCG C4    C5     doub Y N 263 
LCG C4    N3     sing N N 264 
LCG N7    C5     sing Y N 265 
LCG C5    C6     sing N N 266 
LCG C6    O6     doub N N 267 
LCG C6    N1     sing N N 268 
LCG "C2'" "C1'"  sing N N 269 
LCG "C2'" "O2'"  sing N N 270 
LCG "C2'" "H2'"  sing N N 271 
LCG "C4'" "O4'"  sing N N 272 
LCG "C1'" "O4'"  sing N N 273 
LCG "C1'" "H1'"  sing N N 274 
LCG C2    N1     sing N N 275 
LCG C2    N2     sing N N 276 
LCG C2    N3     doub N N 277 
LCG N1    H1     sing N N 278 
LCG OP2   HOP2   sing N N 279 
LCG N2    H21    sing N N 280 
LCG N2    H22    sing N N 281 
LCG "O3'" "HO3'" sing N N 282 
LCG OP3   HOP3   sing N N 283 
LKC N1    C2     sing N N 284 
LKC N1    C6     sing N N 285 
LKC N1    "C1'"  sing N N 286 
LKC C2    N3     sing N N 287 
LKC C2    O2     doub N N 288 
LKC N3    C4     doub N N 289 
LKC C4    C5     sing N N 290 
LKC C4    N4     sing N N 291 
LKC C5    C6     doub N N 292 
LKC C5    C5A    sing N N 293 
LKC C6    H6     sing N N 294 
LKC N4    H41    sing N N 295 
LKC N4    H42    sing N N 296 
LKC "C1'" "C2'"  sing N N 297 
LKC "C1'" "O4'"  sing N N 298 
LKC "C1'" "H1'"  sing N N 299 
LKC "C2'" "C3'"  sing N N 300 
LKC "C2'" "O2'"  sing N N 301 
LKC "C2'" "H2'1" sing N N 302 
LKC "C3'" "C4'"  sing N N 303 
LKC "C3'" "O3'"  sing N N 304 
LKC "C3'" "H3'"  sing N N 305 
LKC "C4'" "O4'"  sing N N 306 
LKC "C4'" "C5'"  sing N N 307 
LKC "C4'" "C6'"  sing N N 308 
LKC "O3'" H3T    sing N N 309 
LKC "C5'" "O5'"  sing N N 310 
LKC "C5'" "H5'1" sing N N 311 
LKC "C5'" "H5'2" sing N N 312 
LKC "O5'" H5T    sing N N 313 
LKC C5A   H5M1   sing N N 314 
LKC C5A   H5M2   sing N N 315 
LKC C5A   H5M3   sing N N 316 
LKC "O2'" "C6'"  sing N N 317 
LKC "C6'" "H6'1" sing N N 318 
LKC "C6'" "H6'2" sing N N 319 
U   OP3   P      sing N N 320 
U   OP3   HOP3   sing N N 321 
U   P     OP1    doub N N 322 
U   P     OP2    sing N N 323 
U   P     "O5'"  sing N N 324 
U   OP2   HOP2   sing N N 325 
U   "O5'" "C5'"  sing N N 326 
U   "C5'" "C4'"  sing N N 327 
U   "C5'" "H5'"  sing N N 328 
U   "C5'" "H5''" sing N N 329 
U   "C4'" "O4'"  sing N N 330 
U   "C4'" "C3'"  sing N N 331 
U   "C4'" "H4'"  sing N N 332 
U   "O4'" "C1'"  sing N N 333 
U   "C3'" "O3'"  sing N N 334 
U   "C3'" "C2'"  sing N N 335 
U   "C3'" "H3'"  sing N N 336 
U   "O3'" "HO3'" sing N N 337 
U   "C2'" "O2'"  sing N N 338 
U   "C2'" "C1'"  sing N N 339 
U   "C2'" "H2'"  sing N N 340 
U   "O2'" "HO2'" sing N N 341 
U   "C1'" N1     sing N N 342 
U   "C1'" "H1'"  sing N N 343 
U   N1    C2     sing N N 344 
U   N1    C6     sing N N 345 
U   C2    O2     doub N N 346 
U   C2    N3     sing N N 347 
U   N3    C4     sing N N 348 
U   N3    H3     sing N N 349 
U   C4    O4     doub N N 350 
U   C4    C5     sing N N 351 
U   C5    C6     doub N N 352 
U   C5    H5     sing N N 353 
U   C6    H6     sing N N 354 
# 
_ndb_struct_conf_na.entry_id   7KUM 
_ndb_struct_conf_na.feature    'a-form double helix' 
# 
loop_
_ndb_struct_na_base_pair.model_number 
_ndb_struct_na_base_pair.i_label_asym_id 
_ndb_struct_na_base_pair.i_label_comp_id 
_ndb_struct_na_base_pair.i_label_seq_id 
_ndb_struct_na_base_pair.i_symmetry 
_ndb_struct_na_base_pair.j_label_asym_id 
_ndb_struct_na_base_pair.j_label_comp_id 
_ndb_struct_na_base_pair.j_label_seq_id 
_ndb_struct_na_base_pair.j_symmetry 
_ndb_struct_na_base_pair.shear 
_ndb_struct_na_base_pair.stretch 
_ndb_struct_na_base_pair.stagger 
_ndb_struct_na_base_pair.buckle 
_ndb_struct_na_base_pair.propeller 
_ndb_struct_na_base_pair.opening 
_ndb_struct_na_base_pair.pair_number 
_ndb_struct_na_base_pair.pair_name 
_ndb_struct_na_base_pair.i_auth_asym_id 
_ndb_struct_na_base_pair.i_auth_seq_id 
_ndb_struct_na_base_pair.i_PDB_ins_code 
_ndb_struct_na_base_pair.j_auth_asym_id 
_ndb_struct_na_base_pair.j_auth_seq_id 
_ndb_struct_na_base_pair.j_PDB_ins_code 
_ndb_struct_na_base_pair.hbond_type_28 
_ndb_struct_na_base_pair.hbond_type_12 
1 A LCG 4  1_555 B C   13 1_555 -0.328 -0.281 0.099  3.100  -11.547 -3.154 1  A_LCG4:C17_B A 4  ? B 17 ? 19 1 
1 A A   5  1_555 B U   12 1_555 0.037  -0.159 -0.016 4.941  -11.577 -3.734 2  A_A9:U16_B   A 9  ? B 16 ? 20 1 
1 A C   6  1_555 B G   11 1_555 0.136  -0.158 -0.001 6.933  -18.122 -0.283 3  A_C10:G15_B  A 10 ? B 15 ? 19 1 
1 A U   7  1_555 B A   10 1_555 -0.051 -0.143 0.100  -3.142 -12.943 1.753  4  A_U11:A14_B  A 11 ? B 14 ? 20 1 
1 A U   8  1_555 B A   9  1_555 0.090  -0.247 0.082  0.230  -16.399 5.193  5  A_U12:A13_B  A 12 ? B 13 ? 20 1 
1 A A   9  1_555 B U   8  1_555 -0.052 -0.183 0.073  -0.567 -15.073 4.858  6  A_A13:U12_B  A 13 ? B 12 ? 20 1 
1 A A   10 1_555 B U   7  1_555 -0.010 -0.152 0.051  2.356  -13.727 0.719  7  A_A14:U11_B  A 14 ? B 11 ? 20 1 
1 A G   11 1_555 B C   6  1_555 -0.105 -0.144 -0.021 -6.779 -17.469 -0.054 8  A_G15:C10_B  A 15 ? B 10 ? 19 1 
1 A U   12 1_555 B A   5  1_555 -0.071 -0.159 -0.006 -5.070 -11.613 -2.777 9  A_U16:A9_B   A 16 ? B 9  ? 20 1 
1 A C   13 1_555 B LCG 4  1_555 0.302  -0.219 0.165  -3.365 -12.046 -2.013 10 A_C17:LCG4_B A 17 ? B 4  ? 19 1 
# 
loop_
_ndb_struct_na_base_pair_step.model_number 
_ndb_struct_na_base_pair_step.i_label_asym_id_1 
_ndb_struct_na_base_pair_step.i_label_comp_id_1 
_ndb_struct_na_base_pair_step.i_label_seq_id_1 
_ndb_struct_na_base_pair_step.i_symmetry_1 
_ndb_struct_na_base_pair_step.j_label_asym_id_1 
_ndb_struct_na_base_pair_step.j_label_comp_id_1 
_ndb_struct_na_base_pair_step.j_label_seq_id_1 
_ndb_struct_na_base_pair_step.j_symmetry_1 
_ndb_struct_na_base_pair_step.i_label_asym_id_2 
_ndb_struct_na_base_pair_step.i_label_comp_id_2 
_ndb_struct_na_base_pair_step.i_label_seq_id_2 
_ndb_struct_na_base_pair_step.i_symmetry_2 
_ndb_struct_na_base_pair_step.j_label_asym_id_2 
_ndb_struct_na_base_pair_step.j_label_comp_id_2 
_ndb_struct_na_base_pair_step.j_label_seq_id_2 
_ndb_struct_na_base_pair_step.j_symmetry_2 
_ndb_struct_na_base_pair_step.shift 
_ndb_struct_na_base_pair_step.slide 
_ndb_struct_na_base_pair_step.rise 
_ndb_struct_na_base_pair_step.tilt 
_ndb_struct_na_base_pair_step.roll 
_ndb_struct_na_base_pair_step.twist 
_ndb_struct_na_base_pair_step.x_displacement 
_ndb_struct_na_base_pair_step.y_displacement 
_ndb_struct_na_base_pair_step.helical_rise 
_ndb_struct_na_base_pair_step.inclination 
_ndb_struct_na_base_pair_step.tip 
_ndb_struct_na_base_pair_step.helical_twist 
_ndb_struct_na_base_pair_step.step_number 
_ndb_struct_na_base_pair_step.step_name 
_ndb_struct_na_base_pair_step.i_auth_asym_id_1 
_ndb_struct_na_base_pair_step.i_auth_seq_id_1 
_ndb_struct_na_base_pair_step.i_PDB_ins_code_1 
_ndb_struct_na_base_pair_step.j_auth_asym_id_1 
_ndb_struct_na_base_pair_step.j_auth_seq_id_1 
_ndb_struct_na_base_pair_step.j_PDB_ins_code_1 
_ndb_struct_na_base_pair_step.i_auth_asym_id_2 
_ndb_struct_na_base_pair_step.i_auth_seq_id_2 
_ndb_struct_na_base_pair_step.i_PDB_ins_code_2 
_ndb_struct_na_base_pair_step.j_auth_asym_id_2 
_ndb_struct_na_base_pair_step.j_auth_seq_id_2 
_ndb_struct_na_base_pair_step.j_PDB_ins_code_2 
1 A LCG 4  1_555 B C 13 1_555 A A 5  1_555 B U   12 1_555 -0.282 -1.461 3.232 -0.874 6.452  32.764 -3.556 0.353  2.906 11.298 
1.530  33.387 1 AA_LCG4A9:U16C17_BB A 4  ? B 17 ? A 9  ? B 16 ? 
1 A A   5  1_555 B U 12 1_555 A C 6  1_555 B G   11 1_555 0.532  -1.665 3.199 1.041  3.022  33.526 -3.346 -0.756 3.057 5.224  
-1.800 33.673 2 AA_A9C10:G15U16_BB  A 9  ? B 16 ? A 10 ? B 15 ? 
1 A C   6  1_555 B G 11 1_555 A U 7  1_555 B A   10 1_555 -0.585 -1.867 3.447 -3.166 12.274 29.842 -5.421 0.514  2.548 22.594 
5.828  32.366 3 AA_C10U11:A14G15_BB A 10 ? B 15 ? A 11 ? B 14 ? 
1 A U   7  1_555 B A 10 1_555 A U 8  1_555 B A   9  1_555 -0.046 -1.071 3.175 -1.194 6.720  31.635 -3.037 -0.116 2.892 12.151 
2.160  32.344 4 AA_U11U12:A13A14_BB A 11 ? B 14 ? A 12 ? B 13 ? 
1 A U   8  1_555 B A 9  1_555 A A 9  1_555 B U   8  1_555 0.033  -1.386 3.154 0.125  13.167 31.236 -4.260 -0.039 2.392 23.205 
-0.220 33.834 5 AA_U12A13:U12A13_BB A 12 ? B 13 ? A 13 ? B 12 ? 
1 A A   9  1_555 B U 8  1_555 A A 10 1_555 B U   7  1_555 0.012  -1.056 3.192 1.447  7.632  31.374 -3.170 0.219  2.861 13.850 
-2.626 32.298 6 AA_A13A14:U11U12_BB A 13 ? B 12 ? A 14 ? B 11 ? 
1 A A   10 1_555 B U 7  1_555 A G 11 1_555 B C   6  1_555 0.641  -1.848 3.436 2.760  11.997 29.905 -5.358 -0.684 2.571 22.106 
-5.085 32.286 7 AA_A14G15:C10U11_BB A 14 ? B 11 ? A 15 ? B 10 ? 
1 A G   11 1_555 B C 6  1_555 A U 12 1_555 B A   5  1_555 -0.501 -1.661 3.192 -1.259 3.441  33.297 -3.422 0.671  3.026 5.983  
2.188  33.492 8 AA_G15U16:A9C10_BB  A 15 ? B 10 ? A 16 ? B 9  ? 
1 A U   12 1_555 B A 5  1_555 A C 13 1_555 B LCG 4  1_555 0.285  -1.425 3.245 0.550  5.731  32.947 -3.384 -0.408 2.966 10.010 
-0.961 33.432 9 AA_U16C17:LCG4A9_BB A 16 ? B 9  ? A 17 ? B 4  ? 
# 
loop_
_pdbx_audit_support.funding_organization 
_pdbx_audit_support.country 
_pdbx_audit_support.grant_number 
_pdbx_audit_support.ordinal 
'National Science Foundation (NSF, United States)' 'United States' 1607034 1 
'Howard Hughes Medical Institute (HHMI)'           'United States' ?       2 
# 
loop_
_pdbx_entity_instance_feature.ordinal 
_pdbx_entity_instance_feature.comp_id 
_pdbx_entity_instance_feature.asym_id 
_pdbx_entity_instance_feature.seq_num 
_pdbx_entity_instance_feature.auth_comp_id 
_pdbx_entity_instance_feature.auth_asym_id 
_pdbx_entity_instance_feature.auth_seq_num 
_pdbx_entity_instance_feature.feature_type 
_pdbx_entity_instance_feature.details 
1 GP3 ? ? GP3 ? ? 'SUBJECT OF INVESTIGATION' ? 
2 LCG ? ? LCG ? ? 'SUBJECT OF INVESTIGATION' ? 
# 
loop_
_pdbx_entity_nonpoly.entity_id 
_pdbx_entity_nonpoly.name 
_pdbx_entity_nonpoly.comp_id 
2 "DIGUANOSINE-5'-TRIPHOSPHATE" GP3 
3 'MAGNESIUM ION'               MG  
4 water                         HOH 
# 
_pdbx_initial_refinement_model.id               1 
_pdbx_initial_refinement_model.entity_id_list   ? 
_pdbx_initial_refinement_model.type             'experimental model' 
_pdbx_initial_refinement_model.source_name      PDB 
_pdbx_initial_refinement_model.accession_code   5UEE 
_pdbx_initial_refinement_model.details          ? 
# 
_pdbx_struct_assembly_auth_evidence.id                     1 
_pdbx_struct_assembly_auth_evidence.assembly_id            1 
_pdbx_struct_assembly_auth_evidence.experimental_support   none 
_pdbx_struct_assembly_auth_evidence.details                ? 
# 
